data_1EO1
#
_entry.id   1EO1
#
_cell.length_a   1.000
_cell.length_b   1.000
_cell.length_c   1.000
_cell.angle_alpha   90.00
_cell.angle_beta   90.00
_cell.angle_gamma   90.00
#
_symmetry.space_group_name_H-M   'P 1'
#
_entity_poly.entity_id   1
_entity_poly.type   'polypeptide(L)'
_entity_poly.pdbx_seq_one_letter_code
;MKIAIASSGTDLGSEVSRFFGRAPYFMIVEMKKGNIESSEVIENPSASASGGAGIRTAQIIANNGVKAVIASSPGPNAFE
VLNELGIKIYRATGTSVEENLKLFTEGNLEEIRSPGSGRGRRRR
;
_entity_poly.pdbx_strand_id   A
#
# COMPACT_ATOMS: atom_id res chain seq x y z
N MET A 1 10.25 4.94 -7.26
CA MET A 1 9.69 3.75 -6.55
C MET A 1 9.47 4.09 -5.08
N LYS A 2 8.25 4.38 -4.70
CA LYS A 2 7.97 4.72 -3.27
C LYS A 2 7.15 3.59 -2.64
N ILE A 3 7.59 3.09 -1.51
CA ILE A 3 6.83 2.00 -0.84
C ILE A 3 5.90 2.59 0.22
N ALA A 4 4.64 2.24 0.19
CA ALA A 4 3.70 2.79 1.19
C ALA A 4 3.15 1.64 2.06
N ILE A 5 3.32 1.71 3.34
CA ILE A 5 2.80 0.62 4.22
C ILE A 5 1.45 1.03 4.80
N ALA A 6 0.41 0.32 4.45
CA ALA A 6 -0.94 0.67 4.98
C ALA A 6 -0.93 0.62 6.51
N SER A 7 -1.69 1.47 7.15
CA SER A 7 -1.72 1.48 8.63
C SER A 7 -0.30 1.57 9.18
N SER A 8 0.30 0.47 9.55
CA SER A 8 1.68 0.51 10.10
C SER A 8 1.71 1.42 11.34
N GLY A 9 0.57 1.72 11.89
CA GLY A 9 0.54 2.58 13.10
C GLY A 9 1.32 3.87 12.83
N THR A 10 1.89 4.45 13.85
CA THR A 10 2.66 5.72 13.66
C THR A 10 4.04 5.59 14.31
N ASP A 11 4.28 4.55 15.05
CA ASP A 11 5.61 4.39 15.70
C ASP A 11 6.16 2.99 15.44
N LEU A 12 5.85 2.06 16.30
CA LEU A 12 6.37 0.67 16.10
C LEU A 12 5.49 -0.32 16.87
N GLY A 13 4.25 0.02 17.10
CA GLY A 13 3.35 -0.90 17.84
C GLY A 13 2.33 -1.51 16.88
N SER A 14 1.80 -0.71 16.00
CA SER A 14 0.78 -1.23 15.03
C SER A 14 1.49 -2.02 13.93
N GLU A 15 1.76 -3.26 14.17
CA GLU A 15 2.45 -4.09 13.14
C GLU A 15 1.48 -4.41 12.01
N VAL A 16 1.32 -3.51 11.08
CA VAL A 16 0.38 -3.75 9.94
C VAL A 16 -1.05 -3.70 10.44
N SER A 17 -1.26 -3.37 11.69
CA SER A 17 -2.65 -3.30 12.23
C SER A 17 -3.38 -4.61 11.92
N ARG A 18 -4.14 -4.64 10.85
CA ARG A 18 -4.88 -5.89 10.51
C ARG A 18 -5.24 -5.88 9.03
N PHE A 19 -6.26 -5.15 8.65
CA PHE A 19 -6.65 -5.11 7.21
C PHE A 19 -6.49 -3.69 6.67
N PHE A 20 -6.68 -3.50 5.39
CA PHE A 20 -6.53 -2.14 4.81
C PHE A 20 -7.89 -1.68 4.24
N GLY A 21 -8.55 -0.80 4.93
CA GLY A 21 -9.87 -0.31 4.42
C GLY A 21 -10.01 1.18 4.74
N ARG A 22 -9.93 1.54 5.99
CA ARG A 22 -10.05 2.98 6.36
C ARG A 22 -8.86 3.37 7.24
N ALA A 23 -7.83 2.59 7.23
CA ALA A 23 -6.63 2.91 8.07
C ALA A 23 -6.23 4.38 7.86
N PRO A 24 -6.51 5.19 8.85
CA PRO A 24 -6.19 6.63 8.82
C PRO A 24 -4.70 6.86 9.18
N TYR A 25 -3.82 6.04 8.66
CA TYR A 25 -2.38 6.21 8.97
C TYR A 25 -1.54 5.50 7.89
N PHE A 26 -1.53 6.02 6.70
CA PHE A 26 -0.72 5.38 5.62
C PHE A 26 0.72 5.87 5.71
N MET A 27 1.64 5.00 6.04
CA MET A 27 3.06 5.44 6.15
C MET A 27 3.69 5.51 4.76
N ILE A 28 4.42 6.55 4.47
CA ILE A 28 5.07 6.67 3.14
C ILE A 28 6.57 6.45 3.28
N VAL A 29 7.16 5.73 2.37
CA VAL A 29 8.63 5.48 2.45
C VAL A 29 9.27 5.76 1.09
N GLU A 30 9.93 6.87 0.95
CA GLU A 30 10.58 7.21 -0.35
C GLU A 30 11.97 6.55 -0.42
N MET A 31 12.04 5.34 -0.89
CA MET A 31 13.36 4.65 -0.99
C MET A 31 14.06 5.09 -2.27
N LYS A 32 15.36 5.27 -2.22
CA LYS A 32 16.10 5.69 -3.44
C LYS A 32 17.11 4.60 -3.82
N LYS A 33 18.16 4.47 -3.06
CA LYS A 33 19.19 3.43 -3.39
C LYS A 33 19.14 2.32 -2.33
N GLY A 34 18.00 1.69 -2.17
CA GLY A 34 17.90 0.60 -1.16
C GLY A 34 18.08 1.19 0.25
N ASN A 35 18.02 2.50 0.36
CA ASN A 35 18.19 3.13 1.70
C ASN A 35 17.08 4.17 1.91
N ILE A 36 16.13 3.86 2.74
CA ILE A 36 15.02 4.83 2.99
C ILE A 36 15.59 6.24 3.16
N GLU A 37 15.28 7.12 2.25
CA GLU A 37 15.81 8.50 2.36
C GLU A 37 14.76 9.41 3.01
N SER A 38 13.57 8.91 3.18
CA SER A 38 12.50 9.73 3.82
C SER A 38 11.40 8.82 4.37
N SER A 39 11.17 8.87 5.65
CA SER A 39 10.12 8.01 6.25
C SER A 39 9.08 8.89 6.94
N GLU A 40 7.96 9.10 6.32
CA GLU A 40 6.91 9.97 6.93
C GLU A 40 5.62 9.17 7.11
N VAL A 41 4.58 9.81 7.57
CA VAL A 41 3.29 9.11 7.78
C VAL A 41 2.14 10.10 7.63
N ILE A 42 1.16 9.78 6.84
CA ILE A 42 0.00 10.71 6.67
C ILE A 42 -1.27 10.08 7.25
N GLU A 43 -1.99 10.82 8.04
CA GLU A 43 -3.24 10.28 8.64
C GLU A 43 -4.44 10.74 7.81
N ASN A 44 -5.48 9.95 7.79
CA ASN A 44 -6.69 10.35 6.99
C ASN A 44 -7.34 11.58 7.63
N PRO A 45 -8.01 12.35 6.82
CA PRO A 45 -8.70 13.58 7.28
C PRO A 45 -10.01 13.22 7.97
N SER A 46 -11.04 12.93 7.22
CA SER A 46 -12.35 12.58 7.82
C SER A 46 -12.79 11.20 7.33
N ALA A 47 -12.18 10.16 7.82
CA ALA A 47 -12.56 8.79 7.37
C ALA A 47 -13.88 8.39 8.02
N SER A 48 -14.30 9.10 9.03
CA SER A 48 -15.59 8.77 9.71
C SER A 48 -16.56 9.93 9.57
N ALA A 49 -16.99 10.22 8.37
CA ALA A 49 -17.94 11.35 8.17
C ALA A 49 -18.28 11.48 6.68
N SER A 50 -17.29 11.56 5.84
CA SER A 50 -17.56 11.68 4.38
C SER A 50 -18.45 10.53 3.93
N GLY A 51 -18.94 10.58 2.72
CA GLY A 51 -19.82 9.49 2.22
C GLY A 51 -19.00 8.54 1.34
N GLY A 52 -19.16 7.26 1.53
CA GLY A 52 -18.39 6.29 0.69
C GLY A 52 -16.91 6.67 0.69
N ALA A 53 -16.18 6.26 1.68
CA ALA A 53 -14.73 6.60 1.73
C ALA A 53 -13.92 5.36 2.14
N GLY A 54 -12.81 5.55 2.79
CA GLY A 54 -11.99 4.39 3.21
C GLY A 54 -11.10 3.94 2.03
N ILE A 55 -11.65 3.18 1.13
CA ILE A 55 -10.84 2.71 -0.03
C ILE A 55 -10.64 3.87 -1.01
N ARG A 56 -11.28 4.97 -0.79
CA ARG A 56 -11.13 6.13 -1.71
C ARG A 56 -9.75 6.76 -1.48
N THR A 57 -9.18 6.56 -0.33
CA THR A 57 -7.84 7.15 -0.06
C THR A 57 -6.84 6.66 -1.11
N ALA A 58 -7.12 5.55 -1.73
CA ALA A 58 -6.19 5.01 -2.77
C ALA A 58 -5.91 6.10 -3.81
N GLN A 59 -6.94 6.71 -4.33
CA GLN A 59 -6.72 7.77 -5.36
C GLN A 59 -5.62 8.73 -4.89
N ILE A 60 -5.61 9.07 -3.63
CA ILE A 60 -4.57 10.00 -3.11
C ILE A 60 -3.22 9.28 -3.06
N ILE A 61 -3.21 8.04 -2.66
CA ILE A 61 -1.92 7.29 -2.59
C ILE A 61 -1.24 7.31 -3.96
N ALA A 62 -2.00 7.32 -5.02
CA ALA A 62 -1.39 7.35 -6.38
C ALA A 62 -0.90 8.77 -6.68
N ASN A 63 -1.55 9.76 -6.16
CA ASN A 63 -1.12 11.16 -6.41
C ASN A 63 0.18 11.45 -5.65
N ASN A 64 0.52 10.62 -4.71
CA ASN A 64 1.77 10.85 -3.93
C ASN A 64 2.95 10.16 -4.63
N GLY A 65 2.70 9.49 -5.72
CA GLY A 65 3.82 8.79 -6.43
C GLY A 65 4.01 7.40 -5.85
N VAL A 66 3.31 7.08 -4.79
CA VAL A 66 3.45 5.72 -4.18
C VAL A 66 3.36 4.66 -5.27
N LYS A 67 4.48 4.26 -5.81
CA LYS A 67 4.46 3.21 -6.85
C LYS A 67 4.33 1.84 -6.19
N ALA A 68 4.29 1.81 -4.88
CA ALA A 68 4.15 0.51 -4.16
C ALA A 68 3.11 0.65 -3.05
N VAL A 69 2.16 -0.24 -3.00
CA VAL A 69 1.12 -0.16 -1.94
C VAL A 69 0.96 -1.51 -1.26
N ILE A 70 1.62 -1.70 -0.13
CA ILE A 70 1.50 -2.99 0.58
C ILE A 70 0.35 -2.93 1.58
N ALA A 71 -0.72 -3.63 1.33
CA ALA A 71 -1.87 -3.60 2.26
C ALA A 71 -2.53 -4.98 2.33
N SER A 72 -3.52 -5.12 3.16
CA SER A 72 -4.21 -6.44 3.28
C SER A 72 -5.73 -6.22 3.25
N SER A 73 -6.20 -5.36 2.40
CA SER A 73 -7.66 -5.11 2.32
C SER A 73 -8.40 -6.44 2.12
N PRO A 74 -9.55 -6.55 2.76
CA PRO A 74 -10.38 -7.76 2.67
C PRO A 74 -11.16 -7.80 1.35
N GLY A 75 -10.58 -8.34 0.32
CA GLY A 75 -11.30 -8.40 -0.98
C GLY A 75 -10.48 -7.70 -2.07
N PRO A 76 -10.81 -7.99 -3.29
CA PRO A 76 -10.13 -7.41 -4.47
C PRO A 76 -10.61 -5.98 -4.72
N ASN A 77 -11.41 -5.44 -3.84
CA ASN A 77 -11.93 -4.06 -4.04
C ASN A 77 -10.76 -3.10 -4.24
N ALA A 78 -9.95 -2.92 -3.23
CA ALA A 78 -8.79 -1.99 -3.36
C ALA A 78 -7.87 -2.46 -4.50
N PHE A 79 -7.47 -3.71 -4.47
CA PHE A 79 -6.58 -4.22 -5.53
C PHE A 79 -7.24 -4.05 -6.90
N GLU A 80 -8.53 -3.80 -6.93
CA GLU A 80 -9.22 -3.61 -8.23
C GLU A 80 -8.83 -2.26 -8.82
N VAL A 81 -8.93 -1.22 -8.04
CA VAL A 81 -8.56 0.13 -8.56
C VAL A 81 -7.04 0.20 -8.72
N LEU A 82 -6.31 -0.10 -7.68
CA LEU A 82 -4.82 -0.05 -7.77
C LEU A 82 -4.39 -0.73 -9.07
N ASN A 83 -5.13 -1.70 -9.53
CA ASN A 83 -4.76 -2.39 -10.80
C ASN A 83 -5.12 -1.51 -11.99
N GLU A 84 -6.31 -0.97 -12.00
CA GLU A 84 -6.73 -0.10 -13.15
C GLU A 84 -5.92 1.19 -13.12
N LEU A 85 -5.16 1.41 -12.07
CA LEU A 85 -4.35 2.65 -11.99
C LEU A 85 -3.00 2.44 -12.68
N GLY A 86 -2.34 1.35 -12.38
CA GLY A 86 -1.02 1.09 -13.03
C GLY A 86 0.08 1.08 -11.97
N ILE A 87 -0.30 1.08 -10.72
CA ILE A 87 0.73 1.07 -9.63
C ILE A 87 1.04 -0.37 -9.23
N LYS A 88 2.04 -0.56 -8.40
CA LYS A 88 2.39 -1.95 -7.98
C LYS A 88 1.61 -2.32 -6.72
N ILE A 89 0.73 -3.29 -6.82
CA ILE A 89 -0.05 -3.69 -5.62
C ILE A 89 0.79 -4.67 -4.78
N TYR A 90 0.60 -4.68 -3.50
CA TYR A 90 1.39 -5.61 -2.64
C TYR A 90 0.49 -6.21 -1.56
N ARG A 91 0.76 -7.42 -1.16
CA ARG A 91 -0.08 -8.07 -0.11
C ARG A 91 0.69 -8.12 1.21
N ALA A 92 0.01 -7.88 2.30
CA ALA A 92 0.70 -7.91 3.62
C ALA A 92 0.23 -9.12 4.43
N THR A 93 0.88 -10.25 4.25
CA THR A 93 0.46 -11.46 5.01
C THR A 93 0.33 -11.11 6.50
N GLY A 94 1.25 -10.32 7.01
CA GLY A 94 1.18 -9.95 8.45
C GLY A 94 2.53 -10.22 9.10
N THR A 95 3.20 -9.20 9.58
CA THR A 95 4.52 -9.41 10.23
C THR A 95 4.90 -8.16 11.02
N SER A 96 5.16 -7.07 10.34
CA SER A 96 5.53 -5.82 11.05
C SER A 96 5.97 -4.77 10.04
N VAL A 97 5.90 -3.51 10.39
CA VAL A 97 6.31 -2.45 9.43
C VAL A 97 7.83 -2.41 9.33
N GLU A 98 8.52 -2.42 10.43
CA GLU A 98 10.01 -2.38 10.39
C GLU A 98 10.53 -3.47 9.46
N GLU A 99 10.07 -4.67 9.62
CA GLU A 99 10.56 -5.78 8.74
C GLU A 99 10.00 -5.59 7.32
N ASN A 100 8.80 -5.11 7.20
CA ASN A 100 8.21 -4.91 5.85
C ASN A 100 9.13 -4.02 5.00
N LEU A 101 9.71 -3.01 5.61
CA LEU A 101 10.62 -2.11 4.83
C LEU A 101 11.75 -2.93 4.21
N LYS A 102 12.56 -3.55 5.02
CA LYS A 102 13.68 -4.36 4.48
C LYS A 102 13.13 -5.52 3.65
N LEU A 103 11.87 -5.80 3.79
CA LEU A 103 11.26 -6.92 3.01
C LEU A 103 11.02 -6.48 1.57
N PHE A 104 10.69 -5.24 1.36
CA PHE A 104 10.44 -4.76 -0.03
C PHE A 104 11.77 -4.62 -0.78
N THR A 105 12.85 -4.44 -0.08
CA THR A 105 14.17 -4.30 -0.75
C THR A 105 14.62 -5.66 -1.31
N GLU A 106 14.10 -6.72 -0.75
CA GLU A 106 14.49 -8.07 -1.24
C GLU A 106 13.37 -8.66 -2.10
N GLY A 107 12.34 -7.90 -2.35
CA GLY A 107 11.22 -8.42 -3.18
C GLY A 107 10.67 -9.70 -2.55
N ASN A 108 10.57 -9.74 -1.25
CA ASN A 108 10.05 -10.97 -0.59
C ASN A 108 8.52 -10.99 -0.68
N LEU A 109 7.89 -9.93 -0.27
CA LEU A 109 6.40 -9.89 -0.33
C LEU A 109 5.94 -10.17 -1.76
N GLU A 110 4.65 -10.24 -1.98
CA GLU A 110 4.13 -10.51 -3.35
C GLU A 110 3.48 -9.25 -3.91
N GLU A 111 3.54 -9.06 -5.19
CA GLU A 111 2.91 -7.84 -5.79
C GLU A 111 2.12 -8.23 -7.03
N ILE A 112 1.14 -7.44 -7.39
CA ILE A 112 0.32 -7.76 -8.59
C ILE A 112 0.13 -6.49 -9.42
N ARG A 113 0.12 -6.61 -10.72
CA ARG A 113 -0.04 -5.39 -11.57
C ARG A 113 -0.96 -5.71 -12.76
N SER A 114 -1.08 -4.80 -13.68
CA SER A 114 -1.95 -5.03 -14.86
C SER A 114 -1.50 -4.12 -16.01
N PRO A 115 -0.67 -4.66 -16.88
CA PRO A 115 -0.13 -3.92 -18.03
C PRO A 115 -1.18 -3.83 -19.14
N GLY A 116 -1.11 -2.80 -19.95
CA GLY A 116 -2.10 -2.66 -21.05
C GLY A 116 -1.36 -2.43 -22.38
N SER A 117 -0.10 -2.77 -22.42
CA SER A 117 0.68 -2.57 -23.68
C SER A 117 1.46 -3.85 -23.99
N GLY A 118 0.77 -4.94 -24.19
CA GLY A 118 1.47 -6.21 -24.51
C GLY A 118 1.02 -6.73 -25.87
N ARG A 119 1.69 -7.73 -26.39
CA ARG A 119 1.30 -8.27 -27.72
C ARG A 119 1.13 -7.14 -28.73
N GLY A 120 2.19 -6.75 -29.39
CA GLY A 120 2.09 -5.65 -30.39
C GLY A 120 1.43 -6.18 -31.66
N ARG A 121 0.19 -5.84 -31.88
CA ARG A 121 -0.51 -6.32 -33.11
C ARG A 121 -1.00 -5.13 -33.93
N ARG A 122 -0.12 -4.49 -34.65
CA ARG A 122 -0.55 -3.33 -35.49
C ARG A 122 -1.11 -3.83 -36.81
N ARG A 123 -2.05 -3.11 -37.39
CA ARG A 123 -2.64 -3.56 -38.68
C ARG A 123 -1.84 -2.98 -39.83
N ARG A 124 -1.07 -3.79 -40.51
CA ARG A 124 -0.27 -3.28 -41.66
C ARG A 124 0.78 -4.32 -42.05
N MET A 1 9.41 4.71 -7.17
CA MET A 1 9.22 3.41 -6.49
C MET A 1 9.10 3.64 -4.99
N LYS A 2 8.11 4.38 -4.57
CA LYS A 2 7.93 4.64 -3.11
C LYS A 2 7.06 3.54 -2.49
N ILE A 3 7.29 3.20 -1.26
CA ILE A 3 6.48 2.15 -0.60
C ILE A 3 5.68 2.75 0.55
N ALA A 4 4.37 2.66 0.48
CA ALA A 4 3.53 3.21 1.58
C ALA A 4 2.84 2.07 2.31
N ILE A 5 3.20 1.82 3.53
CA ILE A 5 2.57 0.71 4.30
C ILE A 5 1.47 1.26 5.21
N ALA A 6 0.28 0.74 5.10
CA ALA A 6 -0.83 1.23 5.97
C ALA A 6 -0.62 0.70 7.39
N SER A 7 -0.78 1.53 8.38
CA SER A 7 -0.58 1.07 9.78
C SER A 7 -1.57 1.79 10.69
N SER A 8 -1.88 1.20 11.82
CA SER A 8 -2.83 1.84 12.77
C SER A 8 -2.06 2.37 13.97
N GLY A 9 -0.94 1.79 14.29
CA GLY A 9 -0.14 2.26 15.45
C GLY A 9 0.81 3.37 14.99
N THR A 10 2.07 3.09 14.88
CA THR A 10 3.05 4.13 14.44
C THR A 10 4.19 3.46 13.67
N ASP A 11 4.70 2.36 14.17
CA ASP A 11 5.81 1.67 13.45
C ASP A 11 5.81 0.19 13.84
N LEU A 12 5.87 -0.11 15.11
CA LEU A 12 5.86 -1.54 15.54
C LEU A 12 4.49 -1.88 16.14
N GLY A 13 3.89 -0.97 16.85
CA GLY A 13 2.56 -1.25 17.45
C GLY A 13 1.56 -1.61 16.35
N SER A 14 1.80 -1.15 15.15
CA SER A 14 0.86 -1.48 14.03
C SER A 14 1.13 -2.91 13.55
N GLU A 15 0.60 -3.88 14.26
CA GLU A 15 0.82 -5.29 13.85
C GLU A 15 -0.08 -5.63 12.66
N VAL A 16 0.32 -5.28 11.47
CA VAL A 16 -0.52 -5.58 10.27
C VAL A 16 -1.73 -4.65 10.25
N SER A 17 -1.66 -3.56 10.96
CA SER A 17 -2.82 -2.62 10.96
C SER A 17 -4.12 -3.40 11.13
N ARG A 18 -5.24 -2.80 10.84
CA ARG A 18 -6.53 -3.51 10.98
C ARG A 18 -7.31 -3.43 9.66
N PHE A 19 -7.16 -2.35 8.95
CA PHE A 19 -7.89 -2.21 7.66
C PHE A 19 -7.08 -1.34 6.69
N PHE A 20 -7.58 -1.12 5.50
CA PHE A 20 -6.85 -0.29 4.52
C PHE A 20 -7.71 0.90 4.10
N GLY A 21 -7.71 1.95 4.88
CA GLY A 21 -8.54 3.14 4.53
C GLY A 21 -9.03 3.82 5.81
N ARG A 22 -9.00 3.12 6.92
CA ARG A 22 -9.46 3.72 8.20
C ARG A 22 -8.27 3.93 9.12
N ALA A 23 -7.26 3.11 9.00
CA ALA A 23 -6.06 3.26 9.87
C ALA A 23 -5.49 4.68 9.71
N PRO A 24 -5.61 5.47 10.75
CA PRO A 24 -5.12 6.86 10.75
C PRO A 24 -3.61 6.90 11.02
N TYR A 25 -2.84 6.08 10.36
CA TYR A 25 -1.38 6.09 10.60
C TYR A 25 -0.67 5.46 9.40
N PHE A 26 -0.67 6.14 8.28
CA PHE A 26 -0.01 5.59 7.07
C PHE A 26 1.50 5.85 7.13
N MET A 27 2.28 5.03 6.49
CA MET A 27 3.76 5.23 6.51
C MET A 27 4.25 5.43 5.07
N ILE A 28 4.75 6.59 4.75
CA ILE A 28 5.24 6.84 3.37
C ILE A 28 6.77 6.85 3.35
N VAL A 29 7.35 5.97 2.58
CA VAL A 29 8.85 5.92 2.51
C VAL A 29 9.29 6.10 1.06
N GLU A 30 9.99 7.16 0.77
CA GLU A 30 10.44 7.39 -0.63
C GLU A 30 11.82 6.74 -0.84
N MET A 31 11.84 5.48 -1.19
CA MET A 31 13.14 4.79 -1.40
C MET A 31 13.63 5.09 -2.82
N LYS A 32 14.83 5.60 -2.95
CA LYS A 32 15.38 5.90 -4.31
C LYS A 32 16.07 4.67 -4.88
N LYS A 33 17.35 4.54 -4.65
CA LYS A 33 18.10 3.37 -5.19
C LYS A 33 18.25 2.31 -4.09
N GLY A 34 17.27 1.47 -3.93
CA GLY A 34 17.35 0.42 -2.88
C GLY A 34 17.92 1.02 -1.60
N ASN A 35 17.62 2.25 -1.32
CA ASN A 35 18.15 2.89 -0.08
C ASN A 35 17.09 3.84 0.49
N ILE A 36 16.43 3.44 1.54
CA ILE A 36 15.40 4.32 2.15
C ILE A 36 16.01 5.69 2.45
N GLU A 37 15.50 6.72 1.84
CA GLU A 37 16.07 8.08 2.10
C GLU A 37 14.94 9.04 2.49
N SER A 38 13.88 8.53 3.05
CA SER A 38 12.75 9.41 3.44
C SER A 38 11.59 8.57 3.98
N SER A 39 11.10 8.88 5.15
CA SER A 39 9.98 8.11 5.73
C SER A 39 9.23 8.97 6.74
N GLU A 40 8.01 9.33 6.43
CA GLU A 40 7.23 10.18 7.37
C GLU A 40 5.84 9.56 7.60
N VAL A 41 5.38 9.58 8.82
CA VAL A 41 4.04 9.00 9.12
C VAL A 41 2.98 10.10 9.02
N ILE A 42 1.76 9.73 8.74
CA ILE A 42 0.70 10.77 8.63
C ILE A 42 -0.64 10.18 9.10
N GLU A 43 -1.43 10.98 9.76
CA GLU A 43 -2.76 10.48 10.24
C GLU A 43 -3.81 10.70 9.15
N ASN A 44 -3.84 9.86 8.17
CA ASN A 44 -4.84 10.02 7.07
C ASN A 44 -6.20 10.33 7.67
N PRO A 45 -6.97 11.12 6.96
CA PRO A 45 -8.32 11.53 7.38
C PRO A 45 -9.33 10.40 7.14
N SER A 46 -10.59 10.68 7.23
CA SER A 46 -11.61 9.63 7.00
C SER A 46 -11.57 8.61 8.14
N ALA A 47 -10.80 8.88 9.16
CA ALA A 47 -10.72 7.94 10.31
C ALA A 47 -12.01 8.01 11.13
N SER A 48 -12.51 9.19 11.34
CA SER A 48 -13.76 9.35 12.13
C SER A 48 -14.64 10.43 11.49
N ALA A 49 -14.98 10.26 10.24
CA ALA A 49 -15.83 11.28 9.56
C ALA A 49 -17.26 10.75 9.45
N SER A 50 -17.89 10.49 10.57
CA SER A 50 -19.29 9.97 10.53
C SER A 50 -19.37 8.78 9.58
N GLY A 51 -18.51 7.82 9.76
CA GLY A 51 -18.53 6.61 8.87
C GLY A 51 -18.24 7.06 7.44
N GLY A 52 -17.51 6.25 6.70
CA GLY A 52 -17.19 6.62 5.30
C GLY A 52 -16.55 5.41 4.59
N ALA A 53 -16.06 5.60 3.40
CA ALA A 53 -15.43 4.46 2.67
C ALA A 53 -13.91 4.65 2.65
N GLY A 54 -13.18 3.58 2.74
CA GLY A 54 -11.69 3.69 2.71
C GLY A 54 -11.16 3.30 1.33
N ILE A 55 -12.02 2.83 0.47
CA ILE A 55 -11.56 2.43 -0.89
C ILE A 55 -11.26 3.69 -1.71
N ARG A 56 -11.79 4.81 -1.32
CA ARG A 56 -11.53 6.06 -2.09
C ARG A 56 -10.10 6.55 -1.80
N THR A 57 -9.50 6.05 -0.76
CA THR A 57 -8.10 6.50 -0.43
C THR A 57 -7.15 5.99 -1.51
N ALA A 58 -7.50 4.92 -2.18
CA ALA A 58 -6.62 4.37 -3.24
C ALA A 58 -6.22 5.48 -4.22
N GLN A 59 -7.19 6.15 -4.80
CA GLN A 59 -6.87 7.24 -5.76
C GLN A 59 -5.88 8.21 -5.12
N ILE A 60 -5.99 8.46 -3.85
CA ILE A 60 -5.07 9.41 -3.18
C ILE A 60 -3.63 8.86 -3.24
N ILE A 61 -3.39 7.74 -2.61
CA ILE A 61 -2.02 7.16 -2.62
C ILE A 61 -1.52 7.02 -4.05
N ALA A 62 -2.42 6.91 -5.00
CA ALA A 62 -1.98 6.76 -6.42
C ALA A 62 -1.25 8.02 -6.88
N ASN A 63 -1.80 9.17 -6.59
CA ASN A 63 -1.14 10.44 -7.03
C ASN A 63 0.03 10.77 -6.08
N ASN A 64 0.36 9.89 -5.19
CA ASN A 64 1.49 10.18 -4.25
C ASN A 64 2.78 9.55 -4.79
N GLY A 65 2.75 9.03 -5.97
CA GLY A 65 3.98 8.40 -6.55
C GLY A 65 4.24 7.06 -5.85
N VAL A 66 3.32 6.61 -5.05
CA VAL A 66 3.52 5.32 -4.34
C VAL A 66 3.48 4.18 -5.35
N LYS A 67 4.63 3.72 -5.78
CA LYS A 67 4.66 2.59 -6.75
C LYS A 67 4.43 1.29 -5.99
N ALA A 68 4.34 1.36 -4.69
CA ALA A 68 4.11 0.13 -3.89
C ALA A 68 3.11 0.44 -2.77
N VAL A 69 2.11 -0.39 -2.62
CA VAL A 69 1.09 -0.12 -1.56
C VAL A 69 0.90 -1.38 -0.70
N ILE A 70 1.36 -1.35 0.52
CA ILE A 70 1.20 -2.54 1.40
C ILE A 70 -0.13 -2.43 2.15
N ALA A 71 -1.17 -3.03 1.64
CA ALA A 71 -2.49 -2.96 2.33
C ALA A 71 -3.03 -4.37 2.54
N SER A 72 -4.11 -4.50 3.26
CA SER A 72 -4.69 -5.85 3.52
C SER A 72 -6.19 -5.83 3.21
N SER A 73 -6.61 -4.99 2.30
CA SER A 73 -8.06 -4.93 1.97
C SER A 73 -8.60 -6.34 1.72
N PRO A 74 -9.86 -6.52 2.00
CA PRO A 74 -10.54 -7.81 1.81
C PRO A 74 -10.88 -8.04 0.33
N GLY A 75 -11.84 -7.33 -0.19
CA GLY A 75 -12.21 -7.51 -1.61
C GLY A 75 -11.08 -6.99 -2.51
N PRO A 76 -10.90 -7.65 -3.63
CA PRO A 76 -9.86 -7.28 -4.60
C PRO A 76 -10.29 -6.08 -5.44
N ASN A 77 -11.41 -5.50 -5.12
CA ASN A 77 -11.90 -4.33 -5.89
C ASN A 77 -10.80 -3.26 -5.95
N ALA A 78 -10.34 -2.81 -4.82
CA ALA A 78 -9.27 -1.77 -4.81
C ALA A 78 -8.05 -2.29 -5.58
N PHE A 79 -7.66 -3.51 -5.34
CA PHE A 79 -6.48 -4.07 -6.06
C PHE A 79 -6.72 -3.98 -7.57
N GLU A 80 -7.95 -4.00 -7.98
CA GLU A 80 -8.24 -3.90 -9.45
C GLU A 80 -7.97 -2.48 -9.93
N VAL A 81 -8.26 -1.50 -9.13
CA VAL A 81 -8.01 -0.09 -9.55
C VAL A 81 -6.50 0.17 -9.62
N LEU A 82 -5.77 -0.25 -8.62
CA LEU A 82 -4.30 -0.02 -8.63
C LEU A 82 -3.71 -0.56 -9.93
N ASN A 83 -4.21 -1.66 -10.41
CA ASN A 83 -3.68 -2.23 -11.68
C ASN A 83 -3.87 -1.24 -12.82
N GLU A 84 -5.00 -0.59 -12.88
CA GLU A 84 -5.25 0.40 -13.97
C GLU A 84 -4.48 1.69 -13.68
N LEU A 85 -4.12 1.91 -12.45
CA LEU A 85 -3.37 3.15 -12.10
C LEU A 85 -1.87 2.90 -12.30
N GLY A 86 -1.46 1.68 -12.42
CA GLY A 86 -0.02 1.38 -12.61
C GLY A 86 0.66 1.28 -11.24
N ILE A 87 -0.11 1.21 -10.19
CA ILE A 87 0.50 1.11 -8.83
C ILE A 87 0.74 -0.36 -8.48
N LYS A 88 1.79 -0.64 -7.77
CA LYS A 88 2.08 -2.06 -7.40
C LYS A 88 1.20 -2.45 -6.21
N ILE A 89 0.33 -3.40 -6.40
CA ILE A 89 -0.56 -3.83 -5.27
C ILE A 89 0.20 -4.79 -4.36
N TYR A 90 0.59 -4.33 -3.19
CA TYR A 90 1.33 -5.22 -2.25
C TYR A 90 0.37 -5.69 -1.16
N ARG A 91 0.50 -6.91 -0.72
CA ARG A 91 -0.41 -7.42 0.35
C ARG A 91 0.37 -7.52 1.67
N ALA A 92 -0.28 -7.27 2.76
CA ALA A 92 0.40 -7.36 4.08
C ALA A 92 0.35 -8.80 4.59
N THR A 93 1.35 -9.59 4.29
CA THR A 93 1.34 -11.00 4.75
C THR A 93 2.37 -11.18 5.87
N GLY A 94 3.27 -10.25 6.01
CA GLY A 94 4.30 -10.37 7.09
C GLY A 94 3.61 -10.28 8.46
N THR A 95 4.10 -9.42 9.32
CA THR A 95 3.47 -9.29 10.66
C THR A 95 3.46 -7.81 11.10
N SER A 96 4.46 -7.07 10.70
CA SER A 96 4.51 -5.63 11.10
C SER A 96 4.85 -4.78 9.87
N VAL A 97 4.40 -3.55 9.84
CA VAL A 97 4.70 -2.67 8.67
C VAL A 97 6.18 -2.29 8.68
N GLU A 98 6.76 -2.13 9.84
CA GLU A 98 8.20 -1.75 9.90
C GLU A 98 9.05 -2.82 9.20
N GLU A 99 8.81 -4.07 9.52
CA GLU A 99 9.61 -5.15 8.88
C GLU A 99 9.21 -5.31 7.41
N ASN A 100 7.94 -5.25 7.12
CA ASN A 100 7.50 -5.40 5.70
C ASN A 100 8.24 -4.39 4.82
N LEU A 101 8.54 -3.24 5.35
CA LEU A 101 9.26 -2.21 4.54
C LEU A 101 10.58 -2.78 4.02
N LYS A 102 11.30 -3.49 4.86
CA LYS A 102 12.60 -4.07 4.41
C LYS A 102 12.36 -5.26 3.49
N LEU A 103 11.32 -6.01 3.72
CA LEU A 103 11.04 -7.19 2.85
C LEU A 103 10.80 -6.74 1.42
N PHE A 104 10.11 -5.65 1.23
CA PHE A 104 9.84 -5.17 -0.15
C PHE A 104 11.14 -4.65 -0.79
N THR A 105 12.04 -4.14 0.01
CA THR A 105 13.32 -3.61 -0.56
C THR A 105 14.15 -4.76 -1.13
N GLU A 106 14.02 -5.94 -0.57
CA GLU A 106 14.81 -7.09 -1.08
C GLU A 106 13.94 -7.94 -2.00
N GLY A 107 12.81 -7.43 -2.41
CA GLY A 107 11.92 -8.22 -3.30
C GLY A 107 11.67 -9.60 -2.69
N ASN A 108 11.16 -9.64 -1.49
CA ASN A 108 10.91 -10.95 -0.83
C ASN A 108 9.59 -11.53 -1.33
N LEU A 109 8.51 -10.80 -1.24
CA LEU A 109 7.20 -11.33 -1.71
C LEU A 109 6.10 -10.30 -1.43
N GLU A 110 4.90 -10.76 -1.25
CA GLU A 110 3.77 -9.81 -0.98
C GLU A 110 3.63 -8.86 -2.16
N GLU A 111 4.05 -9.26 -3.32
CA GLU A 111 3.94 -8.38 -4.51
C GLU A 111 2.77 -8.85 -5.39
N ILE A 112 1.97 -7.95 -5.87
CA ILE A 112 0.82 -8.34 -6.73
C ILE A 112 0.46 -7.20 -7.66
N ARG A 113 0.24 -7.48 -8.92
CA ARG A 113 -0.12 -6.40 -9.88
C ARG A 113 -1.30 -6.85 -10.74
N SER A 114 -1.26 -8.06 -11.22
CA SER A 114 -2.38 -8.57 -12.07
C SER A 114 -2.87 -9.91 -11.51
N PRO A 115 -3.69 -9.83 -10.48
CA PRO A 115 -4.25 -11.01 -9.82
C PRO A 115 -5.40 -11.59 -10.65
N GLY A 116 -6.15 -12.51 -10.09
CA GLY A 116 -7.28 -13.11 -10.87
C GLY A 116 -6.83 -13.44 -12.28
N SER A 117 -6.14 -14.54 -12.45
CA SER A 117 -5.67 -14.93 -13.81
C SER A 117 -6.41 -16.18 -14.27
N GLY A 118 -6.19 -17.28 -13.62
CA GLY A 118 -6.88 -18.54 -14.02
C GLY A 118 -5.87 -19.69 -14.07
N ARG A 119 -5.56 -20.27 -12.94
CA ARG A 119 -4.58 -21.39 -12.92
C ARG A 119 -5.03 -22.43 -11.89
N GLY A 120 -6.01 -23.23 -12.21
CA GLY A 120 -6.49 -24.26 -11.25
C GLY A 120 -7.99 -24.12 -11.06
N ARG A 121 -8.62 -25.12 -10.48
CA ARG A 121 -10.09 -25.04 -10.26
C ARG A 121 -10.40 -25.38 -8.80
N ARG A 122 -10.66 -24.38 -7.99
CA ARG A 122 -10.98 -24.65 -6.57
C ARG A 122 -11.97 -25.82 -6.47
N ARG A 123 -11.81 -26.66 -5.49
CA ARG A 123 -12.73 -27.82 -5.34
C ARG A 123 -13.84 -27.45 -4.36
N ARG A 124 -15.05 -27.87 -4.62
CA ARG A 124 -16.18 -27.54 -3.71
C ARG A 124 -16.19 -26.04 -3.42
N MET A 1 10.97 5.03 -7.15
CA MET A 1 9.90 4.13 -6.62
C MET A 1 9.58 4.51 -5.17
N LYS A 2 8.32 4.55 -4.81
CA LYS A 2 7.96 4.92 -3.42
C LYS A 2 7.18 3.77 -2.78
N ILE A 3 7.49 3.45 -1.55
CA ILE A 3 6.76 2.34 -0.87
C ILE A 3 5.95 2.90 0.30
N ALA A 4 4.65 2.94 0.17
CA ALA A 4 3.81 3.48 1.28
C ALA A 4 2.98 2.34 1.88
N ILE A 5 3.04 2.17 3.18
CA ILE A 5 2.26 1.09 3.83
C ILE A 5 1.02 1.66 4.50
N ALA A 6 -0.09 0.98 4.40
CA ALA A 6 -1.33 1.50 5.03
C ALA A 6 -1.29 1.24 6.54
N SER A 7 -2.20 1.80 7.27
CA SER A 7 -2.21 1.58 8.75
C SER A 7 -0.78 1.77 9.29
N SER A 8 -0.38 0.97 10.24
CA SER A 8 1.00 1.10 10.80
C SER A 8 1.13 2.46 11.48
N GLY A 9 0.22 2.78 12.37
CA GLY A 9 0.29 4.09 13.07
C GLY A 9 1.69 4.28 13.66
N THR A 10 2.48 5.14 13.07
CA THR A 10 3.86 5.38 13.59
C THR A 10 4.56 4.04 13.83
N ASP A 11 4.44 3.49 15.01
CA ASP A 11 5.12 2.20 15.30
C ASP A 11 4.96 1.86 16.79
N LEU A 12 5.90 1.16 17.35
CA LEU A 12 5.82 0.80 18.79
C LEU A 12 4.70 -0.23 18.99
N GLY A 13 4.21 -0.80 17.92
CA GLY A 13 3.12 -1.80 18.05
C GLY A 13 2.18 -1.70 16.85
N SER A 14 2.15 -0.57 16.19
CA SER A 14 1.27 -0.40 15.01
C SER A 14 1.90 -1.10 13.80
N GLU A 15 1.72 -2.39 13.68
CA GLU A 15 2.31 -3.12 12.52
C GLU A 15 1.53 -2.77 11.25
N VAL A 16 0.85 -3.72 10.65
CA VAL A 16 0.08 -3.42 9.41
C VAL A 16 -1.42 -3.60 9.68
N SER A 17 -1.83 -3.51 10.90
CA SER A 17 -3.28 -3.68 11.21
C SER A 17 -3.81 -4.93 10.50
N ARG A 18 -5.07 -4.92 10.15
CA ARG A 18 -5.64 -6.11 9.45
C ARG A 18 -6.68 -5.65 8.43
N PHE A 19 -6.71 -4.38 8.14
CA PHE A 19 -7.71 -3.87 7.15
C PHE A 19 -7.17 -2.59 6.50
N PHE A 20 -7.46 -2.40 5.24
CA PHE A 20 -6.98 -1.17 4.55
C PHE A 20 -8.17 -0.43 3.95
N GLY A 21 -8.77 0.46 4.69
CA GLY A 21 -9.94 1.22 4.16
C GLY A 21 -9.93 2.64 4.70
N ARG A 22 -10.26 2.82 5.95
CA ARG A 22 -10.27 4.19 6.54
C ARG A 22 -9.12 4.33 7.54
N ALA A 23 -8.11 3.52 7.43
CA ALA A 23 -6.97 3.61 8.38
C ALA A 23 -6.36 5.02 8.29
N PRO A 24 -6.49 5.78 9.35
CA PRO A 24 -5.97 7.15 9.42
C PRO A 24 -4.46 7.14 9.73
N TYR A 25 -3.68 6.44 8.95
CA TYR A 25 -2.22 6.40 9.20
C TYR A 25 -1.50 5.95 7.93
N PHE A 26 -1.47 6.79 6.93
CA PHE A 26 -0.80 6.41 5.66
C PHE A 26 0.71 6.59 5.80
N MET A 27 1.44 5.51 5.94
CA MET A 27 2.92 5.64 6.07
C MET A 27 3.54 5.76 4.68
N ILE A 28 4.32 6.78 4.46
CA ILE A 28 4.95 6.95 3.12
C ILE A 28 6.47 6.96 3.27
N VAL A 29 7.13 5.97 2.72
CA VAL A 29 8.62 5.91 2.82
C VAL A 29 9.23 5.97 1.43
N GLU A 30 10.36 6.61 1.28
CA GLU A 30 11.00 6.70 -0.06
C GLU A 30 12.37 6.02 -0.01
N MET A 31 12.68 5.24 -1.00
CA MET A 31 14.00 4.54 -1.01
C MET A 31 14.80 4.97 -2.24
N LYS A 32 16.04 5.33 -2.06
CA LYS A 32 16.87 5.75 -3.22
C LYS A 32 17.41 4.51 -3.94
N LYS A 33 18.45 3.93 -3.42
CA LYS A 33 19.03 2.71 -4.07
C LYS A 33 19.12 1.58 -3.04
N GLY A 34 18.06 0.84 -2.87
CA GLY A 34 18.08 -0.28 -1.88
C GLY A 34 18.62 0.25 -0.55
N ASN A 35 18.33 1.49 -0.23
CA ASN A 35 18.83 2.05 1.06
C ASN A 35 17.83 3.09 1.58
N ILE A 36 17.02 2.71 2.53
CA ILE A 36 16.03 3.68 3.07
C ILE A 36 16.71 5.03 3.33
N GLU A 37 16.10 6.10 2.92
CA GLU A 37 16.71 7.44 3.14
C GLU A 37 15.62 8.47 3.40
N SER A 38 14.46 8.03 3.81
CA SER A 38 13.35 8.98 4.09
C SER A 38 12.12 8.20 4.55
N SER A 39 11.53 8.61 5.65
CA SER A 39 10.32 7.90 6.15
C SER A 39 9.45 8.89 6.93
N GLU A 40 8.27 9.16 6.45
CA GLU A 40 7.37 10.11 7.16
C GLU A 40 5.97 9.50 7.28
N VAL A 41 5.40 9.55 8.46
CA VAL A 41 4.03 8.98 8.64
C VAL A 41 3.00 10.10 8.55
N ILE A 42 1.91 9.86 7.89
CA ILE A 42 0.86 10.91 7.76
C ILE A 42 -0.47 10.38 8.28
N GLU A 43 -1.26 11.22 8.89
CA GLU A 43 -2.57 10.76 9.43
C GLU A 43 -3.70 11.46 8.67
N ASN A 44 -4.82 10.80 8.52
CA ASN A 44 -5.96 11.42 7.79
C ASN A 44 -7.25 11.17 8.59
N PRO A 45 -7.46 11.97 9.60
CA PRO A 45 -8.65 11.86 10.48
C PRO A 45 -9.86 12.48 9.79
N SER A 46 -10.92 11.73 9.63
CA SER A 46 -12.13 12.28 8.97
C SER A 46 -11.89 12.40 7.47
N ALA A 47 -11.18 11.48 6.89
CA ALA A 47 -10.91 11.54 5.43
C ALA A 47 -12.23 11.65 4.67
N SER A 48 -13.07 10.66 4.77
CA SER A 48 -14.38 10.72 4.06
C SER A 48 -15.48 11.17 5.02
N ALA A 49 -15.51 12.43 5.34
CA ALA A 49 -16.55 12.94 6.28
C ALA A 49 -17.83 13.26 5.49
N SER A 50 -17.70 13.49 4.22
CA SER A 50 -18.91 13.80 3.39
C SER A 50 -19.35 12.55 2.63
N GLY A 51 -19.65 11.50 3.33
CA GLY A 51 -20.08 10.24 2.65
C GLY A 51 -19.08 9.13 2.93
N GLY A 52 -19.46 7.90 2.72
CA GLY A 52 -18.53 6.77 2.98
C GLY A 52 -17.54 6.64 1.81
N ALA A 53 -16.41 6.03 2.04
CA ALA A 53 -15.41 5.88 0.94
C ALA A 53 -14.77 4.48 1.05
N GLY A 54 -13.74 4.35 1.83
CA GLY A 54 -13.07 3.03 1.96
C GLY A 54 -12.13 2.79 0.78
N ILE A 55 -12.59 2.10 -0.23
CA ILE A 55 -11.72 1.83 -1.41
C ILE A 55 -11.56 3.10 -2.24
N ARG A 56 -12.39 4.08 -2.02
CA ARG A 56 -12.28 5.34 -2.81
C ARG A 56 -10.99 6.06 -2.44
N THR A 57 -10.45 5.78 -1.28
CA THR A 57 -9.18 6.45 -0.86
C THR A 57 -8.05 6.06 -1.82
N ALA A 58 -8.20 4.97 -2.51
CA ALA A 58 -7.13 4.53 -3.46
C ALA A 58 -6.81 5.68 -4.41
N GLN A 59 -7.80 6.30 -4.98
CA GLN A 59 -7.55 7.42 -5.92
C GLN A 59 -6.48 8.34 -5.33
N ILE A 60 -6.57 8.64 -4.07
CA ILE A 60 -5.55 9.53 -3.43
C ILE A 60 -4.24 8.77 -3.28
N ILE A 61 -4.32 7.50 -2.98
CA ILE A 61 -3.08 6.70 -2.82
C ILE A 61 -2.18 6.90 -4.04
N ALA A 62 -2.76 7.03 -5.20
CA ALA A 62 -1.94 7.23 -6.43
C ALA A 62 -1.41 8.67 -6.46
N ASN A 63 -2.16 9.60 -5.95
CA ASN A 63 -1.70 11.02 -5.96
C ASN A 63 -0.42 11.15 -5.15
N ASN A 64 -0.13 10.20 -4.31
CA ASN A 64 1.12 10.28 -3.49
C ASN A 64 2.27 9.60 -4.23
N GLY A 65 2.22 9.59 -5.54
CA GLY A 65 3.32 8.94 -6.31
C GLY A 65 3.69 7.61 -5.66
N VAL A 66 2.73 6.86 -5.21
CA VAL A 66 3.03 5.56 -4.56
C VAL A 66 3.12 4.47 -5.62
N LYS A 67 4.32 4.17 -6.05
CA LYS A 67 4.49 3.10 -7.08
C LYS A 67 4.40 1.75 -6.37
N ALA A 68 4.42 1.75 -5.06
CA ALA A 68 4.33 0.47 -4.30
C ALA A 68 3.37 0.66 -3.13
N VAL A 69 2.37 -0.16 -3.02
CA VAL A 69 1.41 -0.01 -1.89
C VAL A 69 1.31 -1.32 -1.11
N ILE A 70 1.64 -1.29 0.15
CA ILE A 70 1.57 -2.52 0.98
C ILE A 70 0.30 -2.47 1.84
N ALA A 71 -0.63 -3.36 1.60
CA ALA A 71 -1.89 -3.34 2.41
C ALA A 71 -2.48 -4.75 2.47
N SER A 72 -3.50 -4.93 3.27
CA SER A 72 -4.13 -6.28 3.39
C SER A 72 -5.65 -6.13 3.34
N SER A 73 -6.16 -5.52 2.31
CA SER A 73 -7.65 -5.34 2.20
C SER A 73 -8.34 -6.70 2.31
N PRO A 74 -9.55 -6.68 2.78
CA PRO A 74 -10.37 -7.89 2.95
C PRO A 74 -10.96 -8.34 1.61
N GLY A 75 -10.90 -7.49 0.61
CA GLY A 75 -11.46 -7.87 -0.72
C GLY A 75 -10.53 -7.36 -1.83
N PRO A 76 -10.69 -7.93 -3.00
CA PRO A 76 -9.89 -7.55 -4.18
C PRO A 76 -10.42 -6.26 -4.79
N ASN A 77 -11.51 -5.76 -4.29
CA ASN A 77 -12.08 -4.50 -4.86
C ASN A 77 -11.03 -3.37 -4.76
N ALA A 78 -10.22 -3.39 -3.74
CA ALA A 78 -9.19 -2.34 -3.59
C ALA A 78 -8.09 -2.54 -4.63
N PHE A 79 -7.43 -3.67 -4.60
CA PHE A 79 -6.36 -3.92 -5.60
C PHE A 79 -6.90 -3.68 -7.00
N GLU A 80 -8.20 -3.74 -7.17
CA GLU A 80 -8.79 -3.51 -8.51
C GLU A 80 -8.52 -2.07 -8.94
N VAL A 81 -8.74 -1.13 -8.07
CA VAL A 81 -8.48 0.30 -8.43
C VAL A 81 -6.98 0.52 -8.57
N LEU A 82 -6.22 -0.01 -7.65
CA LEU A 82 -4.74 0.16 -7.72
C LEU A 82 -4.21 -0.51 -8.99
N ASN A 83 -4.93 -1.44 -9.54
CA ASN A 83 -4.46 -2.13 -10.77
C ASN A 83 -4.68 -1.22 -11.97
N GLU A 84 -5.90 -0.86 -12.26
CA GLU A 84 -6.16 0.02 -13.43
C GLU A 84 -5.40 1.33 -13.27
N LEU A 85 -5.04 1.68 -12.07
CA LEU A 85 -4.29 2.95 -11.85
C LEU A 85 -2.86 2.80 -12.36
N GLY A 86 -2.27 1.66 -12.17
CA GLY A 86 -0.87 1.46 -12.65
C GLY A 86 0.07 1.38 -11.45
N ILE A 87 -0.45 1.06 -10.29
CA ILE A 87 0.43 0.98 -9.08
C ILE A 87 0.68 -0.49 -8.74
N LYS A 88 1.81 -0.78 -8.16
CA LYS A 88 2.11 -2.19 -7.80
C LYS A 88 1.39 -2.56 -6.50
N ILE A 89 0.62 -3.61 -6.51
CA ILE A 89 -0.11 -4.00 -5.26
C ILE A 89 0.75 -4.96 -4.45
N TYR A 90 0.74 -4.83 -3.14
CA TYR A 90 1.56 -5.73 -2.30
C TYR A 90 0.68 -6.35 -1.21
N ARG A 91 0.69 -7.65 -1.09
CA ARG A 91 -0.14 -8.32 -0.05
C ARG A 91 0.64 -8.39 1.25
N ALA A 92 0.10 -7.85 2.31
CA ALA A 92 0.81 -7.89 3.62
C ALA A 92 0.40 -9.15 4.38
N THR A 93 1.36 -9.97 4.73
CA THR A 93 1.02 -11.22 5.48
C THR A 93 0.44 -10.86 6.84
N GLY A 94 0.98 -9.87 7.49
CA GLY A 94 0.46 -9.48 8.83
C GLY A 94 1.54 -9.69 9.88
N THR A 95 2.71 -9.14 9.67
CA THR A 95 3.80 -9.31 10.66
C THR A 95 4.14 -7.95 11.28
N SER A 96 4.95 -7.17 10.61
CA SER A 96 5.31 -5.83 11.16
C SER A 96 5.77 -4.92 10.00
N VAL A 97 5.21 -3.75 9.90
CA VAL A 97 5.62 -2.82 8.81
C VAL A 97 7.14 -2.68 8.79
N GLU A 98 7.78 -2.95 9.89
CA GLU A 98 9.27 -2.84 9.94
C GLU A 98 9.89 -3.89 9.02
N GLU A 99 9.45 -5.12 9.15
CA GLU A 99 10.01 -6.20 8.29
C GLU A 99 9.51 -6.01 6.85
N ASN A 100 8.36 -5.42 6.69
CA ASN A 100 7.82 -5.20 5.32
C ASN A 100 8.74 -4.25 4.55
N LEU A 101 9.09 -3.14 5.15
CA LEU A 101 9.99 -2.18 4.46
C LEU A 101 11.30 -2.88 4.08
N LYS A 102 11.98 -3.43 5.05
CA LYS A 102 13.26 -4.13 4.76
C LYS A 102 12.99 -5.24 3.73
N LEU A 103 11.79 -5.74 3.68
CA LEU A 103 11.47 -6.82 2.71
C LEU A 103 11.45 -6.24 1.29
N PHE A 104 10.97 -5.03 1.14
CA PHE A 104 10.93 -4.42 -0.21
C PHE A 104 12.36 -4.19 -0.70
N THR A 105 13.30 -4.11 0.21
CA THR A 105 14.71 -3.90 -0.20
C THR A 105 15.14 -5.02 -1.15
N GLU A 106 14.57 -6.19 -1.00
CA GLU A 106 14.94 -7.33 -1.88
C GLU A 106 13.75 -7.69 -2.78
N GLY A 107 12.64 -7.02 -2.61
CA GLY A 107 11.46 -7.32 -3.45
C GLY A 107 11.02 -8.78 -3.23
N ASN A 108 11.07 -9.25 -2.01
CA ASN A 108 10.66 -10.65 -1.74
C ASN A 108 9.19 -10.68 -1.32
N LEU A 109 8.66 -9.56 -0.93
CA LEU A 109 7.23 -9.52 -0.51
C LEU A 109 6.36 -10.06 -1.64
N GLU A 110 5.07 -9.88 -1.54
CA GLU A 110 4.17 -10.38 -2.62
C GLU A 110 3.71 -9.21 -3.48
N GLU A 111 4.22 -9.10 -4.68
CA GLU A 111 3.82 -7.97 -5.56
C GLU A 111 2.80 -8.46 -6.60
N ILE A 112 2.01 -7.56 -7.12
CA ILE A 112 1.00 -7.97 -8.14
C ILE A 112 0.88 -6.87 -9.20
N ARG A 113 1.04 -7.22 -10.45
CA ARG A 113 0.94 -6.20 -11.53
C ARG A 113 0.37 -6.84 -12.80
N SER A 114 -0.92 -6.78 -12.98
CA SER A 114 -1.53 -7.39 -14.20
C SER A 114 -1.89 -6.29 -15.20
N PRO A 115 -1.96 -6.67 -16.45
CA PRO A 115 -2.29 -5.74 -17.54
C PRO A 115 -3.80 -5.48 -17.60
N GLY A 116 -4.27 -4.84 -18.63
CA GLY A 116 -5.73 -4.56 -18.73
C GLY A 116 -6.42 -5.72 -19.45
N SER A 117 -7.60 -6.09 -19.00
CA SER A 117 -8.32 -7.22 -19.66
C SER A 117 -7.37 -8.41 -19.79
N GLY A 118 -7.45 -9.35 -18.88
CA GLY A 118 -6.56 -10.54 -18.96
C GLY A 118 -6.57 -11.27 -17.61
N ARG A 119 -7.72 -11.42 -17.02
CA ARG A 119 -7.79 -12.13 -15.71
C ARG A 119 -9.00 -13.06 -15.70
N GLY A 120 -8.89 -14.20 -15.09
CA GLY A 120 -10.03 -15.16 -15.05
C GLY A 120 -9.52 -16.59 -15.27
N ARG A 121 -10.15 -17.54 -14.64
CA ARG A 121 -9.69 -18.95 -14.81
C ARG A 121 -10.55 -19.64 -15.87
N ARG A 122 -11.85 -19.50 -15.79
CA ARG A 122 -12.74 -20.14 -16.80
C ARG A 122 -12.99 -19.15 -17.95
N ARG A 123 -13.04 -19.65 -19.16
CA ARG A 123 -13.28 -18.75 -20.32
C ARG A 123 -14.10 -19.49 -21.39
N ARG A 124 -13.54 -20.52 -21.96
CA ARG A 124 -14.28 -21.28 -23.00
C ARG A 124 -15.24 -22.27 -22.34
N MET A 1 9.04 5.94 -8.06
CA MET A 1 8.56 4.74 -7.32
C MET A 1 8.55 5.03 -5.82
N LYS A 2 7.60 4.49 -5.11
CA LYS A 2 7.53 4.73 -3.64
C LYS A 2 6.81 3.56 -2.97
N ILE A 3 7.01 3.39 -1.69
CA ILE A 3 6.33 2.26 -0.98
C ILE A 3 5.39 2.81 0.09
N ALA A 4 4.12 2.49 -0.02
CA ALA A 4 3.14 2.98 0.99
C ALA A 4 2.61 1.79 1.80
N ILE A 5 3.10 1.62 3.00
CA ILE A 5 2.62 0.47 3.83
C ILE A 5 1.48 0.92 4.74
N ALA A 6 0.32 0.34 4.58
CA ALA A 6 -0.83 0.74 5.45
C ALA A 6 -0.65 0.11 6.83
N SER A 7 -1.00 0.81 7.87
CA SER A 7 -0.84 0.25 9.24
C SER A 7 -1.72 1.03 10.22
N SER A 8 -1.42 0.95 11.49
CA SER A 8 -2.23 1.68 12.50
C SER A 8 -1.35 2.08 13.67
N GLY A 9 -0.30 2.82 13.42
CA GLY A 9 0.60 3.24 14.53
C GLY A 9 1.91 3.78 13.95
N THR A 10 2.68 4.48 14.75
CA THR A 10 3.97 5.04 14.25
C THR A 10 5.07 3.98 14.36
N ASP A 11 4.99 3.13 15.35
CA ASP A 11 6.02 2.08 15.51
C ASP A 11 5.82 1.36 16.84
N LEU A 12 6.54 0.30 17.09
CA LEU A 12 6.37 -0.44 18.37
C LEU A 12 4.88 -0.62 18.66
N GLY A 13 4.09 -0.76 17.64
CA GLY A 13 2.62 -0.93 17.85
C GLY A 13 1.93 -1.18 16.51
N SER A 14 2.44 -0.61 15.45
CA SER A 14 1.82 -0.81 14.12
C SER A 14 1.98 -2.28 13.70
N GLU A 15 1.06 -3.10 14.11
CA GLU A 15 1.15 -4.55 13.75
C GLU A 15 0.69 -4.77 12.31
N VAL A 16 0.45 -3.71 11.58
CA VAL A 16 0.00 -3.86 10.17
C VAL A 16 -1.43 -4.40 10.13
N SER A 17 -2.37 -3.64 10.62
CA SER A 17 -3.79 -4.11 10.61
C SER A 17 -4.10 -4.74 9.25
N ARG A 18 -4.53 -5.97 9.25
CA ARG A 18 -4.85 -6.64 7.95
C ARG A 18 -5.98 -5.89 7.25
N PHE A 19 -6.72 -5.10 7.98
CA PHE A 19 -7.84 -4.35 7.34
C PHE A 19 -7.31 -3.06 6.72
N PHE A 20 -7.25 -3.00 5.42
CA PHE A 20 -6.75 -1.75 4.76
C PHE A 20 -7.92 -1.00 4.13
N GLY A 21 -8.08 0.26 4.48
CA GLY A 21 -9.21 1.04 3.90
C GLY A 21 -9.59 2.16 4.87
N ARG A 22 -9.53 1.89 6.14
CA ARG A 22 -9.88 2.93 7.15
C ARG A 22 -8.66 3.23 8.02
N ALA A 23 -7.74 2.31 8.09
CA ALA A 23 -6.52 2.53 8.93
C ALA A 23 -5.92 3.90 8.60
N PRO A 24 -6.09 4.85 9.51
CA PRO A 24 -5.56 6.21 9.33
C PRO A 24 -4.06 6.27 9.65
N TYR A 25 -3.26 5.56 8.91
CA TYR A 25 -1.79 5.59 9.18
C TYR A 25 -1.03 5.12 7.94
N PHE A 26 -1.04 5.90 6.89
CA PHE A 26 -0.32 5.48 5.65
C PHE A 26 1.17 5.79 5.80
N MET A 27 2.00 4.79 5.69
CA MET A 27 3.47 5.02 5.82
C MET A 27 4.07 5.21 4.44
N ILE A 28 4.51 6.41 4.13
CA ILE A 28 5.10 6.66 2.79
C ILE A 28 6.62 6.75 2.91
N VAL A 29 7.34 5.86 2.27
CA VAL A 29 8.83 5.91 2.37
C VAL A 29 9.44 5.65 0.98
N GLU A 30 10.56 6.25 0.71
CA GLU A 30 11.22 6.04 -0.61
C GLU A 30 12.68 5.61 -0.38
N MET A 31 13.19 4.73 -1.19
CA MET A 31 14.60 4.28 -1.00
C MET A 31 15.46 4.74 -2.18
N LYS A 32 16.72 4.93 -1.95
CA LYS A 32 17.63 5.38 -3.04
C LYS A 32 18.28 4.15 -3.70
N LYS A 33 18.77 3.24 -2.91
CA LYS A 33 19.42 2.02 -3.47
C LYS A 33 19.29 0.88 -2.45
N GLY A 34 18.12 0.67 -1.92
CA GLY A 34 17.93 -0.42 -0.94
C GLY A 34 18.14 0.11 0.49
N ASN A 35 18.47 1.38 0.61
CA ASN A 35 18.69 1.96 1.95
C ASN A 35 17.64 3.05 2.21
N ILE A 36 16.54 2.70 2.83
CA ILE A 36 15.49 3.72 3.10
C ILE A 36 16.13 5.00 3.62
N GLU A 37 15.97 6.09 2.92
CA GLU A 37 16.58 7.36 3.37
C GLU A 37 15.48 8.41 3.51
N SER A 38 14.25 8.00 3.65
CA SER A 38 13.14 8.97 3.79
C SER A 38 11.85 8.23 4.16
N SER A 39 11.41 8.34 5.38
CA SER A 39 10.17 7.63 5.79
C SER A 39 9.27 8.56 6.60
N GLU A 40 8.20 9.04 6.01
CA GLU A 40 7.28 9.95 6.73
C GLU A 40 5.97 9.20 7.04
N VAL A 41 5.39 9.46 8.17
CA VAL A 41 4.11 8.76 8.52
C VAL A 41 2.96 9.77 8.50
N ILE A 42 1.93 9.49 7.73
CA ILE A 42 0.78 10.42 7.67
C ILE A 42 -0.50 9.67 8.07
N GLU A 43 -1.15 10.10 9.12
CA GLU A 43 -2.39 9.40 9.57
C GLU A 43 -3.61 10.08 8.94
N ASN A 44 -4.44 9.33 8.26
CA ASN A 44 -5.65 9.93 7.63
C ASN A 44 -6.48 10.67 8.69
N PRO A 45 -6.59 11.96 8.54
CA PRO A 45 -7.35 12.80 9.47
C PRO A 45 -8.86 12.68 9.19
N SER A 46 -9.24 12.59 7.94
CA SER A 46 -10.68 12.46 7.61
C SER A 46 -11.17 11.05 7.95
N ALA A 47 -10.27 10.15 8.21
CA ALA A 47 -10.67 8.76 8.56
C ALA A 47 -11.82 8.79 9.57
N SER A 48 -11.74 9.67 10.54
CA SER A 48 -12.82 9.75 11.56
C SER A 48 -13.51 11.12 11.46
N ALA A 49 -14.56 11.21 10.68
CA ALA A 49 -15.27 12.51 10.55
C ALA A 49 -16.40 12.36 9.53
N SER A 50 -16.09 11.96 8.33
CA SER A 50 -17.15 11.79 7.30
C SER A 50 -17.24 10.32 6.90
N GLY A 51 -18.04 9.56 7.60
CA GLY A 51 -18.18 8.11 7.28
C GLY A 51 -18.93 7.95 5.95
N GLY A 52 -19.01 6.74 5.45
CA GLY A 52 -19.73 6.52 4.17
C GLY A 52 -18.86 5.64 3.26
N ALA A 53 -17.64 6.03 3.03
CA ALA A 53 -16.74 5.22 2.16
C ALA A 53 -15.36 5.11 2.81
N GLY A 54 -14.37 4.69 2.07
CA GLY A 54 -13.01 4.57 2.66
C GLY A 54 -12.00 4.16 1.57
N ILE A 55 -12.42 3.34 0.65
CA ILE A 55 -11.48 2.91 -0.43
C ILE A 55 -11.30 4.03 -1.45
N ARG A 56 -11.95 5.13 -1.26
CA ARG A 56 -11.81 6.26 -2.22
C ARG A 56 -10.47 6.96 -2.00
N THR A 57 -9.79 6.64 -0.93
CA THR A 57 -8.48 7.29 -0.66
C THR A 57 -7.40 6.66 -1.55
N ALA A 58 -7.60 5.43 -1.96
CA ALA A 58 -6.58 4.77 -2.83
C ALA A 58 -6.21 5.71 -3.97
N GLN A 59 -7.16 6.39 -4.53
CA GLN A 59 -6.85 7.31 -5.66
C GLN A 59 -5.87 8.39 -5.19
N ILE A 60 -6.23 9.14 -4.19
CA ILE A 60 -5.32 10.20 -3.69
C ILE A 60 -3.94 9.60 -3.37
N ILE A 61 -3.90 8.33 -3.06
CA ILE A 61 -2.60 7.68 -2.75
C ILE A 61 -1.78 7.52 -4.03
N ALA A 62 -2.42 7.17 -5.12
CA ALA A 62 -1.68 7.00 -6.39
C ALA A 62 -1.15 8.36 -6.86
N ASN A 63 -1.84 9.41 -6.55
CA ASN A 63 -1.39 10.77 -6.99
C ASN A 63 -0.11 11.13 -6.24
N ASN A 64 0.27 10.36 -5.26
CA ASN A 64 1.52 10.67 -4.50
C ASN A 64 2.72 10.07 -5.23
N GLY A 65 2.51 9.04 -6.00
CA GLY A 65 3.65 8.41 -6.73
C GLY A 65 3.87 6.99 -6.20
N VAL A 66 3.48 6.74 -4.98
CA VAL A 66 3.67 5.38 -4.41
C VAL A 66 3.26 4.33 -5.44
N LYS A 67 4.21 3.82 -6.18
CA LYS A 67 3.88 2.79 -7.19
C LYS A 67 3.74 1.43 -6.50
N ALA A 68 3.99 1.39 -5.21
CA ALA A 68 3.86 0.11 -4.47
C ALA A 68 2.87 0.30 -3.31
N VAL A 69 1.91 -0.57 -3.20
CA VAL A 69 0.92 -0.43 -2.09
C VAL A 69 0.90 -1.73 -1.27
N ILE A 70 1.43 -1.68 -0.07
CA ILE A 70 1.44 -2.90 0.78
C ILE A 70 0.19 -2.91 1.66
N ALA A 71 -0.67 -3.88 1.48
CA ALA A 71 -1.90 -3.94 2.31
C ALA A 71 -2.56 -5.31 2.17
N SER A 72 -3.62 -5.54 2.90
CA SER A 72 -4.32 -6.85 2.83
C SER A 72 -5.82 -6.62 2.89
N SER A 73 -6.36 -5.88 1.95
CA SER A 73 -7.82 -5.61 1.94
C SER A 73 -8.59 -6.92 2.09
N PRO A 74 -9.76 -6.83 2.65
CA PRO A 74 -10.65 -7.99 2.87
C PRO A 74 -11.34 -8.39 1.56
N GLY A 75 -11.46 -7.46 0.65
CA GLY A 75 -12.12 -7.77 -0.64
C GLY A 75 -11.29 -7.19 -1.80
N PRO A 76 -11.58 -7.66 -2.99
CA PRO A 76 -10.88 -7.22 -4.21
C PRO A 76 -11.44 -5.88 -4.72
N ASN A 77 -11.96 -5.06 -3.85
CA ASN A 77 -12.50 -3.75 -4.29
C ASN A 77 -11.36 -2.79 -4.60
N ALA A 78 -10.64 -2.37 -3.60
CA ALA A 78 -9.50 -1.43 -3.84
C ALA A 78 -8.45 -2.11 -4.73
N PHE A 79 -8.19 -3.36 -4.50
CA PHE A 79 -7.17 -4.07 -5.33
C PHE A 79 -7.51 -3.90 -6.81
N GLU A 80 -8.77 -3.80 -7.14
CA GLU A 80 -9.15 -3.63 -8.58
C GLU A 80 -8.88 -2.20 -9.02
N VAL A 81 -9.14 -1.25 -8.16
CA VAL A 81 -8.90 0.18 -8.52
C VAL A 81 -7.41 0.39 -8.84
N LEU A 82 -6.55 0.02 -7.93
CA LEU A 82 -5.09 0.19 -8.18
C LEU A 82 -4.68 -0.56 -9.44
N ASN A 83 -5.47 -1.50 -9.87
CA ASN A 83 -5.11 -2.27 -11.11
C ASN A 83 -5.38 -1.42 -12.34
N GLU A 84 -6.54 -0.82 -12.43
CA GLU A 84 -6.85 0.03 -13.62
C GLU A 84 -5.91 1.23 -13.66
N LEU A 85 -5.55 1.75 -12.51
CA LEU A 85 -4.63 2.93 -12.50
C LEU A 85 -3.25 2.51 -12.97
N GLY A 86 -2.98 1.23 -13.00
CA GLY A 86 -1.65 0.76 -13.46
C GLY A 86 -0.64 0.86 -12.32
N ILE A 87 -1.11 0.84 -11.09
CA ILE A 87 -0.18 0.94 -9.94
C ILE A 87 0.32 -0.46 -9.55
N LYS A 88 1.40 -0.52 -8.83
CA LYS A 88 1.93 -1.86 -8.41
C LYS A 88 1.40 -2.22 -7.03
N ILE A 89 0.55 -3.21 -6.95
CA ILE A 89 0.00 -3.60 -5.62
C ILE A 89 1.00 -4.50 -4.88
N TYR A 90 0.78 -4.73 -3.62
CA TYR A 90 1.71 -5.59 -2.84
C TYR A 90 0.95 -6.25 -1.69
N ARG A 91 1.08 -7.54 -1.54
CA ARG A 91 0.36 -8.23 -0.43
C ARG A 91 1.14 -8.05 0.88
N ALA A 92 0.45 -7.74 1.95
CA ALA A 92 1.16 -7.55 3.25
C ALA A 92 1.32 -8.90 3.95
N THR A 93 2.36 -9.06 4.73
CA THR A 93 2.56 -10.35 5.44
C THR A 93 1.79 -10.33 6.77
N GLY A 94 1.56 -9.18 7.31
CA GLY A 94 0.81 -9.10 8.61
C GLY A 94 1.78 -9.35 9.76
N THR A 95 2.70 -8.45 9.98
CA THR A 95 3.68 -8.64 11.10
C THR A 95 3.99 -7.28 11.73
N SER A 96 4.65 -6.42 11.01
CA SER A 96 4.98 -5.08 11.58
C SER A 96 5.56 -4.19 10.47
N VAL A 97 5.09 -2.98 10.37
CA VAL A 97 5.62 -2.07 9.30
C VAL A 97 7.14 -1.98 9.43
N GLU A 98 7.67 -2.31 10.56
CA GLU A 98 9.16 -2.24 10.75
C GLU A 98 9.84 -3.29 9.87
N GLU A 99 9.43 -4.52 10.00
CA GLU A 99 10.05 -5.60 9.18
C GLU A 99 9.67 -5.42 7.72
N ASN A 100 8.44 -5.06 7.46
CA ASN A 100 8.00 -4.87 6.05
C ASN A 100 8.87 -3.80 5.39
N LEU A 101 9.24 -2.79 6.12
CA LEU A 101 10.09 -1.71 5.54
C LEU A 101 11.40 -2.33 5.03
N LYS A 102 12.07 -3.08 5.85
CA LYS A 102 13.35 -3.72 5.41
C LYS A 102 13.05 -4.80 4.38
N LEU A 103 11.81 -5.22 4.29
CA LEU A 103 11.45 -6.28 3.31
C LEU A 103 11.48 -5.69 1.89
N PHE A 104 10.90 -4.53 1.71
CA PHE A 104 10.89 -3.91 0.36
C PHE A 104 12.33 -3.61 -0.08
N THR A 105 13.25 -3.59 0.84
CA THR A 105 14.67 -3.29 0.47
C THR A 105 15.24 -4.46 -0.34
N GLU A 106 14.82 -5.66 -0.05
CA GLU A 106 15.34 -6.83 -0.81
C GLU A 106 14.37 -7.18 -1.94
N GLY A 107 13.18 -6.65 -1.90
CA GLY A 107 12.20 -6.95 -2.98
C GLY A 107 11.72 -8.40 -2.85
N ASN A 108 11.39 -8.82 -1.65
CA ASN A 108 10.93 -10.22 -1.46
C ASN A 108 9.39 -10.25 -1.43
N LEU A 109 8.78 -9.19 -1.00
CA LEU A 109 7.29 -9.15 -0.95
C LEU A 109 6.74 -9.43 -2.35
N GLU A 110 5.52 -9.90 -2.44
CA GLU A 110 4.92 -10.18 -3.77
C GLU A 110 4.07 -9.00 -4.21
N GLU A 111 4.05 -8.70 -5.48
CA GLU A 111 3.22 -7.56 -5.96
C GLU A 111 2.10 -8.08 -6.87
N ILE A 112 1.12 -7.26 -7.15
CA ILE A 112 0.01 -7.70 -8.02
C ILE A 112 -0.33 -6.60 -9.03
N ARG A 113 -0.22 -6.89 -10.29
CA ARG A 113 -0.53 -5.86 -11.32
C ARG A 113 -1.76 -6.28 -12.11
N SER A 114 -2.07 -7.54 -12.11
CA SER A 114 -3.27 -8.02 -12.85
C SER A 114 -4.00 -9.09 -12.03
N PRO A 115 -5.27 -9.27 -12.33
CA PRO A 115 -6.11 -10.25 -11.63
C PRO A 115 -5.84 -11.66 -12.17
N GLY A 116 -6.51 -12.64 -11.64
CA GLY A 116 -6.28 -14.04 -12.11
C GLY A 116 -5.75 -14.90 -10.96
N SER A 117 -5.49 -16.15 -11.21
CA SER A 117 -4.97 -17.04 -10.14
C SER A 117 -4.54 -18.37 -10.74
N GLY A 118 -4.18 -19.32 -9.91
CA GLY A 118 -3.75 -20.65 -10.44
C GLY A 118 -4.97 -21.56 -10.57
N ARG A 119 -4.97 -22.41 -11.56
CA ARG A 119 -6.13 -23.33 -11.74
C ARG A 119 -6.38 -24.09 -10.44
N GLY A 120 -7.62 -24.38 -10.13
CA GLY A 120 -7.93 -25.12 -8.87
C GLY A 120 -8.90 -24.29 -8.04
N ARG A 121 -9.37 -24.82 -6.94
CA ARG A 121 -10.33 -24.06 -6.09
C ARG A 121 -9.71 -23.81 -4.72
N ARG A 122 -9.89 -22.64 -4.18
CA ARG A 122 -9.32 -22.33 -2.83
C ARG A 122 -10.45 -22.00 -1.87
N ARG A 123 -10.79 -22.92 -1.00
CA ARG A 123 -11.89 -22.66 -0.03
C ARG A 123 -11.33 -22.59 1.40
N ARG A 124 -10.16 -23.13 1.61
CA ARG A 124 -9.56 -23.10 2.97
C ARG A 124 -8.34 -22.17 2.97
N MET A 1 9.77 5.39 -7.67
CA MET A 1 9.88 4.10 -6.95
C MET A 1 9.73 4.35 -5.44
N LYS A 2 8.54 4.61 -4.98
CA LYS A 2 8.34 4.87 -3.53
C LYS A 2 7.47 3.76 -2.93
N ILE A 3 7.46 3.63 -1.63
CA ILE A 3 6.64 2.58 -0.99
C ILE A 3 5.81 3.18 0.15
N ALA A 4 4.56 2.82 0.23
CA ALA A 4 3.70 3.37 1.33
C ALA A 4 3.10 2.20 2.11
N ILE A 5 3.21 2.22 3.41
CA ILE A 5 2.66 1.10 4.22
C ILE A 5 1.46 1.58 5.02
N ALA A 6 0.32 0.98 4.81
CA ALA A 6 -0.90 1.40 5.57
C ALA A 6 -0.79 0.92 7.01
N SER A 7 -1.61 1.45 7.89
CA SER A 7 -1.56 1.02 9.32
C SER A 7 -0.27 1.54 9.95
N SER A 8 0.32 0.79 10.84
CA SER A 8 1.57 1.26 11.50
C SER A 8 1.23 2.31 12.57
N GLY A 9 -0.03 2.57 12.78
CA GLY A 9 -0.42 3.57 13.81
C GLY A 9 0.44 4.83 13.65
N THR A 10 1.27 5.11 14.62
CA THR A 10 2.13 6.33 14.51
C THR A 10 3.60 5.93 14.68
N ASP A 11 3.85 4.69 14.98
CA ASP A 11 5.27 4.25 15.15
C ASP A 11 5.44 2.84 14.56
N LEU A 12 6.22 2.00 15.18
CA LEU A 12 6.41 0.63 14.64
C LEU A 12 5.64 -0.37 15.49
N GLY A 13 5.26 -0.01 16.68
CA GLY A 13 4.49 -0.94 17.56
C GLY A 13 3.35 -1.58 16.75
N SER A 14 2.70 -0.80 15.93
CA SER A 14 1.57 -1.36 15.13
C SER A 14 2.13 -2.20 13.97
N GLU A 15 2.49 -3.42 14.24
CA GLU A 15 3.03 -4.29 13.16
C GLU A 15 2.14 -4.21 11.93
N VAL A 16 1.18 -5.11 11.81
CA VAL A 16 0.28 -5.08 10.63
C VAL A 16 -1.18 -5.18 11.10
N SER A 17 -1.58 -4.34 12.00
CA SER A 17 -2.99 -4.39 12.49
C SER A 17 -3.81 -3.31 11.76
N ARG A 18 -4.99 -3.64 11.34
CA ARG A 18 -5.83 -2.64 10.61
C ARG A 18 -5.29 -2.47 9.20
N PHE A 19 -5.60 -3.39 8.32
CA PHE A 19 -5.09 -3.28 6.93
C PHE A 19 -5.96 -2.30 6.13
N PHE A 20 -5.67 -2.14 4.87
CA PHE A 20 -6.47 -1.19 4.04
C PHE A 20 -7.95 -1.31 4.39
N GLY A 21 -8.64 -0.21 4.49
CA GLY A 21 -10.09 -0.25 4.83
C GLY A 21 -10.49 1.02 5.57
N ARG A 22 -9.95 1.24 6.74
CA ARG A 22 -10.31 2.46 7.51
C ARG A 22 -9.17 2.82 8.46
N ALA A 23 -7.99 2.31 8.23
CA ALA A 23 -6.85 2.62 9.14
C ALA A 23 -6.42 4.09 8.95
N PRO A 24 -6.63 4.89 9.96
CA PRO A 24 -6.27 6.33 9.94
C PRO A 24 -4.77 6.51 10.23
N TYR A 25 -3.92 5.85 9.51
CA TYR A 25 -2.46 5.99 9.75
C TYR A 25 -1.68 5.55 8.52
N PHE A 26 -1.74 6.32 7.47
CA PHE A 26 -1.00 5.94 6.23
C PHE A 26 0.46 6.39 6.34
N MET A 27 1.39 5.47 6.30
CA MET A 27 2.82 5.86 6.39
C MET A 27 3.41 6.04 5.00
N ILE A 28 3.94 7.20 4.71
CA ILE A 28 4.53 7.44 3.37
C ILE A 28 6.06 7.28 3.45
N VAL A 29 6.61 6.39 2.68
CA VAL A 29 8.09 6.19 2.72
C VAL A 29 8.67 6.29 1.31
N GLU A 30 9.78 6.95 1.17
CA GLU A 30 10.40 7.07 -0.18
C GLU A 30 11.83 6.57 -0.13
N MET A 31 12.26 5.82 -1.13
CA MET A 31 13.65 5.29 -1.13
C MET A 31 14.42 5.89 -2.31
N LYS A 32 15.69 6.14 -2.13
CA LYS A 32 16.50 6.72 -3.24
C LYS A 32 17.07 5.59 -4.09
N LYS A 33 17.91 4.77 -3.52
CA LYS A 33 18.50 3.64 -4.29
C LYS A 33 18.83 2.48 -3.34
N GLY A 34 17.84 1.89 -2.75
CA GLY A 34 18.09 0.76 -1.81
C GLY A 34 18.46 1.31 -0.44
N ASN A 35 18.17 2.56 -0.19
CA ASN A 35 18.52 3.15 1.14
C ASN A 35 17.43 4.15 1.54
N ILE A 36 16.56 3.77 2.44
CA ILE A 36 15.48 4.70 2.88
C ILE A 36 16.08 6.09 3.12
N GLU A 37 15.40 7.12 2.68
CA GLU A 37 15.92 8.50 2.89
C GLU A 37 14.76 9.45 3.16
N SER A 38 13.62 8.93 3.49
CA SER A 38 12.45 9.81 3.77
C SER A 38 11.35 8.99 4.46
N SER A 39 10.92 9.41 5.62
CA SER A 39 9.85 8.65 6.33
C SER A 39 8.93 9.63 7.05
N GLU A 40 7.71 9.78 6.58
CA GLU A 40 6.76 10.71 7.24
C GLU A 40 5.44 9.97 7.52
N VAL A 41 4.71 10.41 8.50
CA VAL A 41 3.43 9.73 8.83
C VAL A 41 2.26 10.67 8.54
N ILE A 42 1.16 10.14 8.07
CA ILE A 42 -0.02 11.00 7.78
C ILE A 42 -1.30 10.32 8.29
N GLU A 43 -2.13 11.04 8.98
CA GLU A 43 -3.38 10.44 9.52
C GLU A 43 -4.58 10.95 8.71
N ASN A 44 -5.43 10.05 8.29
CA ASN A 44 -6.62 10.47 7.50
C ASN A 44 -7.42 11.51 8.29
N PRO A 45 -7.39 12.74 7.84
CA PRO A 45 -8.11 13.84 8.50
C PRO A 45 -9.60 13.80 8.18
N SER A 46 -9.98 14.18 6.99
CA SER A 46 -11.43 14.15 6.63
C SER A 46 -11.72 12.90 5.80
N ALA A 47 -11.66 11.74 6.40
CA ALA A 47 -11.94 10.49 5.65
C ALA A 47 -13.46 10.34 5.48
N SER A 48 -14.22 10.72 6.46
CA SER A 48 -15.71 10.59 6.35
C SER A 48 -16.31 11.95 6.03
N ALA A 49 -16.48 12.25 4.77
CA ALA A 49 -17.06 13.57 4.38
C ALA A 49 -17.34 13.58 2.88
N SER A 50 -16.37 13.18 2.10
CA SER A 50 -16.56 13.18 0.62
C SER A 50 -16.37 11.75 0.10
N GLY A 51 -17.45 11.01 -0.05
CA GLY A 51 -17.32 9.62 -0.55
C GLY A 51 -17.71 8.64 0.56
N GLY A 52 -17.00 8.66 1.65
CA GLY A 52 -17.31 7.73 2.77
C GLY A 52 -17.20 6.28 2.27
N ALA A 53 -16.05 5.69 2.42
CA ALA A 53 -15.87 4.29 1.96
C ALA A 53 -14.50 3.77 2.40
N GLY A 54 -13.47 4.53 2.18
CA GLY A 54 -12.10 4.09 2.58
C GLY A 54 -11.27 3.80 1.33
N ILE A 55 -11.79 3.03 0.42
CA ILE A 55 -11.03 2.72 -0.82
C ILE A 55 -10.94 3.98 -1.69
N ARG A 56 -11.60 5.03 -1.31
CA ARG A 56 -11.55 6.28 -2.12
C ARG A 56 -10.21 6.99 -1.89
N THR A 57 -9.59 6.76 -0.75
CA THR A 57 -8.30 7.43 -0.47
C THR A 57 -7.22 6.85 -1.39
N ALA A 58 -7.54 5.82 -2.13
CA ALA A 58 -6.53 5.23 -3.06
C ALA A 58 -6.12 6.27 -4.09
N GLN A 59 -7.07 6.82 -4.81
CA GLN A 59 -6.72 7.85 -5.83
C GLN A 59 -5.72 8.83 -5.24
N ILE A 60 -5.76 9.04 -3.95
CA ILE A 60 -4.80 9.98 -3.30
C ILE A 60 -3.43 9.31 -3.22
N ILE A 61 -3.38 8.08 -2.78
CA ILE A 61 -2.08 7.38 -2.67
C ILE A 61 -1.38 7.38 -4.03
N ALA A 62 -2.14 7.49 -5.09
CA ALA A 62 -1.52 7.49 -6.44
C ALA A 62 -0.72 8.78 -6.64
N ASN A 63 -1.22 9.88 -6.15
CA ASN A 63 -0.49 11.17 -6.31
C ASN A 63 0.74 11.19 -5.41
N ASN A 64 0.91 10.18 -4.60
CA ASN A 64 2.10 10.14 -3.69
C ASN A 64 3.29 9.57 -4.44
N GLY A 65 3.07 8.93 -5.56
CA GLY A 65 4.20 8.35 -6.33
C GLY A 65 4.52 6.96 -5.80
N VAL A 66 3.99 6.61 -4.66
CA VAL A 66 4.28 5.27 -4.09
C VAL A 66 3.84 4.18 -5.08
N LYS A 67 4.77 3.66 -5.82
CA LYS A 67 4.41 2.59 -6.79
C LYS A 67 4.27 1.27 -6.03
N ALA A 68 4.60 1.27 -4.76
CA ALA A 68 4.49 0.01 -3.97
C ALA A 68 3.39 0.19 -2.91
N VAL A 69 2.38 -0.63 -2.94
CA VAL A 69 1.28 -0.49 -1.93
C VAL A 69 1.35 -1.65 -0.93
N ILE A 70 1.68 -1.36 0.30
CA ILE A 70 1.75 -2.45 1.31
C ILE A 70 0.47 -2.44 2.15
N ALA A 71 -0.46 -3.29 1.82
CA ALA A 71 -1.74 -3.32 2.60
C ALA A 71 -2.43 -4.67 2.41
N SER A 72 -3.45 -4.93 3.18
CA SER A 72 -4.17 -6.22 3.05
C SER A 72 -5.68 -5.95 3.04
N SER A 73 -6.11 -5.05 2.20
CA SER A 73 -7.56 -4.73 2.12
C SER A 73 -8.39 -6.01 2.21
N PRO A 74 -9.57 -5.89 2.76
CA PRO A 74 -10.50 -7.02 2.92
C PRO A 74 -11.20 -7.32 1.59
N GLY A 75 -11.48 -6.30 0.83
CA GLY A 75 -12.15 -6.52 -0.49
C GLY A 75 -11.15 -6.26 -1.61
N PRO A 76 -11.36 -6.89 -2.73
CA PRO A 76 -10.49 -6.75 -3.91
C PRO A 76 -10.78 -5.44 -4.65
N ASN A 77 -11.70 -4.66 -4.14
CA ASN A 77 -12.03 -3.36 -4.81
C ASN A 77 -10.78 -2.48 -4.87
N ALA A 78 -10.01 -2.43 -3.81
CA ALA A 78 -8.79 -1.59 -3.81
C ALA A 78 -7.80 -2.12 -4.85
N PHE A 79 -7.26 -3.29 -4.61
CA PHE A 79 -6.27 -3.86 -5.57
C PHE A 79 -6.88 -3.88 -6.99
N GLU A 80 -8.18 -3.79 -7.10
CA GLU A 80 -8.82 -3.80 -8.44
C GLU A 80 -8.51 -2.48 -9.16
N VAL A 81 -8.73 -1.37 -8.52
CA VAL A 81 -8.45 -0.07 -9.17
C VAL A 81 -6.95 0.10 -9.38
N LEU A 82 -6.15 -0.16 -8.37
CA LEU A 82 -4.69 -0.02 -8.52
C LEU A 82 -4.20 -0.88 -9.68
N ASN A 83 -4.89 -1.96 -9.96
CA ASN A 83 -4.47 -2.84 -11.09
C ASN A 83 -4.68 -2.11 -12.41
N GLU A 84 -5.76 -1.37 -12.52
CA GLU A 84 -6.02 -0.63 -13.79
C GLU A 84 -5.06 0.56 -13.90
N LEU A 85 -4.60 1.06 -12.79
CA LEU A 85 -3.66 2.22 -12.82
C LEU A 85 -2.30 1.77 -13.34
N GLY A 86 -1.88 0.58 -12.98
CA GLY A 86 -0.56 0.08 -13.46
C GLY A 86 0.44 0.14 -12.31
N ILE A 87 -0.03 0.34 -11.10
CA ILE A 87 0.91 0.41 -9.94
C ILE A 87 1.19 -1.01 -9.42
N LYS A 88 2.14 -1.15 -8.55
CA LYS A 88 2.47 -2.50 -8.01
C LYS A 88 1.80 -2.67 -6.64
N ILE A 89 1.00 -3.68 -6.48
CA ILE A 89 0.33 -3.88 -5.17
C ILE A 89 1.14 -4.87 -4.32
N TYR A 90 0.90 -4.89 -3.03
CA TYR A 90 1.65 -5.82 -2.14
C TYR A 90 0.76 -6.24 -0.97
N ARG A 91 0.73 -7.51 -0.67
CA ARG A 91 -0.13 -7.98 0.46
C ARG A 91 0.68 -7.94 1.76
N ALA A 92 0.19 -7.22 2.75
CA ALA A 92 0.93 -7.14 4.04
C ALA A 92 0.67 -8.40 4.87
N THR A 93 1.45 -9.43 4.68
CA THR A 93 1.24 -10.68 5.46
C THR A 93 2.59 -11.25 5.87
N GLY A 94 3.62 -10.44 5.89
CA GLY A 94 4.96 -10.94 6.29
C GLY A 94 5.01 -11.15 7.80
N THR A 95 5.14 -10.09 8.56
CA THR A 95 5.20 -10.24 10.04
C THR A 95 4.85 -8.89 10.69
N SER A 96 5.74 -7.94 10.59
CA SER A 96 5.46 -6.61 11.20
C SER A 96 5.78 -5.51 10.18
N VAL A 97 5.07 -4.41 10.23
CA VAL A 97 5.33 -3.31 9.27
C VAL A 97 6.84 -3.09 9.14
N GLU A 98 7.59 -3.39 10.17
CA GLU A 98 9.07 -3.20 10.10
C GLU A 98 9.67 -4.17 9.08
N GLU A 99 9.39 -5.43 9.19
CA GLU A 99 9.95 -6.41 8.22
C GLU A 99 9.27 -6.23 6.86
N ASN A 100 8.16 -5.56 6.82
CA ASN A 100 7.45 -5.35 5.53
C ASN A 100 8.18 -4.28 4.72
N LEU A 101 8.64 -3.24 5.36
CA LEU A 101 9.36 -2.17 4.62
C LEU A 101 10.61 -2.75 3.97
N LYS A 102 11.38 -3.51 4.71
CA LYS A 102 12.61 -4.11 4.13
C LYS A 102 12.23 -5.31 3.25
N LEU A 103 11.06 -5.86 3.46
CA LEU A 103 10.63 -7.03 2.64
C LEU A 103 10.42 -6.59 1.19
N PHE A 104 9.79 -5.47 0.98
CA PHE A 104 9.56 -4.99 -0.41
C PHE A 104 10.90 -4.77 -1.11
N THR A 105 11.92 -4.44 -0.37
CA THR A 105 13.25 -4.21 -0.99
C THR A 105 13.74 -5.50 -1.66
N GLU A 106 13.52 -6.62 -1.01
CA GLU A 106 13.98 -7.91 -1.60
C GLU A 106 12.89 -8.48 -2.51
N GLY A 107 11.81 -7.76 -2.69
CA GLY A 107 10.71 -8.26 -3.56
C GLY A 107 10.46 -9.74 -3.26
N ASN A 108 10.51 -10.12 -2.01
CA ASN A 108 10.27 -11.54 -1.65
C ASN A 108 8.86 -11.70 -1.06
N LEU A 109 8.21 -10.61 -0.76
CA LEU A 109 6.84 -10.70 -0.19
C LEU A 109 5.85 -11.10 -1.28
N GLU A 110 4.60 -10.86 -1.07
CA GLU A 110 3.58 -11.22 -2.10
C GLU A 110 3.28 -10.01 -2.97
N GLU A 111 3.63 -10.07 -4.22
CA GLU A 111 3.38 -8.91 -5.13
C GLU A 111 2.17 -9.22 -6.02
N ILE A 112 1.36 -8.22 -6.29
CA ILE A 112 0.17 -8.45 -7.15
C ILE A 112 0.13 -7.40 -8.25
N ARG A 113 0.22 -7.81 -9.49
CA ARG A 113 0.19 -6.83 -10.61
C ARG A 113 0.35 -7.56 -11.94
N SER A 114 -0.64 -8.28 -12.36
CA SER A 114 -0.54 -9.02 -13.66
C SER A 114 -1.82 -8.80 -14.47
N PRO A 115 -1.82 -7.76 -15.27
CA PRO A 115 -2.98 -7.41 -16.12
C PRO A 115 -3.02 -8.29 -17.37
N GLY A 116 -1.90 -8.49 -18.00
CA GLY A 116 -1.87 -9.34 -19.23
C GLY A 116 -2.33 -10.76 -18.90
N SER A 117 -1.59 -11.75 -19.32
CA SER A 117 -1.99 -13.16 -19.02
C SER A 117 -3.44 -13.39 -19.48
N GLY A 118 -3.64 -13.66 -20.73
CA GLY A 118 -5.02 -13.90 -21.24
C GLY A 118 -5.75 -12.57 -21.41
N ARG A 119 -5.12 -11.62 -22.06
CA ARG A 119 -5.79 -10.30 -22.27
C ARG A 119 -5.92 -10.03 -23.77
N GLY A 120 -6.72 -10.80 -24.45
CA GLY A 120 -6.89 -10.57 -25.92
C GLY A 120 -7.24 -11.90 -26.61
N ARG A 121 -6.29 -12.80 -26.69
CA ARG A 121 -6.56 -14.11 -27.36
C ARG A 121 -5.34 -15.01 -27.22
N ARG A 122 -5.33 -15.87 -26.24
CA ARG A 122 -4.17 -16.79 -26.05
C ARG A 122 -4.31 -17.97 -27.02
N ARG A 123 -3.86 -17.81 -28.22
CA ARG A 123 -3.97 -18.92 -29.21
C ARG A 123 -3.35 -20.18 -28.62
N ARG A 124 -4.06 -21.28 -28.65
CA ARG A 124 -3.50 -22.54 -28.09
C ARG A 124 -4.55 -23.66 -28.23
N MET A 1 9.72 5.20 -7.86
CA MET A 1 9.05 4.02 -7.23
C MET A 1 9.02 4.20 -5.71
N LYS A 2 8.01 4.82 -5.20
CA LYS A 2 7.93 5.02 -3.72
C LYS A 2 7.16 3.86 -3.09
N ILE A 3 7.39 3.59 -1.83
CA ILE A 3 6.68 2.46 -1.17
C ILE A 3 5.87 2.98 0.01
N ALA A 4 4.57 2.83 -0.04
CA ALA A 4 3.71 3.30 1.08
C ALA A 4 3.09 2.08 1.76
N ILE A 5 3.40 1.85 3.01
CA ILE A 5 2.84 0.66 3.72
C ILE A 5 1.70 1.11 4.64
N ALA A 6 0.61 0.39 4.63
CA ALA A 6 -0.53 0.76 5.51
C ALA A 6 -0.18 0.40 6.97
N SER A 7 -0.59 1.19 7.91
CA SER A 7 -0.27 0.89 9.32
C SER A 7 -1.35 1.47 10.23
N SER A 8 -1.50 0.94 11.42
CA SER A 8 -2.53 1.46 12.37
C SER A 8 -1.84 1.99 13.63
N GLY A 9 -0.54 1.92 13.67
CA GLY A 9 0.18 2.42 14.88
C GLY A 9 1.23 3.45 14.46
N THR A 10 2.27 3.60 15.25
CA THR A 10 3.33 4.58 14.88
C THR A 10 4.69 3.89 14.88
N ASP A 11 4.87 2.89 15.69
CA ASP A 11 6.18 2.19 15.73
C ASP A 11 6.19 1.17 16.87
N LEU A 12 5.70 1.56 18.02
CA LEU A 12 5.67 0.61 19.17
C LEU A 12 4.49 -0.34 19.04
N GLY A 13 3.76 -0.25 17.95
CA GLY A 13 2.58 -1.15 17.78
C GLY A 13 2.12 -1.12 16.33
N SER A 14 3.03 -0.92 15.40
CA SER A 14 2.62 -0.88 13.97
C SER A 14 2.38 -2.31 13.47
N GLU A 15 1.24 -2.87 13.77
CA GLU A 15 0.95 -4.26 13.31
C GLU A 15 0.58 -4.24 11.84
N VAL A 16 0.61 -3.10 11.21
CA VAL A 16 0.26 -3.02 9.76
C VAL A 16 -1.25 -3.18 9.59
N SER A 17 -1.99 -2.99 10.65
CA SER A 17 -3.47 -3.13 10.55
C SER A 17 -3.82 -4.55 10.09
N ARG A 18 -5.08 -4.89 10.02
CA ARG A 18 -5.47 -6.25 9.59
C ARG A 18 -6.10 -6.18 8.20
N PHE A 19 -6.84 -5.14 7.92
CA PHE A 19 -7.49 -5.02 6.59
C PHE A 19 -7.23 -3.62 6.03
N PHE A 20 -6.65 -3.53 4.87
CA PHE A 20 -6.37 -2.20 4.27
C PHE A 20 -7.69 -1.47 4.02
N GLY A 21 -8.08 -0.62 4.92
CA GLY A 21 -9.36 0.13 4.74
C GLY A 21 -9.15 1.60 5.13
N ARG A 22 -9.31 1.91 6.39
CA ARG A 22 -9.11 3.32 6.83
C ARG A 22 -7.91 3.39 7.77
N ALA A 23 -6.85 2.72 7.43
CA ALA A 23 -5.63 2.73 8.30
C ALA A 23 -5.39 4.17 8.80
N PRO A 24 -5.53 4.36 10.09
CA PRO A 24 -5.32 5.68 10.72
C PRO A 24 -3.82 5.95 10.93
N TYR A 25 -2.96 5.29 10.21
CA TYR A 25 -1.50 5.52 10.39
C TYR A 25 -0.76 5.04 9.14
N PHE A 26 -0.91 5.74 8.04
CA PHE A 26 -0.22 5.33 6.79
C PHE A 26 1.25 5.78 6.85
N MET A 27 2.16 4.87 6.65
CA MET A 27 3.61 5.24 6.69
C MET A 27 4.14 5.38 5.26
N ILE A 28 4.54 6.56 4.88
CA ILE A 28 5.07 6.76 3.50
C ILE A 28 6.60 6.69 3.52
N VAL A 29 7.17 5.93 2.63
CA VAL A 29 8.66 5.82 2.59
C VAL A 29 9.13 6.04 1.16
N GLU A 30 10.19 6.80 0.98
CA GLU A 30 10.69 7.05 -0.40
C GLU A 30 12.11 6.50 -0.55
N MET A 31 12.25 5.32 -1.06
CA MET A 31 13.60 4.73 -1.24
C MET A 31 14.23 5.28 -2.52
N LYS A 32 15.51 5.47 -2.55
CA LYS A 32 16.17 6.01 -3.77
C LYS A 32 16.80 4.87 -4.57
N LYS A 33 17.86 4.29 -4.07
CA LYS A 33 18.52 3.18 -4.82
C LYS A 33 18.94 2.08 -3.84
N GLY A 34 17.98 1.45 -3.20
CA GLY A 34 18.31 0.36 -2.24
C GLY A 34 18.77 0.96 -0.91
N ASN A 35 18.25 2.09 -0.54
CA ASN A 35 18.65 2.72 0.75
C ASN A 35 17.59 3.71 1.19
N ILE A 36 16.71 3.31 2.06
CA ILE A 36 15.64 4.23 2.54
C ILE A 36 16.25 5.60 2.83
N GLU A 37 15.65 6.65 2.36
CA GLU A 37 16.21 8.02 2.62
C GLU A 37 15.11 8.94 3.15
N SER A 38 14.04 8.39 3.64
CA SER A 38 12.93 9.23 4.17
C SER A 38 11.76 8.35 4.58
N SER A 39 11.26 8.55 5.78
CA SER A 39 10.11 7.73 6.25
C SER A 39 9.25 8.55 7.22
N GLU A 40 8.10 8.97 6.79
CA GLU A 40 7.23 9.78 7.69
C GLU A 40 5.90 9.03 7.93
N VAL A 41 5.17 9.44 8.93
CA VAL A 41 3.87 8.75 9.22
C VAL A 41 2.74 9.79 9.22
N ILE A 42 1.57 9.39 8.82
CA ILE A 42 0.42 10.34 8.80
C ILE A 42 -0.85 9.61 9.25
N GLU A 43 -1.80 10.33 9.78
CA GLU A 43 -3.07 9.68 10.23
C GLU A 43 -4.11 9.75 9.11
N ASN A 44 -3.89 9.03 8.05
CA ASN A 44 -4.86 9.05 6.92
C ASN A 44 -5.12 10.49 6.49
N PRO A 45 -4.36 10.95 5.53
CA PRO A 45 -4.48 12.31 4.98
C PRO A 45 -5.68 12.41 4.05
N SER A 46 -6.69 13.13 4.43
CA SER A 46 -7.89 13.26 3.57
C SER A 46 -8.40 11.87 3.17
N ALA A 47 -8.03 10.86 3.91
CA ALA A 47 -8.48 9.49 3.57
C ALA A 47 -10.00 9.40 3.76
N SER A 48 -10.56 10.21 4.62
CA SER A 48 -12.03 10.16 4.85
C SER A 48 -12.57 11.59 4.93
N ALA A 49 -12.16 12.44 4.03
CA ALA A 49 -12.66 13.85 4.05
C ALA A 49 -14.18 13.86 3.96
N SER A 50 -14.74 13.08 3.08
CA SER A 50 -16.23 13.06 2.95
C SER A 50 -16.76 11.68 3.33
N GLY A 51 -16.07 10.98 4.19
CA GLY A 51 -16.53 9.62 4.59
C GLY A 51 -16.16 8.61 3.51
N GLY A 52 -17.02 7.67 3.25
CA GLY A 52 -16.72 6.64 2.21
C GLY A 52 -16.39 5.31 2.89
N ALA A 53 -15.27 4.71 2.54
CA ALA A 53 -14.90 3.42 3.16
C ALA A 53 -13.37 3.28 3.20
N GLY A 54 -12.74 3.36 2.06
CA GLY A 54 -11.25 3.24 2.04
C GLY A 54 -10.79 2.81 0.64
N ILE A 55 -11.67 2.24 -0.13
CA ILE A 55 -11.28 1.81 -1.51
C ILE A 55 -11.07 3.04 -2.39
N ARG A 56 -11.96 3.98 -2.32
CA ARG A 56 -11.81 5.21 -3.16
C ARG A 56 -10.54 5.96 -2.74
N THR A 57 -10.20 5.91 -1.48
CA THR A 57 -8.97 6.62 -1.01
C THR A 57 -7.76 6.09 -1.75
N ALA A 58 -7.83 4.89 -2.27
CA ALA A 58 -6.67 4.32 -3.01
C ALA A 58 -6.24 5.28 -4.11
N GLN A 59 -7.16 5.71 -4.93
CA GLN A 59 -6.80 6.65 -6.03
C GLN A 59 -5.91 7.77 -5.47
N ILE A 60 -6.26 8.31 -4.34
CA ILE A 60 -5.44 9.40 -3.75
C ILE A 60 -4.05 8.88 -3.42
N ILE A 61 -3.96 7.68 -2.91
CA ILE A 61 -2.62 7.11 -2.58
C ILE A 61 -1.83 6.88 -3.86
N ALA A 62 -2.50 6.80 -4.98
CA ALA A 62 -1.77 6.59 -6.27
C ALA A 62 -1.11 7.89 -6.72
N ASN A 63 -1.76 9.00 -6.49
CA ASN A 63 -1.18 10.30 -6.92
C ASN A 63 -0.05 10.70 -5.95
N ASN A 64 0.22 9.89 -4.97
CA ASN A 64 1.29 10.23 -4.00
C ASN A 64 2.65 9.81 -4.58
N GLY A 65 2.65 9.12 -5.69
CA GLY A 65 3.94 8.68 -6.28
C GLY A 65 4.25 7.25 -5.85
N VAL A 66 3.71 6.83 -4.74
CA VAL A 66 3.97 5.45 -4.25
C VAL A 66 3.51 4.43 -5.29
N LYS A 67 4.39 4.01 -6.15
CA LYS A 67 3.99 3.01 -7.18
C LYS A 67 3.97 1.62 -6.54
N ALA A 68 4.34 1.53 -5.29
CA ALA A 68 4.32 0.21 -4.61
C ALA A 68 3.70 0.37 -3.22
N VAL A 69 2.47 -0.04 -3.05
CA VAL A 69 1.81 0.10 -1.72
C VAL A 69 1.60 -1.28 -1.09
N ILE A 70 2.01 -1.44 0.14
CA ILE A 70 1.82 -2.76 0.81
C ILE A 70 0.50 -2.74 1.58
N ALA A 71 -0.40 -3.63 1.24
CA ALA A 71 -1.71 -3.66 1.95
C ALA A 71 -2.34 -5.04 1.81
N SER A 72 -3.47 -5.25 2.42
CA SER A 72 -4.14 -6.58 2.33
C SER A 72 -5.65 -6.41 2.51
N SER A 73 -6.25 -5.52 1.76
CA SER A 73 -7.72 -5.31 1.89
C SER A 73 -8.42 -6.66 1.98
N PRO A 74 -9.68 -6.63 2.34
CA PRO A 74 -10.50 -7.84 2.46
C PRO A 74 -10.97 -8.32 1.09
N GLY A 75 -10.63 -7.60 0.05
CA GLY A 75 -11.05 -8.01 -1.31
C GLY A 75 -10.20 -7.28 -2.35
N PRO A 76 -10.31 -7.73 -3.58
CA PRO A 76 -9.55 -7.13 -4.71
C PRO A 76 -10.22 -5.84 -5.19
N ASN A 77 -11.19 -5.36 -4.48
CA ASN A 77 -11.87 -4.10 -4.88
C ASN A 77 -10.85 -2.97 -4.96
N ALA A 78 -9.99 -2.86 -3.99
CA ALA A 78 -8.98 -1.76 -4.01
C ALA A 78 -7.85 -2.12 -4.99
N PHE A 79 -7.33 -3.30 -4.89
CA PHE A 79 -6.22 -3.71 -5.81
C PHE A 79 -6.67 -3.51 -7.27
N GLU A 80 -7.95 -3.45 -7.50
CA GLU A 80 -8.43 -3.27 -8.91
C GLU A 80 -8.25 -1.81 -9.34
N VAL A 81 -8.64 -0.88 -8.51
CA VAL A 81 -8.48 0.55 -8.88
C VAL A 81 -6.99 0.89 -9.02
N LEU A 82 -6.21 0.56 -8.03
CA LEU A 82 -4.74 0.86 -8.10
C LEU A 82 -4.16 0.25 -9.37
N ASN A 83 -4.47 -0.98 -9.65
CA ASN A 83 -3.93 -1.62 -10.88
C ASN A 83 -4.32 -0.80 -12.11
N GLU A 84 -5.54 -0.33 -12.16
CA GLU A 84 -5.97 0.47 -13.33
C GLU A 84 -5.05 1.67 -13.51
N LEU A 85 -4.80 2.41 -12.47
CA LEU A 85 -3.90 3.59 -12.58
C LEU A 85 -2.52 3.14 -13.03
N GLY A 86 -2.14 1.93 -12.71
CA GLY A 86 -0.80 1.43 -13.13
C GLY A 86 0.09 1.23 -11.90
N ILE A 87 -0.47 1.31 -10.72
CA ILE A 87 0.35 1.13 -9.49
C ILE A 87 0.27 -0.33 -9.04
N LYS A 88 1.33 -0.83 -8.46
CA LYS A 88 1.30 -2.26 -8.00
C LYS A 88 1.15 -2.30 -6.48
N ILE A 89 0.64 -3.39 -5.96
CA ILE A 89 0.47 -3.50 -4.48
C ILE A 89 0.91 -4.89 -4.02
N TYR A 90 1.57 -4.97 -2.90
CA TYR A 90 2.04 -6.30 -2.39
C TYR A 90 1.12 -6.77 -1.27
N ARG A 91 1.23 -8.01 -0.88
CA ARG A 91 0.35 -8.54 0.21
C ARG A 91 0.99 -8.23 1.57
N ALA A 92 0.22 -7.68 2.48
CA ALA A 92 0.77 -7.37 3.82
C ALA A 92 0.63 -8.59 4.74
N THR A 93 1.71 -9.14 5.19
CA THR A 93 1.63 -10.33 6.08
C THR A 93 0.89 -9.95 7.37
N GLY A 94 0.93 -8.70 7.73
CA GLY A 94 0.23 -8.27 8.97
C GLY A 94 1.19 -8.33 10.16
N THR A 95 2.47 -8.36 9.89
CA THR A 95 3.47 -8.41 11.00
C THR A 95 3.78 -6.99 11.48
N SER A 96 4.55 -6.27 10.71
CA SER A 96 4.90 -4.88 11.13
C SER A 96 5.25 -4.06 9.88
N VAL A 97 4.90 -2.81 9.86
CA VAL A 97 5.23 -1.96 8.68
C VAL A 97 6.74 -1.73 8.61
N GLU A 98 7.39 -1.60 9.73
CA GLU A 98 8.86 -1.38 9.72
C GLU A 98 9.55 -2.56 9.03
N GLU A 99 9.05 -3.75 9.26
CA GLU A 99 9.67 -4.94 8.61
C GLU A 99 9.35 -4.94 7.12
N ASN A 100 8.09 -4.79 6.78
CA ASN A 100 7.71 -4.79 5.34
C ASN A 100 8.61 -3.82 4.57
N LEU A 101 9.01 -2.74 5.19
CA LEU A 101 9.89 -1.75 4.50
C LEU A 101 11.12 -2.47 3.94
N LYS A 102 11.85 -3.17 4.77
CA LYS A 102 13.07 -3.87 4.27
C LYS A 102 12.65 -5.09 3.44
N LEU A 103 11.44 -5.56 3.61
CA LEU A 103 10.99 -6.75 2.84
C LEU A 103 10.76 -6.35 1.38
N PHE A 104 10.49 -5.10 1.13
CA PHE A 104 10.26 -4.66 -0.27
C PHE A 104 11.59 -4.69 -1.03
N THR A 105 12.66 -4.34 -0.39
CA THR A 105 13.99 -4.36 -1.07
C THR A 105 14.46 -5.81 -1.22
N GLU A 106 14.00 -6.68 -0.36
CA GLU A 106 14.43 -8.11 -0.46
C GLU A 106 13.63 -8.82 -1.55
N GLY A 107 12.51 -8.26 -1.94
CA GLY A 107 11.68 -8.90 -3.00
C GLY A 107 10.92 -10.08 -2.41
N ASN A 108 10.69 -10.07 -1.13
CA ASN A 108 9.95 -11.21 -0.50
C ASN A 108 8.46 -10.88 -0.46
N LEU A 109 8.11 -9.66 -0.20
CA LEU A 109 6.67 -9.28 -0.15
C LEU A 109 6.19 -8.89 -1.55
N GLU A 110 5.22 -9.58 -2.08
CA GLU A 110 4.72 -9.25 -3.44
C GLU A 110 3.23 -9.60 -3.54
N GLU A 111 2.60 -9.25 -4.63
CA GLU A 111 1.15 -9.57 -4.78
C GLU A 111 0.67 -9.16 -6.16
N ILE A 112 -0.15 -8.16 -6.25
CA ILE A 112 -0.67 -7.74 -7.59
C ILE A 112 0.33 -6.79 -8.26
N ARG A 113 0.60 -7.01 -9.51
CA ARG A 113 1.56 -6.12 -10.24
C ARG A 113 0.95 -5.71 -11.58
N SER A 114 1.68 -4.96 -12.36
CA SER A 114 1.14 -4.52 -13.68
C SER A 114 1.12 -5.70 -14.66
N PRO A 115 0.25 -5.63 -15.62
CA PRO A 115 0.11 -6.68 -16.64
C PRO A 115 1.22 -6.56 -17.68
N GLY A 116 1.48 -5.38 -18.16
CA GLY A 116 2.56 -5.21 -19.18
C GLY A 116 3.57 -4.18 -18.67
N SER A 117 3.80 -3.13 -19.42
CA SER A 117 4.78 -2.10 -18.98
C SER A 117 4.89 -1.01 -20.06
N GLY A 118 3.81 -0.68 -20.70
CA GLY A 118 3.87 0.36 -21.77
C GLY A 118 3.01 -0.08 -22.96
N ARG A 119 3.63 -0.39 -24.06
CA ARG A 119 2.84 -0.83 -25.25
C ARG A 119 2.39 -2.28 -25.06
N GLY A 120 1.12 -2.52 -25.02
CA GLY A 120 0.63 -3.91 -24.83
C GLY A 120 -0.81 -4.03 -25.35
N ARG A 121 -1.04 -4.92 -26.28
CA ARG A 121 -2.41 -5.09 -26.82
C ARG A 121 -3.08 -6.28 -26.12
N ARG A 122 -4.33 -6.14 -25.77
CA ARG A 122 -5.03 -7.26 -25.07
C ARG A 122 -6.45 -7.39 -25.62
N ARG A 123 -6.86 -8.60 -25.92
CA ARG A 123 -8.24 -8.81 -26.45
C ARG A 123 -8.82 -10.08 -25.82
N ARG A 124 -8.36 -10.46 -24.67
CA ARG A 124 -8.88 -11.68 -24.01
C ARG A 124 -8.77 -11.53 -22.49
N MET A 1 10.51 5.24 -7.21
CA MET A 1 9.27 4.53 -6.73
C MET A 1 9.07 4.84 -5.24
N LYS A 2 7.87 4.65 -4.76
CA LYS A 2 7.61 4.93 -3.31
C LYS A 2 6.86 3.76 -2.69
N ILE A 3 7.13 3.44 -1.46
CA ILE A 3 6.44 2.30 -0.80
C ILE A 3 5.65 2.82 0.40
N ALA A 4 4.35 2.91 0.28
CA ALA A 4 3.52 3.40 1.41
C ALA A 4 2.78 2.22 2.03
N ILE A 5 3.05 1.91 3.27
CA ILE A 5 2.35 0.77 3.93
C ILE A 5 1.15 1.29 4.70
N ALA A 6 -0.03 0.83 4.37
CA ALA A 6 -1.26 1.30 5.09
C ALA A 6 -1.15 0.92 6.57
N SER A 7 -1.75 1.69 7.43
CA SER A 7 -1.69 1.38 8.89
C SER A 7 -0.22 1.21 9.32
N SER A 8 0.02 1.13 10.60
CA SER A 8 1.41 0.97 11.08
C SER A 8 1.48 1.34 12.57
N GLY A 9 0.71 2.31 12.99
CA GLY A 9 0.72 2.72 14.42
C GLY A 9 1.97 3.53 14.71
N THR A 10 2.69 3.91 13.69
CA THR A 10 3.93 4.71 13.91
C THR A 10 4.93 3.90 14.74
N ASP A 11 4.73 2.62 14.84
CA ASP A 11 5.66 1.76 15.64
C ASP A 11 5.32 0.29 15.45
N LEU A 12 5.86 -0.57 16.26
CA LEU A 12 5.56 -2.02 16.12
C LEU A 12 4.21 -2.34 16.77
N GLY A 13 3.57 -1.35 17.34
CA GLY A 13 2.25 -1.59 17.99
C GLY A 13 1.26 -2.12 16.95
N SER A 14 0.98 -1.34 15.94
CA SER A 14 0.01 -1.80 14.89
C SER A 14 0.71 -2.80 13.97
N GLU A 15 0.77 -4.04 14.35
CA GLU A 15 1.43 -5.07 13.49
C GLU A 15 0.54 -5.35 12.28
N VAL A 16 0.62 -4.53 11.26
CA VAL A 16 -0.22 -4.75 10.06
C VAL A 16 -1.69 -4.63 10.44
N SER A 17 -2.11 -3.46 10.87
CA SER A 17 -3.54 -3.29 11.26
C SER A 17 -4.44 -3.96 10.23
N ARG A 18 -5.65 -4.27 10.60
CA ARG A 18 -6.58 -4.93 9.64
C ARG A 18 -7.46 -3.86 8.98
N PHE A 19 -6.95 -2.67 8.82
CA PHE A 19 -7.76 -1.59 8.19
C PHE A 19 -6.97 -0.97 7.04
N PHE A 20 -7.63 -0.33 6.12
CA PHE A 20 -6.92 0.29 4.97
C PHE A 20 -7.41 1.72 4.75
N GLY A 21 -8.67 1.98 5.03
CA GLY A 21 -9.20 3.36 4.83
C GLY A 21 -9.29 4.08 6.18
N ARG A 22 -9.63 3.38 7.22
CA ARG A 22 -9.74 4.04 8.56
C ARG A 22 -8.36 4.08 9.22
N ALA A 23 -7.50 3.17 8.87
CA ALA A 23 -6.13 3.16 9.47
C ALA A 23 -5.59 4.59 9.57
N PRO A 24 -5.63 5.14 10.75
CA PRO A 24 -5.15 6.50 11.01
C PRO A 24 -3.62 6.52 11.17
N TYR A 25 -2.92 5.77 10.34
CA TYR A 25 -1.43 5.74 10.45
C TYR A 25 -0.85 5.27 9.11
N PHE A 26 -0.96 6.09 8.09
CA PHE A 26 -0.41 5.69 6.77
C PHE A 26 1.08 6.00 6.72
N MET A 27 1.91 5.00 6.59
CA MET A 27 3.37 5.24 6.54
C MET A 27 3.83 5.36 5.08
N ILE A 28 4.61 6.35 4.75
CA ILE A 28 5.07 6.51 3.35
C ILE A 28 6.60 6.71 3.35
N VAL A 29 7.32 5.79 2.75
CA VAL A 29 8.79 5.91 2.71
C VAL A 29 9.28 5.85 1.26
N GLU A 30 10.08 6.79 0.84
CA GLU A 30 10.58 6.78 -0.56
C GLU A 30 11.99 6.17 -0.61
N MET A 31 12.09 4.92 -0.96
CA MET A 31 13.43 4.28 -1.03
C MET A 31 14.11 4.64 -2.36
N LYS A 32 15.35 5.01 -2.32
CA LYS A 32 16.05 5.38 -3.59
C LYS A 32 16.90 4.20 -4.08
N LYS A 33 17.94 3.87 -3.36
CA LYS A 33 18.79 2.72 -3.80
C LYS A 33 19.01 1.78 -2.61
N GLY A 34 18.06 0.92 -2.34
CA GLY A 34 18.23 -0.03 -1.21
C GLY A 34 18.59 0.73 0.06
N ASN A 35 18.18 1.97 0.17
CA ASN A 35 18.50 2.75 1.38
C ASN A 35 17.36 3.74 1.67
N ILE A 36 16.59 3.49 2.70
CA ILE A 36 15.47 4.42 3.02
C ILE A 36 15.98 5.87 3.01
N GLU A 37 15.75 6.58 1.94
CA GLU A 37 16.23 7.98 1.86
C GLU A 37 15.09 8.93 2.25
N SER A 38 14.01 8.39 2.74
CA SER A 38 12.86 9.27 3.13
C SER A 38 11.84 8.46 3.92
N SER A 39 11.53 8.87 5.12
CA SER A 39 10.54 8.11 5.93
C SER A 39 9.65 9.10 6.70
N GLU A 40 8.41 9.23 6.31
CA GLU A 40 7.51 10.18 7.01
C GLU A 40 6.18 9.48 7.31
N VAL A 41 5.63 9.69 8.47
CA VAL A 41 4.34 9.03 8.82
C VAL A 41 3.19 10.01 8.60
N ILE A 42 2.00 9.52 8.36
CA ILE A 42 0.85 10.42 8.14
C ILE A 42 -0.33 9.95 8.99
N GLU A 43 -0.99 10.86 9.67
CA GLU A 43 -2.14 10.45 10.52
C GLU A 43 -3.43 10.53 9.69
N ASN A 44 -3.76 9.49 8.98
CA ASN A 44 -5.00 9.50 8.15
C ASN A 44 -6.14 10.14 8.96
N PRO A 45 -6.42 11.38 8.65
CA PRO A 45 -7.49 12.14 9.34
C PRO A 45 -8.87 11.75 8.80
N SER A 46 -9.87 12.51 9.12
CA SER A 46 -11.24 12.18 8.62
C SER A 46 -11.62 10.77 9.07
N ALA A 47 -11.20 10.38 10.25
CA ALA A 47 -11.54 9.01 10.74
C ALA A 47 -12.99 8.98 11.21
N SER A 48 -13.44 10.02 11.86
CA SER A 48 -14.85 10.03 12.34
C SER A 48 -15.76 10.49 11.20
N ALA A 49 -15.26 11.26 10.29
CA ALA A 49 -16.10 11.74 9.15
C ALA A 49 -16.06 10.70 8.03
N SER A 50 -17.12 10.63 7.26
CA SER A 50 -17.16 9.64 6.14
C SER A 50 -17.40 10.36 4.81
N GLY A 51 -16.64 10.05 3.80
CA GLY A 51 -16.84 10.72 2.49
C GLY A 51 -16.52 9.73 1.37
N GLY A 52 -16.73 8.47 1.59
CA GLY A 52 -16.44 7.45 0.54
C GLY A 52 -16.66 6.05 1.11
N ALA A 53 -15.67 5.53 1.79
CA ALA A 53 -15.81 4.15 2.37
C ALA A 53 -14.45 3.65 2.83
N GLY A 54 -13.40 4.07 2.18
CA GLY A 54 -12.04 3.61 2.58
C GLY A 54 -11.23 3.25 1.33
N ILE A 55 -11.79 2.46 0.46
CA ILE A 55 -11.05 2.07 -0.78
C ILE A 55 -10.70 3.33 -1.59
N ARG A 56 -11.32 4.44 -1.27
CA ARG A 56 -11.03 5.69 -2.03
C ARG A 56 -9.57 6.11 -1.79
N THR A 57 -9.07 5.92 -0.60
CA THR A 57 -7.67 6.31 -0.31
C THR A 57 -6.76 5.87 -1.46
N ALA A 58 -7.07 4.76 -2.09
CA ALA A 58 -6.22 4.29 -3.21
C ALA A 58 -6.02 5.42 -4.23
N GLN A 59 -7.08 6.02 -4.68
CA GLN A 59 -6.94 7.13 -5.67
C GLN A 59 -6.00 8.20 -5.12
N ILE A 60 -6.00 8.43 -3.85
CA ILE A 60 -5.10 9.46 -3.26
C ILE A 60 -3.64 9.00 -3.36
N ILE A 61 -3.29 7.96 -2.66
CA ILE A 61 -1.89 7.46 -2.72
C ILE A 61 -1.46 7.27 -4.18
N ALA A 62 -2.41 7.14 -5.07
CA ALA A 62 -2.05 6.95 -6.50
C ALA A 62 -1.49 8.25 -7.08
N ASN A 63 -2.15 9.35 -6.82
CA ASN A 63 -1.66 10.65 -7.36
C ASN A 63 -0.47 11.14 -6.52
N ASN A 64 -0.06 10.37 -5.54
CA ASN A 64 1.08 10.80 -4.70
C ASN A 64 2.38 10.18 -5.23
N GLY A 65 2.29 9.37 -6.25
CA GLY A 65 3.52 8.73 -6.81
C GLY A 65 3.72 7.36 -6.17
N VAL A 66 3.02 7.09 -5.10
CA VAL A 66 3.17 5.76 -4.43
C VAL A 66 3.04 4.64 -5.46
N LYS A 67 4.14 4.23 -6.03
CA LYS A 67 4.09 3.14 -7.04
C LYS A 67 3.97 1.80 -6.30
N ALA A 68 4.09 1.82 -5.00
CA ALA A 68 4.00 0.55 -4.23
C ALA A 68 3.03 0.75 -3.07
N VAL A 69 2.00 -0.06 -2.99
CA VAL A 69 1.02 0.09 -1.87
C VAL A 69 0.96 -1.21 -1.06
N ILE A 70 1.51 -1.21 0.12
CA ILE A 70 1.47 -2.44 0.96
C ILE A 70 0.13 -2.48 1.70
N ALA A 71 -0.77 -3.32 1.26
CA ALA A 71 -2.10 -3.39 1.96
C ALA A 71 -2.59 -4.84 1.96
N SER A 72 -3.67 -5.11 2.63
CA SER A 72 -4.22 -6.49 2.68
C SER A 72 -5.74 -6.44 2.72
N SER A 73 -6.34 -5.54 1.97
CA SER A 73 -7.82 -5.43 1.98
C SER A 73 -8.44 -6.83 1.88
N PRO A 74 -9.60 -6.97 2.46
CA PRO A 74 -10.34 -8.26 2.47
C PRO A 74 -11.04 -8.47 1.13
N GLY A 75 -10.81 -7.59 0.19
CA GLY A 75 -11.47 -7.75 -1.15
C GLY A 75 -10.52 -7.28 -2.25
N PRO A 76 -10.63 -7.90 -3.40
CA PRO A 76 -9.78 -7.58 -4.57
C PRO A 76 -10.30 -6.32 -5.28
N ASN A 77 -11.21 -5.61 -4.67
CA ASN A 77 -11.75 -4.37 -5.31
C ASN A 77 -10.70 -3.27 -5.26
N ALA A 78 -9.94 -3.20 -4.20
CA ALA A 78 -8.92 -2.12 -4.09
C ALA A 78 -7.80 -2.38 -5.11
N PHE A 79 -7.28 -3.58 -5.14
CA PHE A 79 -6.19 -3.89 -6.11
C PHE A 79 -6.73 -3.79 -7.54
N GLU A 80 -8.03 -3.83 -7.69
CA GLU A 80 -8.62 -3.75 -9.06
C GLU A 80 -8.38 -2.35 -9.63
N VAL A 81 -8.70 -1.33 -8.87
CA VAL A 81 -8.49 0.06 -9.38
C VAL A 81 -6.99 0.36 -9.43
N LEU A 82 -6.26 -0.01 -8.40
CA LEU A 82 -4.80 0.28 -8.40
C LEU A 82 -4.18 -0.20 -9.71
N ASN A 83 -4.47 -1.41 -10.11
CA ASN A 83 -3.90 -1.92 -11.39
C ASN A 83 -4.39 -1.05 -12.55
N GLU A 84 -5.59 -0.56 -12.47
CA GLU A 84 -6.12 0.31 -13.56
C GLU A 84 -5.34 1.62 -13.61
N LEU A 85 -4.77 2.02 -12.50
CA LEU A 85 -3.99 3.30 -12.49
C LEU A 85 -2.50 2.98 -12.66
N GLY A 86 -2.18 1.81 -13.12
CA GLY A 86 -0.75 1.45 -13.30
C GLY A 86 -0.01 1.59 -11.98
N ILE A 87 -0.39 0.83 -10.98
CA ILE A 87 0.30 0.93 -9.67
C ILE A 87 0.65 -0.48 -9.17
N LYS A 88 1.77 -0.63 -8.50
CA LYS A 88 2.16 -1.97 -7.99
C LYS A 88 1.44 -2.24 -6.67
N ILE A 89 0.73 -3.34 -6.59
CA ILE A 89 0.01 -3.65 -5.33
C ILE A 89 0.74 -4.77 -4.57
N TYR A 90 1.01 -4.56 -3.31
CA TYR A 90 1.73 -5.59 -2.52
C TYR A 90 0.81 -6.12 -1.41
N ARG A 91 1.06 -7.29 -0.91
CA ARG A 91 0.20 -7.85 0.17
C ARG A 91 0.84 -7.56 1.53
N ALA A 92 0.05 -7.28 2.52
CA ALA A 92 0.60 -6.99 3.88
C ALA A 92 0.25 -8.15 4.82
N THR A 93 1.07 -9.16 4.85
CA THR A 93 0.78 -10.32 5.75
C THR A 93 2.11 -10.95 6.20
N GLY A 94 3.16 -10.18 6.22
CA GLY A 94 4.47 -10.73 6.64
C GLY A 94 4.53 -10.84 8.17
N THR A 95 4.63 -9.72 8.85
CA THR A 95 4.70 -9.75 10.33
C THR A 95 4.46 -8.35 10.90
N SER A 96 5.10 -7.36 10.34
CA SER A 96 4.91 -5.98 10.86
C SER A 96 5.07 -4.97 9.71
N VAL A 97 4.61 -3.77 9.91
CA VAL A 97 4.73 -2.73 8.84
C VAL A 97 6.17 -2.21 8.81
N GLU A 98 6.76 -2.01 9.95
CA GLU A 98 8.15 -1.49 9.99
C GLU A 98 9.09 -2.45 9.25
N GLU A 99 9.02 -3.72 9.55
CA GLU A 99 9.91 -4.69 8.86
C GLU A 99 9.44 -4.89 7.42
N ASN A 100 8.16 -4.80 7.19
CA ASN A 100 7.64 -4.99 5.81
C ASN A 100 8.30 -3.98 4.86
N LEU A 101 8.41 -2.75 5.29
CA LEU A 101 9.05 -1.72 4.42
C LEU A 101 10.39 -2.23 3.90
N LYS A 102 11.18 -2.83 4.76
CA LYS A 102 12.50 -3.35 4.31
C LYS A 102 12.32 -4.61 3.48
N LEU A 103 11.30 -5.38 3.76
CA LEU A 103 11.08 -6.64 2.98
C LEU A 103 10.72 -6.29 1.54
N PHE A 104 10.21 -5.11 1.32
CA PHE A 104 9.84 -4.71 -0.07
C PHE A 104 11.08 -4.78 -0.97
N THR A 105 12.17 -4.21 -0.52
CA THR A 105 13.41 -4.24 -1.34
C THR A 105 13.89 -5.69 -1.47
N GLU A 106 13.79 -6.45 -0.42
CA GLU A 106 14.25 -7.87 -0.48
C GLU A 106 13.28 -8.68 -1.35
N GLY A 107 12.20 -8.08 -1.76
CA GLY A 107 11.22 -8.82 -2.62
C GLY A 107 10.77 -10.09 -1.90
N ASN A 108 10.74 -10.06 -0.59
CA ASN A 108 10.32 -11.26 0.18
C ASN A 108 8.80 -11.31 0.27
N LEU A 109 8.16 -10.17 0.24
CA LEU A 109 6.67 -10.15 0.32
C LEU A 109 6.10 -9.13 -0.65
N GLU A 110 5.04 -9.46 -1.32
CA GLU A 110 4.44 -8.50 -2.29
C GLU A 110 3.09 -9.04 -2.78
N GLU A 111 2.70 -8.69 -3.98
CA GLU A 111 1.40 -9.18 -4.49
C GLU A 111 1.34 -8.99 -6.01
N ILE A 112 0.51 -8.12 -6.48
CA ILE A 112 0.41 -7.89 -7.95
C ILE A 112 1.50 -6.91 -8.38
N ARG A 113 2.66 -7.41 -8.74
CA ARG A 113 3.75 -6.51 -9.19
C ARG A 113 3.34 -5.78 -10.47
N SER A 114 3.05 -6.53 -11.51
CA SER A 114 2.65 -5.87 -12.79
C SER A 114 2.31 -6.96 -13.82
N PRO A 115 1.35 -6.66 -14.66
CA PRO A 115 0.90 -7.58 -15.71
C PRO A 115 1.88 -7.56 -16.89
N GLY A 116 1.61 -8.33 -17.91
CA GLY A 116 2.53 -8.36 -19.09
C GLY A 116 3.63 -9.40 -18.86
N SER A 117 3.39 -10.34 -17.98
CA SER A 117 4.42 -11.38 -17.71
C SER A 117 3.77 -12.59 -17.05
N GLY A 118 2.82 -12.36 -16.17
CA GLY A 118 2.15 -13.51 -15.50
C GLY A 118 0.80 -13.77 -16.16
N ARG A 119 0.62 -13.30 -17.36
CA ARG A 119 -0.68 -13.52 -18.05
C ARG A 119 -0.90 -15.01 -18.28
N GLY A 120 -2.09 -15.50 -18.05
CA GLY A 120 -2.36 -16.95 -18.25
C GLY A 120 -2.69 -17.21 -19.71
N ARG A 121 -3.40 -18.28 -19.99
CA ARG A 121 -3.76 -18.58 -21.41
C ARG A 121 -5.16 -19.20 -21.45
N ARG A 122 -6.18 -18.40 -21.51
CA ARG A 122 -7.56 -18.94 -21.56
C ARG A 122 -7.99 -19.09 -23.03
N ARG A 123 -9.14 -19.67 -23.27
CA ARG A 123 -9.60 -19.84 -24.66
C ARG A 123 -10.96 -19.16 -24.84
N ARG A 124 -10.96 -17.89 -25.12
CA ARG A 124 -12.25 -17.16 -25.31
C ARG A 124 -12.29 -16.54 -26.71
N MET A 1 9.30 5.10 -7.66
CA MET A 1 9.77 4.01 -6.75
C MET A 1 9.54 4.42 -5.30
N LYS A 2 8.30 4.58 -4.91
CA LYS A 2 8.01 4.98 -3.51
C LYS A 2 7.18 3.89 -2.83
N ILE A 3 7.38 3.67 -1.56
CA ILE A 3 6.61 2.62 -0.85
C ILE A 3 5.79 3.25 0.28
N ALA A 4 4.49 3.27 0.14
CA ALA A 4 3.63 3.86 1.21
C ALA A 4 2.78 2.76 1.83
N ILE A 5 2.86 2.57 3.11
CA ILE A 5 2.05 1.51 3.77
C ILE A 5 0.81 2.15 4.40
N ALA A 6 -0.31 1.47 4.35
CA ALA A 6 -1.55 2.04 4.94
C ALA A 6 -1.56 1.80 6.46
N SER A 7 -2.27 2.60 7.19
CA SER A 7 -2.33 2.41 8.67
C SER A 7 -0.91 2.35 9.23
N SER A 8 -0.34 1.19 9.31
CA SER A 8 1.05 1.07 9.85
C SER A 8 1.07 1.52 11.31
N GLY A 9 -0.05 1.46 11.98
CA GLY A 9 -0.08 1.89 13.40
C GLY A 9 0.68 3.21 13.57
N THR A 10 1.85 3.15 14.16
CA THR A 10 2.64 4.40 14.35
C THR A 10 4.13 4.05 14.40
N ASP A 11 4.60 3.52 15.50
CA ASP A 11 6.03 3.15 15.60
C ASP A 11 6.23 2.12 16.70
N LEU A 12 5.59 2.31 17.83
CA LEU A 12 5.74 1.33 18.95
C LEU A 12 4.62 0.28 18.85
N GLY A 13 3.76 0.39 17.88
CA GLY A 13 2.65 -0.60 17.74
C GLY A 13 2.28 -0.72 16.27
N SER A 14 3.16 -0.34 15.38
CA SER A 14 2.85 -0.43 13.93
C SER A 14 3.00 -1.89 13.48
N GLU A 15 2.00 -2.69 13.70
CA GLU A 15 2.09 -4.12 13.28
C GLU A 15 1.87 -4.21 11.76
N VAL A 16 1.11 -5.17 11.31
CA VAL A 16 0.87 -5.29 9.84
C VAL A 16 -0.35 -4.46 9.45
N SER A 17 -0.56 -3.35 10.11
CA SER A 17 -1.73 -2.50 9.77
C SER A 17 -3.02 -3.20 10.20
N ARG A 18 -4.13 -2.85 9.62
CA ARG A 18 -5.42 -3.49 10.00
C ARG A 18 -6.39 -3.41 8.82
N PHE A 19 -6.92 -2.24 8.55
CA PHE A 19 -7.88 -2.10 7.43
C PHE A 19 -7.25 -1.25 6.32
N PHE A 20 -8.05 -0.77 5.40
CA PHE A 20 -7.50 0.07 4.30
C PHE A 20 -8.62 0.93 3.71
N GLY A 21 -9.36 1.60 4.54
CA GLY A 21 -10.47 2.46 4.03
C GLY A 21 -10.33 3.87 4.61
N ARG A 22 -10.54 4.01 5.89
CA ARG A 22 -10.41 5.37 6.52
C ARG A 22 -9.21 5.37 7.45
N ALA A 23 -8.33 4.42 7.32
CA ALA A 23 -7.14 4.37 8.20
C ALA A 23 -6.54 5.78 8.34
N PRO A 24 -6.72 6.37 9.50
CA PRO A 24 -6.21 7.72 9.79
C PRO A 24 -4.71 7.67 10.15
N TYR A 25 -3.94 6.91 9.42
CA TYR A 25 -2.49 6.81 9.73
C TYR A 25 -1.73 6.36 8.48
N PHE A 26 -1.65 7.21 7.49
CA PHE A 26 -0.94 6.83 6.24
C PHE A 26 0.57 6.98 6.45
N MET A 27 1.31 5.91 6.27
CA MET A 27 2.79 5.99 6.46
C MET A 27 3.47 6.04 5.09
N ILE A 28 4.17 7.11 4.81
CA ILE A 28 4.85 7.23 3.49
C ILE A 28 6.35 7.00 3.67
N VAL A 29 6.94 6.15 2.86
CA VAL A 29 8.40 5.87 2.99
C VAL A 29 9.05 5.98 1.62
N GLU A 30 10.14 6.69 1.52
CA GLU A 30 10.84 6.83 0.22
C GLU A 30 12.12 5.98 0.23
N MET A 31 12.68 5.73 -0.92
CA MET A 31 13.93 4.91 -0.97
C MET A 31 14.80 5.37 -2.14
N LYS A 32 16.09 5.46 -1.94
CA LYS A 32 16.98 5.90 -3.05
C LYS A 32 17.54 4.68 -3.78
N LYS A 33 18.41 3.94 -3.14
CA LYS A 33 19.00 2.75 -3.80
C LYS A 33 19.03 1.59 -2.81
N GLY A 34 17.91 1.00 -2.52
CA GLY A 34 17.87 -0.13 -1.56
C GLY A 34 18.20 0.39 -0.15
N ASN A 35 18.11 1.67 0.05
CA ASN A 35 18.42 2.24 1.40
C ASN A 35 17.29 3.17 1.83
N ILE A 36 16.43 2.72 2.70
CA ILE A 36 15.30 3.57 3.16
C ILE A 36 15.84 4.76 3.95
N GLU A 37 15.65 5.95 3.45
CA GLU A 37 16.15 7.15 4.17
C GLU A 37 15.03 8.19 4.27
N SER A 38 13.81 7.74 4.39
CA SER A 38 12.67 8.69 4.48
C SER A 38 11.45 7.97 5.07
N SER A 39 11.20 8.16 6.33
CA SER A 39 10.03 7.50 6.96
C SER A 39 9.20 8.55 7.71
N GLU A 40 8.09 8.94 7.16
CA GLU A 40 7.25 9.96 7.84
C GLU A 40 5.82 9.44 8.02
N VAL A 41 5.32 9.44 9.22
CA VAL A 41 3.93 8.95 9.45
C VAL A 41 2.99 10.14 9.53
N ILE A 42 1.82 10.03 8.96
CA ILE A 42 0.86 11.17 9.00
C ILE A 42 -0.57 10.64 9.23
N GLU A 43 -1.35 11.35 9.99
CA GLU A 43 -2.74 10.89 10.25
C GLU A 43 -3.70 11.56 9.27
N ASN A 44 -4.69 10.85 8.80
CA ASN A 44 -5.65 11.44 7.83
C ASN A 44 -7.06 10.96 8.17
N PRO A 45 -7.62 11.51 9.21
CA PRO A 45 -8.97 11.16 9.68
C PRO A 45 -10.02 11.85 8.79
N SER A 46 -9.60 12.56 7.79
CA SER A 46 -10.58 13.25 6.89
C SER A 46 -11.57 12.22 6.35
N ALA A 47 -11.15 10.99 6.24
CA ALA A 47 -12.07 9.94 5.71
C ALA A 47 -13.14 9.63 6.75
N SER A 48 -12.76 9.61 8.00
CA SER A 48 -13.76 9.31 9.07
C SER A 48 -14.39 10.62 9.56
N ALA A 49 -14.96 11.38 8.66
CA ALA A 49 -15.60 12.66 9.07
C ALA A 49 -17.02 12.74 8.50
N SER A 50 -17.17 12.49 7.22
CA SER A 50 -18.53 12.56 6.62
C SER A 50 -18.65 11.48 5.55
N GLY A 51 -19.84 10.95 5.35
CA GLY A 51 -20.02 9.90 4.32
C GLY A 51 -19.15 8.68 4.66
N GLY A 52 -19.45 7.55 4.08
CA GLY A 52 -18.65 6.33 4.38
C GLY A 52 -17.44 6.28 3.44
N ALA A 53 -17.58 5.68 2.30
CA ALA A 53 -16.44 5.60 1.34
C ALA A 53 -15.19 5.11 2.09
N GLY A 54 -14.06 5.10 1.43
CA GLY A 54 -12.82 4.63 2.10
C GLY A 54 -11.85 4.09 1.07
N ILE A 55 -12.27 3.14 0.28
CA ILE A 55 -11.36 2.57 -0.76
C ILE A 55 -11.05 3.63 -1.83
N ARG A 56 -11.72 4.75 -1.77
CA ARG A 56 -11.47 5.82 -2.78
C ARG A 56 -10.08 6.42 -2.56
N THR A 57 -9.65 6.48 -1.33
CA THR A 57 -8.30 7.07 -1.05
C THR A 57 -7.22 6.28 -1.80
N ALA A 58 -7.56 5.11 -2.27
CA ALA A 58 -6.55 4.28 -3.00
C ALA A 58 -6.02 5.08 -4.21
N GLN A 59 -6.90 5.68 -4.96
CA GLN A 59 -6.44 6.46 -6.15
C GLN A 59 -5.61 7.66 -5.70
N ILE A 60 -5.87 8.18 -4.53
CA ILE A 60 -5.10 9.35 -4.04
C ILE A 60 -3.71 8.90 -3.59
N ILE A 61 -3.59 7.68 -3.13
CA ILE A 61 -2.25 7.18 -2.67
C ILE A 61 -1.37 6.89 -3.89
N ALA A 62 -1.93 6.29 -4.90
CA ALA A 62 -1.11 5.97 -6.11
C ALA A 62 -0.70 7.27 -6.81
N ASN A 63 -1.47 8.31 -6.64
CA ASN A 63 -1.12 9.60 -7.31
C ASN A 63 0.02 10.28 -6.54
N ASN A 64 0.42 9.73 -5.42
CA ASN A 64 1.53 10.34 -4.64
C ASN A 64 2.87 9.75 -5.09
N GLY A 65 2.95 9.31 -6.31
CA GLY A 65 4.23 8.72 -6.80
C GLY A 65 4.51 7.41 -6.06
N VAL A 66 3.55 6.90 -5.35
CA VAL A 66 3.76 5.63 -4.60
C VAL A 66 3.43 4.45 -5.52
N LYS A 67 4.42 3.94 -6.20
CA LYS A 67 4.18 2.79 -7.11
C LYS A 67 4.12 1.51 -6.28
N ALA A 68 4.39 1.62 -5.00
CA ALA A 68 4.34 0.40 -4.15
C ALA A 68 3.37 0.63 -2.98
N VAL A 69 2.23 -0.01 -3.02
CA VAL A 69 1.24 0.17 -1.92
C VAL A 69 1.24 -1.07 -1.02
N ILE A 70 1.56 -0.91 0.23
CA ILE A 70 1.58 -2.07 1.15
C ILE A 70 0.28 -2.10 1.96
N ALA A 71 -0.59 -3.04 1.67
CA ALA A 71 -1.87 -3.12 2.42
C ALA A 71 -2.39 -4.56 2.41
N SER A 72 -3.44 -4.83 3.13
CA SER A 72 -3.99 -6.20 3.17
C SER A 72 -5.51 -6.14 3.23
N SER A 73 -6.12 -5.36 2.37
CA SER A 73 -7.61 -5.24 2.38
C SER A 73 -8.23 -6.64 2.38
N PRO A 74 -9.34 -6.77 3.05
CA PRO A 74 -10.08 -8.05 3.15
C PRO A 74 -10.86 -8.31 1.86
N GLY A 75 -10.80 -7.41 0.91
CA GLY A 75 -11.55 -7.61 -0.36
C GLY A 75 -10.71 -7.13 -1.53
N PRO A 76 -10.98 -7.68 -2.69
CA PRO A 76 -10.26 -7.32 -3.93
C PRO A 76 -10.79 -6.00 -4.49
N ASN A 77 -11.76 -5.42 -3.86
CA ASN A 77 -12.32 -4.13 -4.36
C ASN A 77 -11.19 -3.12 -4.54
N ALA A 78 -10.35 -2.98 -3.54
CA ALA A 78 -9.22 -2.00 -3.66
C ALA A 78 -8.19 -2.50 -4.67
N PHE A 79 -7.63 -3.66 -4.43
CA PHE A 79 -6.62 -4.20 -5.38
C PHE A 79 -7.12 -4.08 -6.82
N GLU A 80 -8.41 -4.00 -7.00
CA GLU A 80 -8.96 -3.87 -8.39
C GLU A 80 -8.65 -2.48 -8.94
N VAL A 81 -9.00 -1.45 -8.21
CA VAL A 81 -8.73 -0.07 -8.70
C VAL A 81 -7.22 0.14 -8.82
N LEU A 82 -6.47 -0.25 -7.82
CA LEU A 82 -4.99 -0.08 -7.87
C LEU A 82 -4.46 -0.69 -9.16
N ASN A 83 -4.74 -1.94 -9.40
CA ASN A 83 -4.24 -2.59 -10.64
C ASN A 83 -4.70 -1.79 -11.87
N GLU A 84 -5.85 -1.18 -11.79
CA GLU A 84 -6.35 -0.38 -12.94
C GLU A 84 -5.41 0.79 -13.19
N LEU A 85 -5.02 1.49 -12.15
CA LEU A 85 -4.10 2.65 -12.33
C LEU A 85 -2.75 2.14 -12.86
N GLY A 86 -2.54 0.86 -12.83
CA GLY A 86 -1.24 0.31 -13.32
C GLY A 86 -0.17 0.47 -12.24
N ILE A 87 -0.58 0.42 -11.00
CA ILE A 87 0.42 0.57 -9.89
C ILE A 87 0.81 -0.81 -9.37
N LYS A 88 1.78 -0.88 -8.50
CA LYS A 88 2.22 -2.19 -7.96
C LYS A 88 1.54 -2.44 -6.61
N ILE A 89 0.69 -3.42 -6.52
CA ILE A 89 0.01 -3.72 -5.23
C ILE A 89 0.90 -4.63 -4.39
N TYR A 90 0.84 -4.52 -3.09
CA TYR A 90 1.70 -5.39 -2.24
C TYR A 90 0.86 -5.96 -1.08
N ARG A 91 0.79 -7.25 -0.96
CA ARG A 91 0.00 -7.85 0.15
C ARG A 91 0.88 -8.00 1.39
N ALA A 92 0.49 -7.41 2.49
CA ALA A 92 1.30 -7.53 3.73
C ALA A 92 0.90 -8.79 4.49
N THR A 93 1.73 -9.79 4.47
CA THR A 93 1.39 -11.05 5.21
C THR A 93 2.48 -11.37 6.23
N GLY A 94 3.65 -10.82 6.06
CA GLY A 94 4.75 -11.09 7.02
C GLY A 94 4.21 -11.03 8.45
N THR A 95 4.20 -9.86 9.04
CA THR A 95 3.68 -9.74 10.43
C THR A 95 3.87 -8.29 10.91
N SER A 96 5.02 -7.72 10.69
CA SER A 96 5.25 -6.32 11.13
C SER A 96 5.63 -5.45 9.93
N VAL A 97 4.82 -4.50 9.60
CA VAL A 97 5.12 -3.62 8.44
C VAL A 97 6.58 -3.16 8.51
N GLU A 98 7.08 -2.92 9.70
CA GLU A 98 8.48 -2.46 9.83
C GLU A 98 9.39 -3.37 9.00
N GLU A 99 9.26 -4.66 9.15
CA GLU A 99 10.12 -5.59 8.37
C GLU A 99 9.67 -5.61 6.91
N ASN A 100 8.38 -5.69 6.67
CA ASN A 100 7.89 -5.70 5.26
C ASN A 100 8.49 -4.52 4.49
N LEU A 101 8.89 -3.49 5.17
CA LEU A 101 9.48 -2.31 4.47
C LEU A 101 10.80 -2.73 3.83
N LYS A 102 11.78 -3.05 4.63
CA LYS A 102 13.10 -3.46 4.07
C LYS A 102 12.90 -4.65 3.11
N LEU A 103 11.80 -5.35 3.26
CA LEU A 103 11.55 -6.51 2.36
C LEU A 103 11.24 -6.02 0.95
N PHE A 104 10.42 -5.01 0.83
CA PHE A 104 10.09 -4.48 -0.53
C PHE A 104 11.38 -4.10 -1.26
N THR A 105 12.45 -3.92 -0.53
CA THR A 105 13.74 -3.55 -1.18
C THR A 105 14.14 -4.64 -2.17
N GLU A 106 14.16 -5.86 -1.74
CA GLU A 106 14.55 -6.97 -2.66
C GLU A 106 13.34 -7.39 -3.49
N GLY A 107 12.15 -7.18 -2.98
CA GLY A 107 10.93 -7.58 -3.74
C GLY A 107 10.59 -9.04 -3.44
N ASN A 108 10.81 -9.48 -2.24
CA ASN A 108 10.49 -10.90 -1.90
C ASN A 108 9.07 -10.99 -1.36
N LEU A 109 8.43 -9.87 -1.16
CA LEU A 109 7.03 -9.90 -0.63
C LEU A 109 6.07 -10.29 -1.75
N GLU A 110 4.81 -10.02 -1.59
CA GLU A 110 3.82 -10.38 -2.65
C GLU A 110 3.51 -9.15 -3.50
N GLU A 111 4.01 -9.10 -4.71
CA GLU A 111 3.73 -7.94 -5.59
C GLU A 111 2.82 -8.38 -6.73
N ILE A 112 1.72 -7.68 -6.94
CA ILE A 112 0.79 -8.06 -8.04
C ILE A 112 0.51 -6.85 -8.92
N ARG A 113 0.61 -7.01 -10.21
CA ARG A 113 0.34 -5.86 -11.13
C ARG A 113 -0.39 -6.37 -12.37
N SER A 114 -0.76 -5.48 -13.26
CA SER A 114 -1.48 -5.92 -14.49
C SER A 114 -0.64 -5.58 -15.72
N PRO A 115 -0.92 -6.28 -16.80
CA PRO A 115 -0.20 -6.08 -18.07
C PRO A 115 -0.72 -4.82 -18.79
N GLY A 116 0.16 -4.03 -19.33
CA GLY A 116 -0.29 -2.79 -20.04
C GLY A 116 0.68 -2.49 -21.17
N SER A 117 1.41 -1.40 -21.08
CA SER A 117 2.37 -1.05 -22.16
C SER A 117 3.55 -0.31 -21.55
N GLY A 118 4.70 -0.39 -22.17
CA GLY A 118 5.90 0.31 -21.64
C GLY A 118 5.68 1.82 -21.70
N ARG A 119 6.41 2.57 -20.92
CA ARG A 119 6.25 4.05 -20.92
C ARG A 119 7.63 4.71 -20.86
N GLY A 120 7.74 5.91 -21.35
CA GLY A 120 9.05 6.62 -21.32
C GLY A 120 8.88 8.03 -21.89
N ARG A 121 9.77 8.93 -21.54
CA ARG A 121 9.67 10.31 -22.07
C ARG A 121 10.87 10.61 -22.97
N ARG A 122 11.60 9.60 -23.36
CA ARG A 122 12.78 9.83 -24.23
C ARG A 122 13.70 10.87 -23.59
N ARG A 123 14.78 10.44 -22.98
CA ARG A 123 15.70 11.41 -22.34
C ARG A 123 17.15 11.09 -22.74
N ARG A 124 17.98 12.08 -22.82
CA ARG A 124 19.39 11.83 -23.22
C ARG A 124 19.44 11.31 -24.66
N MET A 1 10.05 4.97 -7.64
CA MET A 1 9.20 3.93 -7.00
C MET A 1 9.05 4.24 -5.51
N LYS A 2 7.83 4.37 -5.04
CA LYS A 2 7.62 4.67 -3.60
C LYS A 2 6.92 3.48 -2.94
N ILE A 3 7.16 3.27 -1.67
CA ILE A 3 6.52 2.13 -0.97
C ILE A 3 5.67 2.64 0.21
N ALA A 4 4.38 2.70 0.03
CA ALA A 4 3.50 3.18 1.14
C ALA A 4 2.90 1.98 1.86
N ILE A 5 3.40 1.65 3.01
CA ILE A 5 2.87 0.47 3.76
C ILE A 5 1.69 0.92 4.64
N ALA A 6 0.54 0.33 4.45
CA ALA A 6 -0.63 0.71 5.29
C ALA A 6 -0.41 0.22 6.72
N SER A 7 -0.90 0.94 7.69
CA SER A 7 -0.71 0.50 9.10
C SER A 7 -1.77 1.15 9.99
N SER A 8 -1.72 0.89 11.27
CA SER A 8 -2.73 1.49 12.20
C SER A 8 -2.00 2.08 13.41
N GLY A 9 -0.71 2.18 13.35
CA GLY A 9 0.06 2.74 14.50
C GLY A 9 1.33 3.44 13.98
N THR A 10 2.06 4.07 14.85
CA THR A 10 3.31 4.76 14.41
C THR A 10 4.39 3.73 14.09
N ASP A 11 4.55 2.75 14.94
CA ASP A 11 5.59 1.71 14.69
C ASP A 11 5.52 0.65 15.79
N LEU A 12 5.55 1.06 17.03
CA LEU A 12 5.48 0.06 18.13
C LEU A 12 4.21 -0.77 17.99
N GLY A 13 3.17 -0.20 17.42
CA GLY A 13 1.91 -0.96 17.25
C GLY A 13 1.52 -0.97 15.77
N SER A 14 2.46 -0.70 14.90
CA SER A 14 2.15 -0.69 13.45
C SER A 14 2.05 -2.12 12.94
N GLU A 15 0.93 -2.77 13.16
CA GLU A 15 0.78 -4.18 12.68
C GLU A 15 0.50 -4.19 11.18
N VAL A 16 0.53 -3.05 10.54
CA VAL A 16 0.26 -3.01 9.08
C VAL A 16 -1.24 -3.19 8.84
N SER A 17 -2.03 -3.10 9.88
CA SER A 17 -3.50 -3.26 9.71
C SER A 17 -3.80 -4.65 9.15
N ARG A 18 -5.04 -5.08 9.24
CA ARG A 18 -5.41 -6.42 8.71
C ARG A 18 -6.38 -6.24 7.54
N PHE A 19 -7.35 -5.39 7.70
CA PHE A 19 -8.34 -5.16 6.61
C PHE A 19 -8.10 -3.79 5.99
N PHE A 20 -7.11 -3.69 5.14
CA PHE A 20 -6.82 -2.38 4.49
C PHE A 20 -8.13 -1.71 4.07
N GLY A 21 -8.35 -0.49 4.49
CA GLY A 21 -9.61 0.21 4.11
C GLY A 21 -9.62 1.61 4.73
N ARG A 22 -9.69 1.70 6.02
CA ARG A 22 -9.71 3.04 6.67
C ARG A 22 -8.47 3.21 7.55
N ALA A 23 -7.47 2.38 7.36
CA ALA A 23 -6.24 2.49 8.18
C ALA A 23 -5.82 3.96 8.27
N PRO A 24 -6.05 4.56 9.41
CA PRO A 24 -5.72 5.97 9.66
C PRO A 24 -4.23 6.12 10.00
N TYR A 25 -3.37 5.44 9.29
CA TYR A 25 -1.90 5.53 9.57
C TYR A 25 -1.13 5.07 8.33
N PHE A 26 -1.15 5.85 7.28
CA PHE A 26 -0.43 5.45 6.05
C PHE A 26 1.06 5.77 6.20
N MET A 27 1.91 4.81 5.93
CA MET A 27 3.37 5.06 6.06
C MET A 27 3.98 5.24 4.67
N ILE A 28 4.25 6.46 4.27
CA ILE A 28 4.84 6.69 2.93
C ILE A 28 6.36 6.65 3.02
N VAL A 29 6.99 5.72 2.36
CA VAL A 29 8.47 5.64 2.41
C VAL A 29 9.05 5.81 1.01
N GLU A 30 10.30 6.16 0.92
CA GLU A 30 10.93 6.33 -0.42
C GLU A 30 12.35 5.75 -0.40
N MET A 31 12.47 4.47 -0.63
CA MET A 31 13.82 3.84 -0.62
C MET A 31 14.38 3.81 -2.05
N LYS A 32 15.64 4.06 -2.21
CA LYS A 32 16.25 4.04 -3.57
C LYS A 32 16.61 2.60 -3.95
N LYS A 33 17.77 2.15 -3.56
CA LYS A 33 18.17 0.76 -3.90
C LYS A 33 18.69 0.05 -2.64
N GLY A 34 18.05 0.26 -1.53
CA GLY A 34 18.50 -0.40 -0.27
C GLY A 34 18.86 0.65 0.78
N ASN A 35 18.30 1.82 0.66
CA ASN A 35 18.60 2.90 1.66
C ASN A 35 17.39 3.82 1.80
N ILE A 36 16.69 3.71 2.90
CA ILE A 36 15.49 4.57 3.09
C ILE A 36 15.93 6.04 3.23
N GLU A 37 15.55 6.86 2.30
CA GLU A 37 15.95 8.30 2.38
C GLU A 37 14.69 9.16 2.40
N SER A 38 13.63 8.67 2.99
CA SER A 38 12.37 9.46 3.05
C SER A 38 11.30 8.66 3.80
N SER A 39 10.94 9.10 4.97
CA SER A 39 9.90 8.37 5.75
C SER A 39 8.94 9.37 6.39
N GLU A 40 7.73 9.43 5.91
CA GLU A 40 6.75 10.39 6.50
C GLU A 40 5.48 9.63 6.89
N VAL A 41 4.96 9.88 8.06
CA VAL A 41 3.72 9.18 8.51
C VAL A 41 2.53 10.12 8.36
N ILE A 42 1.43 9.63 7.87
CA ILE A 42 0.23 10.49 7.69
C ILE A 42 -1.02 9.74 8.17
N GLU A 43 -1.56 10.12 9.29
CA GLU A 43 -2.78 9.42 9.81
C GLU A 43 -4.00 9.85 8.99
N ASN A 44 -5.12 9.21 9.20
CA ASN A 44 -6.33 9.57 8.43
C ASN A 44 -7.53 9.68 9.39
N PRO A 45 -7.45 10.65 10.27
CA PRO A 45 -8.52 10.89 11.26
C PRO A 45 -9.69 11.63 10.61
N SER A 46 -10.77 11.78 11.33
CA SER A 46 -11.95 12.49 10.75
C SER A 46 -12.19 12.01 9.32
N ALA A 47 -11.94 10.75 9.06
CA ALA A 47 -12.15 10.23 7.68
C ALA A 47 -13.64 10.02 7.44
N SER A 48 -14.43 9.96 8.48
CA SER A 48 -15.89 9.77 8.30
C SER A 48 -16.56 11.13 8.13
N ALA A 49 -16.84 11.80 9.21
CA ALA A 49 -17.50 13.14 9.12
C ALA A 49 -18.68 13.06 8.15
N SER A 50 -18.45 13.38 6.89
CA SER A 50 -19.57 13.32 5.91
C SER A 50 -19.11 12.54 4.67
N GLY A 51 -19.67 11.38 4.45
CA GLY A 51 -19.27 10.58 3.26
C GLY A 51 -18.42 9.39 3.72
N GLY A 52 -18.56 8.26 3.07
CA GLY A 52 -17.76 7.07 3.48
C GLY A 52 -16.46 7.04 2.67
N ALA A 53 -15.39 7.52 3.25
CA ALA A 53 -14.08 7.52 2.53
C ALA A 53 -13.12 6.54 3.20
N GLY A 54 -12.90 5.41 2.60
CA GLY A 54 -11.96 4.41 3.21
C GLY A 54 -11.06 3.83 2.12
N ILE A 55 -11.59 2.95 1.31
CA ILE A 55 -10.76 2.35 0.24
C ILE A 55 -10.56 3.37 -0.88
N ARG A 56 -11.33 4.42 -0.89
CA ARG A 56 -11.18 5.45 -1.94
C ARG A 56 -9.89 6.25 -1.70
N THR A 57 -9.32 6.12 -0.53
CA THR A 57 -8.06 6.85 -0.23
C THR A 57 -6.94 6.33 -1.13
N ALA A 58 -7.06 5.13 -1.60
CA ALA A 58 -6.00 4.56 -2.48
C ALA A 58 -5.77 5.50 -3.66
N GLN A 59 -6.83 6.02 -4.24
CA GLN A 59 -6.67 6.95 -5.39
C GLN A 59 -5.83 8.15 -4.96
N ILE A 60 -5.97 8.59 -3.74
CA ILE A 60 -5.18 9.75 -3.26
C ILE A 60 -3.73 9.33 -3.06
N ILE A 61 -3.50 8.11 -2.65
CA ILE A 61 -2.10 7.64 -2.44
C ILE A 61 -1.35 7.67 -3.78
N ALA A 62 -2.00 7.27 -4.83
CA ALA A 62 -1.32 7.27 -6.16
C ALA A 62 -0.97 8.71 -6.55
N ASN A 63 -1.68 9.67 -6.01
CA ASN A 63 -1.38 11.09 -6.36
C ASN A 63 -0.11 11.53 -5.64
N ASN A 64 0.25 10.86 -4.58
CA ASN A 64 1.49 11.25 -3.84
C ASN A 64 2.72 10.69 -4.57
N GLY A 65 2.53 9.74 -5.43
CA GLY A 65 3.68 9.15 -6.17
C GLY A 65 3.85 7.68 -5.76
N VAL A 66 3.22 7.28 -4.69
CA VAL A 66 3.33 5.85 -4.25
C VAL A 66 3.18 4.92 -5.45
N LYS A 67 4.28 4.54 -6.04
CA LYS A 67 4.21 3.62 -7.21
C LYS A 67 4.00 2.20 -6.69
N ALA A 68 4.12 2.00 -5.39
CA ALA A 68 3.92 0.64 -4.82
C ALA A 68 3.13 0.76 -3.51
N VAL A 69 2.06 0.03 -3.39
CA VAL A 69 1.26 0.11 -2.13
C VAL A 69 1.21 -1.26 -1.46
N ILE A 70 1.58 -1.35 -0.21
CA ILE A 70 1.56 -2.66 0.49
C ILE A 70 0.30 -2.74 1.36
N ALA A 71 -0.57 -3.68 1.08
CA ALA A 71 -1.80 -3.80 1.89
C ALA A 71 -2.24 -5.27 1.95
N SER A 72 -3.25 -5.56 2.71
CA SER A 72 -3.72 -6.97 2.82
C SER A 72 -5.25 -6.99 2.94
N SER A 73 -5.92 -6.16 2.17
CA SER A 73 -7.40 -6.13 2.23
C SER A 73 -7.96 -7.55 2.06
N PRO A 74 -9.18 -7.73 2.50
CA PRO A 74 -9.86 -9.03 2.41
C PRO A 74 -10.37 -9.27 0.98
N GLY A 75 -10.73 -8.23 0.29
CA GLY A 75 -11.23 -8.40 -1.11
C GLY A 75 -10.29 -7.69 -2.09
N PRO A 76 -10.43 -8.04 -3.35
CA PRO A 76 -9.61 -7.46 -4.43
C PRO A 76 -10.14 -6.08 -4.84
N ASN A 77 -10.96 -5.47 -4.03
CA ASN A 77 -11.50 -4.13 -4.38
C ASN A 77 -10.36 -3.11 -4.50
N ALA A 78 -9.54 -3.02 -3.49
CA ALA A 78 -8.41 -2.06 -3.54
C ALA A 78 -7.48 -2.40 -4.70
N PHE A 79 -7.27 -3.66 -4.96
CA PHE A 79 -6.36 -4.06 -6.07
C PHE A 79 -6.98 -3.64 -7.41
N GLU A 80 -8.29 -3.58 -7.47
CA GLU A 80 -8.95 -3.18 -8.75
C GLU A 80 -8.74 -1.68 -8.98
N VAL A 81 -8.85 -0.89 -7.95
CA VAL A 81 -8.65 0.57 -8.13
C VAL A 81 -7.19 0.86 -8.49
N LEU A 82 -6.27 0.33 -7.74
CA LEU A 82 -4.84 0.58 -8.04
C LEU A 82 -4.47 -0.08 -9.38
N ASN A 83 -5.16 -1.13 -9.73
CA ASN A 83 -4.86 -1.81 -11.02
C ASN A 83 -5.18 -0.87 -12.18
N GLU A 84 -6.34 -0.25 -12.16
CA GLU A 84 -6.70 0.67 -13.25
C GLU A 84 -5.81 1.91 -13.19
N LEU A 85 -5.39 2.30 -12.02
CA LEU A 85 -4.50 3.49 -11.90
C LEU A 85 -3.15 3.20 -12.55
N GLY A 86 -2.78 1.94 -12.60
CA GLY A 86 -1.47 1.60 -13.23
C GLY A 86 -0.39 1.51 -12.15
N ILE A 87 -0.78 1.30 -10.92
CA ILE A 87 0.23 1.21 -9.82
C ILE A 87 0.46 -0.26 -9.47
N LYS A 88 1.55 -0.54 -8.79
CA LYS A 88 1.83 -1.95 -8.41
C LYS A 88 1.28 -2.23 -7.01
N ILE A 89 0.59 -3.32 -6.84
CA ILE A 89 0.02 -3.64 -5.50
C ILE A 89 0.70 -4.89 -4.93
N TYR A 90 1.07 -4.86 -3.69
CA TYR A 90 1.74 -6.05 -3.07
C TYR A 90 0.96 -6.48 -1.82
N ARG A 91 1.01 -7.74 -1.50
CA ARG A 91 0.26 -8.23 -0.30
C ARG A 91 1.09 -7.98 0.96
N ALA A 92 0.44 -7.83 2.09
CA ALA A 92 1.19 -7.59 3.35
C ALA A 92 1.16 -8.86 4.20
N THR A 93 2.08 -9.01 5.12
CA THR A 93 2.10 -10.22 5.98
C THR A 93 1.40 -9.92 7.30
N GLY A 94 0.79 -8.78 7.42
CA GLY A 94 0.09 -8.43 8.69
C GLY A 94 1.00 -8.73 9.87
N THR A 95 2.02 -7.93 10.07
CA THR A 95 2.95 -8.17 11.21
C THR A 95 3.55 -6.84 11.66
N SER A 96 4.26 -6.18 10.80
CA SER A 96 4.87 -4.88 11.18
C SER A 96 5.35 -4.14 9.92
N VAL A 97 4.89 -2.95 9.70
CA VAL A 97 5.31 -2.19 8.49
C VAL A 97 6.81 -1.87 8.60
N GLU A 98 7.25 -1.44 9.75
CA GLU A 98 8.69 -1.10 9.92
C GLU A 98 9.54 -2.22 9.30
N GLU A 99 9.19 -3.45 9.53
CA GLU A 99 9.98 -4.57 8.97
C GLU A 99 9.69 -4.68 7.47
N ASN A 100 8.44 -4.65 7.09
CA ASN A 100 8.09 -4.75 5.64
C ASN A 100 8.98 -3.80 4.84
N LEU A 101 9.45 -2.75 5.45
CA LEU A 101 10.33 -1.80 4.73
C LEU A 101 11.57 -2.53 4.21
N LYS A 102 12.30 -3.16 5.09
CA LYS A 102 13.52 -3.90 4.65
C LYS A 102 13.11 -5.06 3.76
N LEU A 103 11.92 -5.59 3.95
CA LEU A 103 11.46 -6.72 3.11
C LEU A 103 11.36 -6.28 1.65
N PHE A 104 10.97 -5.05 1.41
CA PHE A 104 10.86 -4.57 0.02
C PHE A 104 12.23 -4.57 -0.66
N THR A 105 13.28 -4.45 0.12
CA THR A 105 14.65 -4.46 -0.47
C THR A 105 15.02 -5.88 -0.88
N GLU A 106 14.36 -6.86 -0.34
CA GLU A 106 14.69 -8.27 -0.70
C GLU A 106 13.58 -8.83 -1.59
N GLY A 107 12.67 -8.00 -2.02
CA GLY A 107 11.57 -8.50 -2.90
C GLY A 107 10.89 -9.69 -2.24
N ASN A 108 10.69 -9.64 -0.95
CA ASN A 108 10.04 -10.78 -0.25
C ASN A 108 8.51 -10.64 -0.37
N LEU A 109 7.99 -9.46 -0.21
CA LEU A 109 6.52 -9.27 -0.32
C LEU A 109 6.18 -8.79 -1.73
N GLU A 110 5.04 -9.17 -2.25
CA GLU A 110 4.66 -8.71 -3.61
C GLU A 110 3.25 -9.21 -3.95
N GLU A 111 2.79 -8.94 -5.13
CA GLU A 111 1.43 -9.38 -5.54
C GLU A 111 1.19 -8.97 -6.99
N ILE A 112 0.30 -8.07 -7.23
CA ILE A 112 0.03 -7.64 -8.63
C ILE A 112 1.10 -6.66 -9.08
N ARG A 113 1.80 -6.98 -10.14
CA ARG A 113 2.87 -6.06 -10.64
C ARG A 113 2.27 -5.09 -11.65
N SER A 114 1.76 -5.59 -12.74
CA SER A 114 1.16 -4.69 -13.76
C SER A 114 2.22 -3.71 -14.26
N PRO A 115 2.92 -4.12 -15.30
CA PRO A 115 3.99 -3.29 -15.91
C PRO A 115 3.37 -2.20 -16.79
N GLY A 116 4.16 -1.55 -17.59
CA GLY A 116 3.63 -0.47 -18.47
C GLY A 116 4.65 -0.14 -19.56
N SER A 117 4.83 -1.01 -20.51
CA SER A 117 5.81 -0.75 -21.60
C SER A 117 5.26 -1.30 -22.92
N GLY A 118 4.79 -0.45 -23.78
CA GLY A 118 4.25 -0.92 -25.09
C GLY A 118 2.73 -1.08 -24.98
N ARG A 119 2.09 -1.52 -26.03
CA ARG A 119 0.61 -1.68 -25.99
C ARG A 119 0.15 -2.50 -27.19
N GLY A 120 -0.61 -3.54 -26.97
CA GLY A 120 -1.08 -4.37 -28.11
C GLY A 120 0.09 -5.14 -28.72
N ARG A 121 0.12 -5.26 -30.01
CA ARG A 121 1.24 -5.99 -30.67
C ARG A 121 1.28 -7.44 -30.15
N ARG A 122 0.16 -7.94 -29.71
CA ARG A 122 0.12 -9.34 -29.20
C ARG A 122 -0.03 -10.31 -30.37
N ARG A 123 -0.80 -9.95 -31.36
CA ARG A 123 -0.99 -10.86 -32.52
C ARG A 123 0.34 -11.01 -33.26
N ARG A 124 0.88 -9.93 -33.76
CA ARG A 124 2.18 -10.02 -34.50
C ARG A 124 3.32 -10.25 -33.50
N MET A 1 10.29 4.17 -6.61
CA MET A 1 9.51 3.14 -5.88
C MET A 1 9.15 3.65 -4.48
N LYS A 2 7.97 4.19 -4.32
CA LYS A 2 7.57 4.72 -2.99
C LYS A 2 6.87 3.60 -2.21
N ILE A 3 7.22 3.42 -0.96
CA ILE A 3 6.58 2.34 -0.16
C ILE A 3 5.51 2.93 0.77
N ALA A 4 4.26 2.76 0.42
CA ALA A 4 3.17 3.29 1.28
C ALA A 4 2.44 2.11 1.92
N ILE A 5 2.91 1.67 3.06
CA ILE A 5 2.25 0.50 3.74
C ILE A 5 1.30 1.00 4.83
N ALA A 6 0.11 0.47 4.87
CA ALA A 6 -0.86 0.90 5.92
C ALA A 6 -0.24 0.66 7.29
N SER A 7 -0.70 1.36 8.30
CA SER A 7 -0.13 1.15 9.65
C SER A 7 -1.10 1.69 10.71
N SER A 8 -0.76 1.55 11.96
CA SER A 8 -1.66 2.05 13.04
C SER A 8 -0.87 2.99 13.96
N GLY A 9 0.18 3.57 13.46
CA GLY A 9 1.00 4.49 14.31
C GLY A 9 2.44 4.51 13.80
N THR A 10 3.38 4.75 14.67
CA THR A 10 4.81 4.78 14.23
C THR A 10 5.62 3.81 15.10
N ASP A 11 5.92 2.65 14.58
CA ASP A 11 6.70 1.66 15.39
C ASP A 11 6.00 1.43 16.73
N LEU A 12 6.74 1.04 17.74
CA LEU A 12 6.10 0.81 19.06
C LEU A 12 5.05 -0.29 18.94
N GLY A 13 5.10 -1.06 17.89
CA GLY A 13 4.10 -2.15 17.71
C GLY A 13 3.30 -1.91 16.43
N SER A 14 3.88 -1.21 15.49
CA SER A 14 3.16 -0.94 14.21
C SER A 14 3.11 -2.22 13.37
N GLU A 15 2.15 -3.08 13.65
CA GLU A 15 2.04 -4.35 12.88
C GLU A 15 1.37 -4.10 11.52
N VAL A 16 1.67 -3.02 10.86
CA VAL A 16 1.04 -2.74 9.54
C VAL A 16 -0.48 -2.58 9.72
N SER A 17 -0.92 -2.44 10.94
CA SER A 17 -2.38 -2.28 11.18
C SER A 17 -3.11 -3.56 10.79
N ARG A 18 -4.40 -3.60 10.98
CA ARG A 18 -5.17 -4.82 10.62
C ARG A 18 -6.23 -4.49 9.57
N PHE A 19 -6.21 -3.29 9.06
CA PHE A 19 -7.21 -2.89 8.03
C PHE A 19 -6.56 -1.96 7.01
N PHE A 20 -7.20 -1.75 5.90
CA PHE A 20 -6.62 -0.85 4.87
C PHE A 20 -7.69 0.14 4.38
N GLY A 21 -7.81 1.26 5.03
CA GLY A 21 -8.84 2.25 4.60
C GLY A 21 -9.17 3.21 5.76
N ARG A 22 -9.52 2.67 6.89
CA ARG A 22 -9.86 3.55 8.05
C ARG A 22 -8.62 3.75 8.92
N ALA A 23 -7.65 2.89 8.81
CA ALA A 23 -6.41 3.04 9.63
C ALA A 23 -5.81 4.44 9.40
N PRO A 24 -5.88 5.27 10.41
CA PRO A 24 -5.36 6.64 10.34
C PRO A 24 -3.84 6.65 10.60
N TYR A 25 -3.10 5.85 9.89
CA TYR A 25 -1.63 5.81 10.10
C TYR A 25 -0.95 5.23 8.86
N PHE A 26 -0.97 5.94 7.77
CA PHE A 26 -0.32 5.41 6.53
C PHE A 26 1.16 5.75 6.56
N MET A 27 2.01 4.78 6.38
CA MET A 27 3.48 5.05 6.41
C MET A 27 4.02 5.12 4.98
N ILE A 28 4.61 6.22 4.62
CA ILE A 28 5.17 6.36 3.25
C ILE A 28 6.67 6.65 3.35
N VAL A 29 7.47 5.94 2.60
CA VAL A 29 8.94 6.18 2.65
C VAL A 29 9.52 6.15 1.24
N GLU A 30 10.35 7.09 0.90
CA GLU A 30 10.95 7.11 -0.47
C GLU A 30 12.40 6.63 -0.40
N MET A 31 12.82 5.83 -1.34
CA MET A 31 14.23 5.33 -1.31
C MET A 31 14.85 5.54 -2.69
N LYS A 32 16.15 5.67 -2.75
CA LYS A 32 16.82 5.88 -4.06
C LYS A 32 17.22 4.53 -4.65
N LYS A 33 18.28 3.94 -4.16
CA LYS A 33 18.72 2.62 -4.70
C LYS A 33 18.30 1.50 -3.74
N GLY A 34 18.95 1.38 -2.61
CA GLY A 34 18.58 0.31 -1.65
C GLY A 34 18.71 0.83 -0.22
N ASN A 35 18.57 2.12 -0.04
CA ASN A 35 18.70 2.69 1.33
C ASN A 35 17.64 3.79 1.52
N ILE A 36 16.55 3.48 2.16
CA ILE A 36 15.50 4.51 2.38
C ILE A 36 16.15 5.77 2.96
N GLU A 37 15.87 6.91 2.38
CA GLU A 37 16.48 8.17 2.89
C GLU A 37 15.38 9.07 3.46
N SER A 38 14.15 8.64 3.43
CA SER A 38 13.05 9.49 3.98
C SER A 38 11.86 8.61 4.37
N SER A 39 11.61 8.49 5.64
CA SER A 39 10.45 7.66 6.10
C SER A 39 9.50 8.54 6.90
N GLU A 40 8.43 8.99 6.29
CA GLU A 40 7.47 9.87 7.01
C GLU A 40 6.19 9.10 7.31
N VAL A 41 5.42 9.55 8.27
CA VAL A 41 4.15 8.86 8.61
C VAL A 41 3.01 9.88 8.64
N ILE A 42 1.99 9.66 7.84
CA ILE A 42 0.86 10.63 7.83
C ILE A 42 -0.39 9.96 8.42
N GLU A 43 -1.18 10.70 9.15
CA GLU A 43 -2.41 10.10 9.76
C GLU A 43 -3.56 10.23 8.77
N ASN A 44 -4.57 9.40 8.90
CA ASN A 44 -5.72 9.48 7.96
C ASN A 44 -7.00 9.81 8.75
N PRO A 45 -7.42 11.05 8.67
CA PRO A 45 -8.63 11.53 9.37
C PRO A 45 -9.88 11.06 8.62
N SER A 46 -11.03 11.58 8.99
CA SER A 46 -12.28 11.17 8.30
C SER A 46 -12.42 9.65 8.36
N ALA A 47 -12.01 9.05 9.45
CA ALA A 47 -12.12 7.57 9.56
C ALA A 47 -13.58 7.18 9.76
N SER A 48 -14.22 7.72 10.76
CA SER A 48 -15.65 7.38 10.99
C SER A 48 -16.48 8.66 11.11
N ALA A 49 -16.68 9.35 10.02
CA ALA A 49 -17.47 10.61 10.08
C ALA A 49 -18.27 10.77 8.77
N SER A 50 -17.67 11.38 7.79
CA SER A 50 -18.40 11.56 6.49
C SER A 50 -18.98 10.22 6.03
N GLY A 51 -18.26 9.15 6.22
CA GLY A 51 -18.77 7.82 5.80
C GLY A 51 -17.67 6.77 5.97
N GLY A 52 -17.86 5.59 5.43
CA GLY A 52 -16.82 4.53 5.55
C GLY A 52 -15.97 4.51 4.29
N ALA A 53 -15.00 5.38 4.19
CA ALA A 53 -14.13 5.40 2.99
C ALA A 53 -13.08 4.30 3.08
N GLY A 54 -12.96 3.50 2.05
CA GLY A 54 -11.95 2.40 2.09
C GLY A 54 -11.33 2.25 0.70
N ILE A 55 -12.12 1.92 -0.28
CA ILE A 55 -11.57 1.77 -1.66
C ILE A 55 -11.31 3.15 -2.27
N ARG A 56 -11.91 4.17 -1.71
CA ARG A 56 -11.69 5.55 -2.25
C ARG A 56 -10.31 6.04 -1.81
N THR A 57 -9.72 5.42 -0.83
CA THR A 57 -8.38 5.86 -0.36
C THR A 57 -7.32 5.49 -1.40
N ALA A 58 -7.59 4.49 -2.19
CA ALA A 58 -6.60 4.08 -3.23
C ALA A 58 -6.33 5.26 -4.17
N GLN A 59 -7.34 6.02 -4.46
CA GLN A 59 -7.15 7.19 -5.37
C GLN A 59 -6.34 8.27 -4.65
N ILE A 60 -6.36 8.27 -3.34
CA ILE A 60 -5.59 9.30 -2.58
C ILE A 60 -4.11 8.95 -2.59
N ILE A 61 -3.77 7.76 -2.17
CA ILE A 61 -2.34 7.35 -2.16
C ILE A 61 -1.82 7.25 -3.59
N ALA A 62 -2.69 6.96 -4.52
CA ALA A 62 -2.24 6.84 -5.94
C ALA A 62 -1.77 8.21 -6.45
N ASN A 63 -2.39 9.27 -5.99
CA ASN A 63 -1.97 10.62 -6.45
C ASN A 63 -0.68 11.03 -5.73
N ASN A 64 -0.28 10.29 -4.75
CA ASN A 64 0.97 10.64 -4.01
C ASN A 64 2.18 10.09 -4.77
N GLY A 65 1.96 9.23 -5.72
CA GLY A 65 3.10 8.66 -6.50
C GLY A 65 3.48 7.29 -5.92
N VAL A 66 2.78 6.85 -4.92
CA VAL A 66 3.10 5.52 -4.32
C VAL A 66 3.24 4.47 -5.42
N LYS A 67 4.46 4.18 -5.81
CA LYS A 67 4.66 3.16 -6.86
C LYS A 67 4.53 1.78 -6.22
N ALA A 68 4.49 1.73 -4.92
CA ALA A 68 4.33 0.43 -4.22
C ALA A 68 3.38 0.63 -3.03
N VAL A 69 2.35 -0.15 -2.95
CA VAL A 69 1.39 0.03 -1.82
C VAL A 69 1.21 -1.30 -1.08
N ILE A 70 1.44 -1.31 0.21
CA ILE A 70 1.28 -2.58 0.98
C ILE A 70 -0.03 -2.52 1.77
N ALA A 71 -1.08 -3.10 1.25
CA ALA A 71 -2.37 -3.08 1.97
C ALA A 71 -2.94 -4.49 2.03
N SER A 72 -4.01 -4.68 2.77
CA SER A 72 -4.62 -6.04 2.86
C SER A 72 -6.14 -5.93 2.81
N SER A 73 -6.65 -4.99 2.06
CA SER A 73 -8.13 -4.84 1.96
C SER A 73 -8.77 -6.22 1.78
N PRO A 74 -10.00 -6.33 2.22
CA PRO A 74 -10.77 -7.58 2.13
C PRO A 74 -11.29 -7.78 0.70
N GLY A 75 -11.88 -6.77 0.13
CA GLY A 75 -12.42 -6.90 -1.25
C GLY A 75 -11.29 -6.64 -2.26
N PRO A 76 -11.30 -7.39 -3.33
CA PRO A 76 -10.28 -7.26 -4.39
C PRO A 76 -10.60 -6.07 -5.29
N ASN A 77 -11.67 -5.38 -5.01
CA ASN A 77 -12.04 -4.21 -5.85
C ASN A 77 -10.93 -3.16 -5.80
N ALA A 78 -10.24 -3.07 -4.69
CA ALA A 78 -9.14 -2.07 -4.57
C ALA A 78 -7.97 -2.50 -5.45
N PHE A 79 -7.49 -3.70 -5.28
CA PHE A 79 -6.35 -4.18 -6.10
C PHE A 79 -6.69 -4.04 -7.58
N GLU A 80 -7.95 -4.02 -7.92
CA GLU A 80 -8.34 -3.89 -9.35
C GLU A 80 -8.07 -2.46 -9.83
N VAL A 81 -8.30 -1.48 -8.99
CA VAL A 81 -8.06 -0.07 -9.40
C VAL A 81 -6.56 0.22 -9.40
N LEU A 82 -5.83 -0.34 -8.46
CA LEU A 82 -4.37 -0.08 -8.41
C LEU A 82 -3.71 -0.60 -9.69
N ASN A 83 -4.19 -1.69 -10.22
CA ASN A 83 -3.58 -2.24 -11.47
C ASN A 83 -4.00 -1.36 -12.66
N GLU A 84 -5.10 -0.68 -12.54
CA GLU A 84 -5.56 0.18 -13.67
C GLU A 84 -4.73 1.47 -13.69
N LEU A 85 -4.32 1.95 -12.56
CA LEU A 85 -3.51 3.20 -12.52
C LEU A 85 -2.07 2.88 -12.93
N GLY A 86 -1.65 1.66 -12.77
CA GLY A 86 -0.25 1.29 -13.14
C GLY A 86 0.62 1.26 -11.89
N ILE A 87 0.03 1.12 -10.75
CA ILE A 87 0.84 1.08 -9.49
C ILE A 87 1.04 -0.37 -9.06
N LYS A 88 2.05 -0.63 -8.28
CA LYS A 88 2.31 -2.03 -7.82
C LYS A 88 1.56 -2.28 -6.51
N ILE A 89 0.79 -3.33 -6.44
CA ILE A 89 0.04 -3.63 -5.19
C ILE A 89 0.80 -4.68 -4.39
N TYR A 90 0.67 -4.65 -3.09
CA TYR A 90 1.38 -5.64 -2.23
C TYR A 90 0.44 -6.14 -1.13
N ARG A 91 0.49 -7.40 -0.81
CA ARG A 91 -0.40 -7.93 0.26
C ARG A 91 0.32 -7.88 1.61
N ALA A 92 -0.31 -7.30 2.60
CA ALA A 92 0.33 -7.22 3.94
C ALA A 92 0.16 -8.56 4.67
N THR A 93 1.24 -9.18 5.05
CA THR A 93 1.15 -10.48 5.77
C THR A 93 0.68 -10.24 7.20
N GLY A 94 0.97 -9.10 7.74
CA GLY A 94 0.55 -8.81 9.14
C GLY A 94 1.71 -9.10 10.10
N THR A 95 2.79 -8.40 9.95
CA THR A 95 3.96 -8.63 10.85
C THR A 95 4.45 -7.29 11.40
N SER A 96 4.87 -6.41 10.53
CA SER A 96 5.37 -5.09 11.01
C SER A 96 5.64 -4.18 9.80
N VAL A 97 5.51 -2.89 9.97
CA VAL A 97 5.76 -1.96 8.84
C VAL A 97 7.26 -1.89 8.56
N GLU A 98 8.07 -1.99 9.57
CA GLU A 98 9.54 -1.93 9.36
C GLU A 98 9.99 -3.14 8.54
N GLU A 99 9.65 -4.32 8.97
CA GLU A 99 10.06 -5.54 8.22
C GLU A 99 9.51 -5.48 6.80
N ASN A 100 8.27 -5.11 6.64
CA ASN A 100 7.68 -5.02 5.27
C ASN A 100 8.45 -4.00 4.43
N LEU A 101 9.00 -2.99 5.05
CA LEU A 101 9.75 -1.96 4.28
C LEU A 101 10.97 -2.61 3.62
N LYS A 102 11.82 -3.24 4.38
CA LYS A 102 13.02 -3.89 3.79
C LYS A 102 12.60 -5.17 3.05
N LEU A 103 11.40 -5.60 3.25
CA LEU A 103 10.93 -6.84 2.56
C LEU A 103 10.62 -6.52 1.10
N PHE A 104 9.93 -5.44 0.85
CA PHE A 104 9.59 -5.09 -0.56
C PHE A 104 10.83 -4.50 -1.25
N THR A 105 11.73 -3.93 -0.49
CA THR A 105 12.95 -3.34 -1.10
C THR A 105 13.76 -4.43 -1.81
N GLU A 106 13.75 -5.62 -1.29
CA GLU A 106 14.52 -6.72 -1.94
C GLU A 106 13.56 -7.63 -2.71
N GLY A 107 12.32 -7.25 -2.83
CA GLY A 107 11.34 -8.09 -3.57
C GLY A 107 11.34 -9.50 -2.96
N ASN A 108 11.03 -9.62 -1.70
CA ASN A 108 11.02 -10.96 -1.05
C ASN A 108 9.69 -11.65 -1.37
N LEU A 109 8.61 -10.93 -1.38
CA LEU A 109 7.29 -11.56 -1.67
C LEU A 109 6.16 -10.57 -1.41
N GLU A 110 4.98 -11.06 -1.17
CA GLU A 110 3.84 -10.14 -0.90
C GLU A 110 3.62 -9.24 -2.12
N GLU A 111 3.93 -9.74 -3.29
CA GLU A 111 3.75 -8.91 -4.52
C GLU A 111 2.37 -9.19 -5.11
N ILE A 112 1.75 -8.19 -5.68
CA ILE A 112 0.40 -8.39 -6.29
C ILE A 112 0.17 -7.30 -7.35
N ARG A 113 -0.15 -7.70 -8.55
CA ARG A 113 -0.39 -6.71 -9.64
C ARG A 113 -1.72 -7.00 -10.31
N SER A 114 -2.50 -7.89 -9.75
CA SER A 114 -3.83 -8.22 -10.36
C SER A 114 -3.67 -8.40 -11.87
N PRO A 115 -2.95 -9.44 -12.24
CA PRO A 115 -2.70 -9.76 -13.66
C PRO A 115 -3.92 -10.44 -14.28
N GLY A 116 -4.49 -11.41 -13.60
CA GLY A 116 -5.69 -12.11 -14.15
C GLY A 116 -6.25 -13.05 -13.09
N SER A 117 -7.49 -12.85 -12.70
CA SER A 117 -8.10 -13.75 -11.67
C SER A 117 -9.02 -14.75 -12.37
N GLY A 118 -8.84 -14.97 -13.64
CA GLY A 118 -9.71 -15.94 -14.36
C GLY A 118 -9.19 -17.36 -14.13
N ARG A 119 -10.00 -18.19 -13.52
CA ARG A 119 -9.55 -19.59 -13.26
C ARG A 119 -9.10 -20.23 -14.58
N GLY A 120 -9.54 -19.70 -15.69
CA GLY A 120 -9.14 -20.28 -17.00
C GLY A 120 -10.33 -20.25 -17.96
N ARG A 121 -10.29 -21.07 -18.98
CA ARG A 121 -11.42 -21.08 -19.95
C ARG A 121 -11.95 -22.51 -20.09
N ARG A 122 -13.01 -22.70 -20.84
CA ARG A 122 -13.57 -24.06 -21.01
C ARG A 122 -13.14 -24.63 -22.37
N ARG A 123 -12.78 -23.78 -23.28
CA ARG A 123 -12.35 -24.27 -24.63
C ARG A 123 -10.95 -24.87 -24.52
N ARG A 124 -10.85 -26.11 -24.11
CA ARG A 124 -9.52 -26.75 -23.99
C ARG A 124 -8.81 -26.72 -25.35
N MET A 1 11.27 4.25 -6.49
CA MET A 1 10.60 3.25 -5.62
C MET A 1 9.87 3.97 -4.47
N LYS A 2 8.64 3.62 -4.23
CA LYS A 2 7.88 4.28 -3.14
C LYS A 2 6.98 3.26 -2.44
N ILE A 3 7.34 2.85 -1.25
CA ILE A 3 6.50 1.86 -0.52
C ILE A 3 5.77 2.54 0.62
N ALA A 4 4.47 2.59 0.56
CA ALA A 4 3.68 3.26 1.65
C ALA A 4 2.86 2.20 2.38
N ILE A 5 3.05 2.08 3.67
CA ILE A 5 2.27 1.06 4.44
C ILE A 5 1.07 1.73 5.10
N ALA A 6 -0.10 1.18 4.91
CA ALA A 6 -1.31 1.80 5.54
C ALA A 6 -1.24 1.62 7.06
N SER A 7 -1.75 2.57 7.80
CA SER A 7 -1.71 2.45 9.29
C SER A 7 -0.25 2.37 9.75
N SER A 8 0.26 1.18 9.94
CA SER A 8 1.68 1.05 10.38
C SER A 8 1.84 1.66 11.78
N GLY A 9 0.81 1.61 12.58
CA GLY A 9 0.91 2.20 13.95
C GLY A 9 1.64 3.54 13.89
N THR A 10 2.86 3.58 14.33
CA THR A 10 3.62 4.86 14.30
C THR A 10 5.13 4.56 14.33
N ASP A 11 5.54 3.70 15.21
CA ASP A 11 7.00 3.37 15.30
C ASP A 11 7.17 1.87 15.57
N LEU A 12 6.88 1.42 16.76
CA LEU A 12 7.02 -0.03 17.07
C LEU A 12 5.63 -0.68 17.17
N GLY A 13 4.60 0.12 17.27
CA GLY A 13 3.24 -0.46 17.37
C GLY A 13 2.73 -0.83 15.97
N SER A 14 3.56 -0.72 14.98
CA SER A 14 3.14 -1.06 13.60
C SER A 14 3.13 -2.58 13.42
N GLU A 15 2.13 -3.25 13.93
CA GLU A 15 2.06 -4.73 13.80
C GLU A 15 1.59 -5.09 12.39
N VAL A 16 2.46 -5.02 11.42
CA VAL A 16 2.07 -5.36 10.03
C VAL A 16 0.68 -4.78 9.73
N SER A 17 0.42 -3.57 10.14
CA SER A 17 -0.91 -2.96 9.89
C SER A 17 -2.00 -3.83 10.53
N ARG A 18 -3.24 -3.64 10.13
CA ARG A 18 -4.33 -4.45 10.73
C ARG A 18 -5.62 -4.21 9.93
N PHE A 19 -5.83 -3.00 9.48
CA PHE A 19 -7.06 -2.71 8.70
C PHE A 19 -6.77 -1.62 7.66
N PHE A 20 -7.30 -1.76 6.48
CA PHE A 20 -7.04 -0.73 5.42
C PHE A 20 -8.35 -0.03 5.04
N GLY A 21 -9.20 0.21 6.01
CA GLY A 21 -10.48 0.90 5.71
C GLY A 21 -10.32 2.42 5.90
N ARG A 22 -9.92 2.82 7.07
CA ARG A 22 -9.74 4.27 7.33
C ARG A 22 -8.48 4.47 8.18
N ALA A 23 -7.43 3.76 7.88
CA ALA A 23 -6.17 3.89 8.66
C ALA A 23 -5.76 5.37 8.73
N PRO A 24 -5.90 5.95 9.90
CA PRO A 24 -5.54 7.36 10.13
C PRO A 24 -4.02 7.50 10.34
N TYR A 25 -3.23 6.80 9.58
CA TYR A 25 -1.76 6.88 9.74
C TYR A 25 -1.10 6.35 8.47
N PHE A 26 -1.12 7.12 7.42
CA PHE A 26 -0.50 6.66 6.14
C PHE A 26 1.01 6.85 6.22
N MET A 27 1.73 5.75 6.24
CA MET A 27 3.22 5.84 6.31
C MET A 27 3.80 5.79 4.89
N ILE A 28 4.41 6.86 4.46
CA ILE A 28 5.00 6.88 3.09
C ILE A 28 6.52 6.79 3.18
N VAL A 29 7.11 5.82 2.54
CA VAL A 29 8.60 5.68 2.60
C VAL A 29 9.18 5.74 1.18
N GLU A 30 10.03 6.68 0.91
CA GLU A 30 10.63 6.79 -0.46
C GLU A 30 12.13 6.57 -0.36
N MET A 31 12.59 5.38 -0.63
CA MET A 31 14.05 5.10 -0.56
C MET A 31 14.69 5.42 -1.92
N LYS A 32 15.99 5.49 -1.97
CA LYS A 32 16.67 5.80 -3.26
C LYS A 32 17.02 4.50 -3.99
N LYS A 33 18.21 4.00 -3.79
CA LYS A 33 18.60 2.73 -4.48
C LYS A 33 18.77 1.63 -3.44
N GLY A 34 17.97 1.64 -2.41
CA GLY A 34 18.09 0.58 -1.36
C GLY A 34 18.38 1.23 -0.02
N ASN A 35 18.05 2.49 0.13
CA ASN A 35 18.30 3.18 1.43
C ASN A 35 17.13 4.12 1.74
N ILE A 36 16.33 3.78 2.72
CA ILE A 36 15.17 4.65 3.07
C ILE A 36 15.68 6.02 3.54
N GLU A 37 15.39 7.05 2.80
CA GLU A 37 15.85 8.40 3.20
C GLU A 37 14.64 9.34 3.32
N SER A 38 13.49 8.79 3.62
CA SER A 38 12.27 9.63 3.75
C SER A 38 11.12 8.79 4.29
N SER A 39 10.89 8.83 5.57
CA SER A 39 9.79 8.03 6.17
C SER A 39 8.88 8.95 6.98
N GLU A 40 7.73 9.30 6.44
CA GLU A 40 6.82 10.20 7.19
C GLU A 40 5.53 9.45 7.55
N VAL A 41 5.00 9.72 8.71
CA VAL A 41 3.74 9.04 9.14
C VAL A 41 2.65 10.09 9.31
N ILE A 42 1.82 10.28 8.31
CA ILE A 42 0.74 11.30 8.41
C ILE A 42 -0.61 10.63 8.22
N GLU A 43 -1.52 10.82 9.14
CA GLU A 43 -2.87 10.21 9.01
C GLU A 43 -3.48 10.58 7.66
N ASN A 44 -4.28 9.72 7.10
CA ASN A 44 -4.90 10.02 5.78
C ASN A 44 -5.84 11.23 5.94
N PRO A 45 -5.94 12.00 4.90
CA PRO A 45 -6.78 13.22 4.88
C PRO A 45 -8.26 12.84 4.69
N SER A 46 -9.15 13.68 5.13
CA SER A 46 -10.61 13.39 4.98
C SER A 46 -10.95 12.07 5.67
N ALA A 47 -10.10 11.60 6.54
CA ALA A 47 -10.39 10.31 7.23
C ALA A 47 -11.81 10.35 7.79
N SER A 48 -12.04 11.16 8.78
CA SER A 48 -13.41 11.25 9.38
C SER A 48 -14.16 12.42 8.73
N ALA A 49 -15.21 12.15 8.01
CA ALA A 49 -15.97 13.26 7.36
C ALA A 49 -17.47 12.98 7.48
N SER A 50 -18.27 13.78 6.82
CA SER A 50 -19.74 13.56 6.89
C SER A 50 -20.18 12.68 5.72
N GLY A 51 -19.29 11.88 5.20
CA GLY A 51 -19.66 10.99 4.06
C GLY A 51 -18.39 10.42 3.43
N GLY A 52 -17.79 9.45 4.07
CA GLY A 52 -16.54 8.85 3.51
C GLY A 52 -16.72 7.34 3.41
N ALA A 53 -15.87 6.67 2.67
CA ALA A 53 -15.98 5.20 2.53
C ALA A 53 -14.69 4.54 3.01
N GLY A 54 -13.58 4.89 2.42
CA GLY A 54 -12.29 4.28 2.85
C GLY A 54 -11.57 3.69 1.63
N ILE A 55 -12.27 2.94 0.82
CA ILE A 55 -11.63 2.35 -0.39
C ILE A 55 -11.45 3.42 -1.45
N ARG A 56 -12.19 4.50 -1.36
CA ARG A 56 -12.06 5.57 -2.37
C ARG A 56 -10.70 6.27 -2.21
N THR A 57 -10.15 6.24 -1.03
CA THR A 57 -8.84 6.91 -0.81
C THR A 57 -7.80 6.35 -1.79
N ALA A 58 -8.00 5.14 -2.24
CA ALA A 58 -7.03 4.54 -3.20
C ALA A 58 -6.68 5.57 -4.28
N GLN A 59 -7.66 6.29 -4.76
CA GLN A 59 -7.39 7.30 -5.81
C GLN A 59 -6.26 8.23 -5.35
N ILE A 60 -6.39 8.85 -4.22
CA ILE A 60 -5.32 9.75 -3.72
C ILE A 60 -4.00 8.99 -3.67
N ILE A 61 -4.05 7.72 -3.37
CA ILE A 61 -2.79 6.92 -3.30
C ILE A 61 -2.09 6.96 -4.66
N ALA A 62 -2.78 6.63 -5.71
CA ALA A 62 -2.15 6.64 -7.06
C ALA A 62 -1.74 8.08 -7.43
N ASN A 63 -2.35 9.05 -6.81
CA ASN A 63 -2.00 10.46 -7.12
C ASN A 63 -0.66 10.82 -6.48
N ASN A 64 -0.29 10.11 -5.44
CA ASN A 64 1.01 10.41 -4.77
C ASN A 64 2.16 9.72 -5.51
N GLY A 65 1.84 8.75 -6.32
CA GLY A 65 2.91 8.03 -7.07
C GLY A 65 3.25 6.71 -6.35
N VAL A 66 2.61 6.46 -5.23
CA VAL A 66 2.88 5.21 -4.48
C VAL A 66 2.99 4.03 -5.45
N LYS A 67 4.19 3.67 -5.81
CA LYS A 67 4.37 2.53 -6.74
C LYS A 67 4.22 1.23 -5.95
N ALA A 68 4.17 1.33 -4.65
CA ALA A 68 4.02 0.10 -3.81
C ALA A 68 2.98 0.35 -2.72
N VAL A 69 1.90 -0.39 -2.72
CA VAL A 69 0.86 -0.17 -1.67
C VAL A 69 0.82 -1.38 -0.73
N ILE A 70 1.06 -1.16 0.53
CA ILE A 70 1.04 -2.30 1.49
C ILE A 70 -0.28 -2.27 2.29
N ALA A 71 -1.08 -3.29 2.15
CA ALA A 71 -2.38 -3.32 2.89
C ALA A 71 -2.89 -4.76 2.97
N SER A 72 -3.93 -4.98 3.73
CA SER A 72 -4.49 -6.36 3.86
C SER A 72 -6.01 -6.30 3.70
N SER A 73 -6.50 -5.54 2.77
CA SER A 73 -7.97 -5.43 2.57
C SER A 73 -8.59 -6.83 2.45
N PRO A 74 -9.85 -6.91 2.77
CA PRO A 74 -10.60 -8.18 2.72
C PRO A 74 -10.99 -8.51 1.28
N GLY A 75 -10.84 -7.58 0.37
CA GLY A 75 -11.21 -7.86 -1.05
C GLY A 75 -10.30 -7.04 -1.98
N PRO A 76 -10.14 -7.53 -3.18
CA PRO A 76 -9.30 -6.88 -4.20
C PRO A 76 -10.06 -5.74 -4.88
N ASN A 77 -10.83 -4.98 -4.14
CA ASN A 77 -11.59 -3.86 -4.75
C ASN A 77 -10.64 -2.68 -5.00
N ALA A 78 -9.96 -2.23 -3.99
CA ALA A 78 -9.02 -1.08 -4.16
C ALA A 78 -7.87 -1.50 -5.08
N PHE A 79 -7.39 -2.70 -4.95
CA PHE A 79 -6.27 -3.16 -5.82
C PHE A 79 -6.66 -2.97 -7.29
N GLU A 80 -7.90 -3.14 -7.61
CA GLU A 80 -8.33 -2.97 -9.03
C GLU A 80 -7.87 -1.61 -9.55
N VAL A 81 -8.24 -0.56 -8.88
CA VAL A 81 -7.82 0.80 -9.34
C VAL A 81 -6.29 0.89 -9.33
N LEU A 82 -5.66 0.32 -8.34
CA LEU A 82 -4.18 0.36 -8.26
C LEU A 82 -3.57 -0.12 -9.58
N ASN A 83 -4.12 -1.15 -10.16
CA ASN A 83 -3.56 -1.66 -11.44
C ASN A 83 -3.94 -0.71 -12.58
N GLU A 84 -5.11 -0.15 -12.55
CA GLU A 84 -5.52 0.78 -13.64
C GLU A 84 -4.65 2.05 -13.61
N LEU A 85 -4.04 2.32 -12.49
CA LEU A 85 -3.19 3.54 -12.40
C LEU A 85 -1.71 3.15 -12.49
N GLY A 86 -1.42 2.03 -13.10
CA GLY A 86 0.00 1.60 -13.23
C GLY A 86 0.68 1.62 -11.86
N ILE A 87 0.24 0.77 -10.96
CA ILE A 87 0.85 0.74 -9.61
C ILE A 87 0.95 -0.71 -9.14
N LYS A 88 1.87 -1.00 -8.25
CA LYS A 88 2.01 -2.41 -7.76
C LYS A 88 1.34 -2.55 -6.39
N ILE A 89 0.53 -3.55 -6.23
CA ILE A 89 -0.15 -3.75 -4.91
C ILE A 89 0.65 -4.74 -4.07
N TYR A 90 0.44 -4.73 -2.78
CA TYR A 90 1.20 -5.67 -1.91
C TYR A 90 0.29 -6.13 -0.76
N ARG A 91 0.30 -7.41 -0.47
CA ARG A 91 -0.55 -7.92 0.63
C ARG A 91 0.28 -8.08 1.91
N ALA A 92 -0.27 -7.74 3.04
CA ALA A 92 0.49 -7.87 4.31
C ALA A 92 0.43 -9.32 4.80
N THR A 93 1.54 -10.01 4.78
CA THR A 93 1.53 -11.43 5.24
C THR A 93 2.85 -11.73 5.95
N GLY A 94 3.57 -10.72 6.33
CA GLY A 94 4.87 -10.94 7.04
C GLY A 94 4.64 -10.96 8.55
N THR A 95 5.41 -10.21 9.28
CA THR A 95 5.23 -10.18 10.76
C THR A 95 4.98 -8.74 11.22
N SER A 96 5.87 -7.85 10.88
CA SER A 96 5.70 -6.42 11.29
C SER A 96 5.81 -5.51 10.06
N VAL A 97 5.52 -4.25 10.21
CA VAL A 97 5.61 -3.33 9.05
C VAL A 97 7.07 -2.97 8.78
N GLU A 98 7.82 -2.70 9.81
CA GLU A 98 9.26 -2.35 9.62
C GLU A 98 9.96 -3.48 8.86
N GLU A 99 9.57 -4.70 9.10
CA GLU A 99 10.22 -5.84 8.40
C GLU A 99 9.70 -5.91 6.96
N ASN A 100 8.43 -6.07 6.78
CA ASN A 100 7.87 -6.15 5.40
C ASN A 100 8.38 -4.96 4.58
N LEU A 101 8.78 -3.91 5.24
CA LEU A 101 9.28 -2.71 4.49
C LEU A 101 10.56 -3.10 3.74
N LYS A 102 11.62 -3.34 4.45
CA LYS A 102 12.90 -3.72 3.78
C LYS A 102 12.72 -5.04 3.03
N LEU A 103 11.66 -5.75 3.33
CA LEU A 103 11.41 -7.05 2.64
C LEU A 103 10.88 -6.79 1.23
N PHE A 104 10.14 -5.74 1.05
CA PHE A 104 9.58 -5.44 -0.30
C PHE A 104 10.71 -4.98 -1.22
N THR A 105 11.71 -4.33 -0.70
CA THR A 105 12.83 -3.85 -1.56
C THR A 105 13.70 -5.03 -1.99
N GLU A 106 13.66 -6.11 -1.27
CA GLU A 106 14.49 -7.29 -1.64
C GLU A 106 13.69 -8.22 -2.55
N GLY A 107 12.58 -7.76 -3.04
CA GLY A 107 11.75 -8.62 -3.93
C GLY A 107 11.48 -9.96 -3.25
N ASN A 108 10.97 -9.92 -2.04
CA ASN A 108 10.68 -11.20 -1.32
C ASN A 108 9.37 -11.80 -1.83
N LEU A 109 8.28 -11.12 -1.64
CA LEU A 109 6.97 -11.65 -2.10
C LEU A 109 5.85 -10.70 -1.71
N GLU A 110 4.65 -11.19 -1.55
CA GLU A 110 3.52 -10.30 -1.16
C GLU A 110 3.30 -9.25 -2.26
N GLU A 111 3.64 -9.58 -3.48
CA GLU A 111 3.45 -8.60 -4.59
C GLU A 111 2.31 -9.06 -5.49
N ILE A 112 1.60 -8.14 -6.07
CA ILE A 112 0.48 -8.51 -6.97
C ILE A 112 0.27 -7.40 -8.02
N ARG A 113 0.23 -7.76 -9.27
CA ARG A 113 0.04 -6.72 -10.32
C ARG A 113 -0.93 -7.24 -11.39
N SER A 114 -1.72 -8.22 -11.06
CA SER A 114 -2.70 -8.76 -12.05
C SER A 114 -1.93 -9.29 -13.27
N PRO A 115 -2.54 -10.22 -13.95
CA PRO A 115 -1.94 -10.84 -15.16
C PRO A 115 -2.11 -9.91 -16.37
N GLY A 116 -3.13 -9.11 -16.39
CA GLY A 116 -3.34 -8.18 -17.54
C GLY A 116 -4.83 -7.92 -17.73
N SER A 117 -5.37 -8.28 -18.86
CA SER A 117 -6.82 -8.05 -19.09
C SER A 117 -7.36 -9.10 -20.06
N GLY A 118 -6.73 -10.25 -20.12
CA GLY A 118 -7.21 -11.32 -21.04
C GLY A 118 -6.09 -12.32 -21.29
N ARG A 119 -6.44 -13.56 -21.54
CA ARG A 119 -5.39 -14.59 -21.78
C ARG A 119 -5.92 -15.63 -22.79
N GLY A 120 -5.10 -16.05 -23.70
CA GLY A 120 -5.55 -17.06 -24.70
C GLY A 120 -4.90 -16.77 -26.05
N ARG A 121 -3.73 -17.30 -26.27
CA ARG A 121 -3.03 -17.06 -27.57
C ARG A 121 -3.66 -17.93 -28.65
N ARG A 122 -3.93 -19.17 -28.35
CA ARG A 122 -4.55 -20.07 -29.35
C ARG A 122 -3.59 -20.28 -30.52
N ARG A 123 -3.53 -21.47 -31.05
CA ARG A 123 -2.61 -21.73 -32.20
C ARG A 123 -3.18 -22.85 -33.05
N ARG A 124 -4.47 -23.05 -33.02
CA ARG A 124 -5.09 -24.13 -33.83
C ARG A 124 -4.80 -25.48 -33.17
N MET A 1 9.83 5.46 -7.66
CA MET A 1 9.28 4.26 -6.95
C MET A 1 9.13 4.56 -5.46
N LYS A 2 7.98 4.32 -4.91
CA LYS A 2 7.77 4.59 -3.46
C LYS A 2 6.95 3.48 -2.83
N ILE A 3 7.29 3.08 -1.62
CA ILE A 3 6.55 1.99 -0.96
C ILE A 3 5.73 2.55 0.21
N ALA A 4 4.47 2.77 0.01
CA ALA A 4 3.61 3.30 1.12
C ALA A 4 2.83 2.15 1.76
N ILE A 5 3.10 1.87 3.00
CA ILE A 5 2.37 0.76 3.67
C ILE A 5 1.13 1.29 4.37
N ALA A 6 0.05 0.55 4.35
CA ALA A 6 -1.20 1.02 5.03
C ALA A 6 -1.10 0.76 6.53
N SER A 7 -2.04 1.26 7.29
CA SER A 7 -2.00 1.04 8.76
C SER A 7 -0.60 1.34 9.29
N SER A 8 0.24 0.35 9.39
CA SER A 8 1.62 0.59 9.90
C SER A 8 1.55 1.31 11.25
N GLY A 9 0.47 1.15 11.96
CA GLY A 9 0.33 1.83 13.29
C GLY A 9 0.81 3.28 13.17
N THR A 10 2.01 3.55 13.61
CA THR A 10 2.54 4.95 13.53
C THR A 10 4.06 4.91 13.40
N ASP A 11 4.74 4.47 14.42
CA ASP A 11 6.22 4.42 14.36
C ASP A 11 6.75 3.42 15.39
N LEU A 12 6.83 3.83 16.63
CA LEU A 12 7.33 2.91 17.69
C LEU A 12 6.43 1.67 17.76
N GLY A 13 5.23 1.77 17.25
CA GLY A 13 4.31 0.60 17.29
C GLY A 13 3.70 0.37 15.90
N SER A 14 4.48 0.57 14.87
CA SER A 14 3.97 0.36 13.50
C SER A 14 3.90 -1.14 13.20
N GLU A 15 2.86 -1.79 13.64
CA GLU A 15 2.74 -3.25 13.39
C GLU A 15 2.30 -3.48 11.95
N VAL A 16 1.34 -4.34 11.72
CA VAL A 16 0.88 -4.59 10.32
C VAL A 16 -0.56 -5.08 10.34
N SER A 17 -1.48 -4.24 10.73
CA SER A 17 -2.91 -4.66 10.77
C SER A 17 -3.31 -5.25 9.43
N ARG A 18 -4.33 -6.07 9.40
CA ARG A 18 -4.75 -6.68 8.10
C ARG A 18 -6.00 -5.95 7.60
N PHE A 19 -6.32 -4.83 8.18
CA PHE A 19 -7.53 -4.07 7.72
C PHE A 19 -7.09 -2.82 6.95
N PHE A 20 -7.18 -2.85 5.65
CA PHE A 20 -6.77 -1.67 4.85
C PHE A 20 -8.01 -0.89 4.42
N GLY A 21 -8.04 0.39 4.68
CA GLY A 21 -9.22 1.20 4.28
C GLY A 21 -9.40 2.37 5.25
N ARG A 22 -9.68 2.07 6.49
CA ARG A 22 -9.86 3.16 7.50
C ARG A 22 -8.52 3.44 8.18
N ALA A 23 -7.56 2.58 7.99
CA ALA A 23 -6.22 2.79 8.63
C ALA A 23 -5.83 4.28 8.53
N PRO A 24 -5.99 4.99 9.62
CA PRO A 24 -5.66 6.42 9.69
C PRO A 24 -4.16 6.61 9.91
N TYR A 25 -3.33 5.89 9.20
CA TYR A 25 -1.86 6.04 9.39
C TYR A 25 -1.13 5.50 8.15
N PHE A 26 -1.24 6.17 7.04
CA PHE A 26 -0.55 5.69 5.81
C PHE A 26 0.93 6.10 5.86
N MET A 27 1.81 5.14 6.01
CA MET A 27 3.26 5.47 6.07
C MET A 27 3.85 5.45 4.66
N ILE A 28 4.33 6.58 4.18
CA ILE A 28 4.92 6.62 2.81
C ILE A 28 6.44 6.61 2.93
N VAL A 29 7.07 5.53 2.56
CA VAL A 29 8.56 5.47 2.65
C VAL A 29 9.16 5.59 1.23
N GLU A 30 10.26 6.28 1.11
CA GLU A 30 10.88 6.44 -0.23
C GLU A 30 12.40 6.26 -0.12
N MET A 31 12.90 5.10 -0.46
CA MET A 31 14.37 4.88 -0.37
C MET A 31 15.01 5.14 -1.74
N LYS A 32 16.27 5.48 -1.77
CA LYS A 32 16.94 5.76 -3.06
C LYS A 32 17.80 4.55 -3.48
N LYS A 33 18.58 4.02 -2.56
CA LYS A 33 19.43 2.85 -2.91
C LYS A 33 19.56 1.94 -1.69
N GLY A 34 18.71 0.95 -1.59
CA GLY A 34 18.79 0.02 -0.43
C GLY A 34 19.03 0.81 0.86
N ASN A 35 18.59 2.05 0.90
CA ASN A 35 18.79 2.86 2.13
C ASN A 35 17.66 3.88 2.25
N ILE A 36 16.80 3.71 3.22
CA ILE A 36 15.67 4.68 3.39
C ILE A 36 16.23 6.10 3.55
N GLU A 37 15.91 6.97 2.63
CA GLU A 37 16.41 8.36 2.72
C GLU A 37 15.22 9.32 2.89
N SER A 38 14.10 8.81 3.29
CA SER A 38 12.90 9.68 3.46
C SER A 38 11.76 8.87 4.06
N SER A 39 11.17 9.33 5.13
CA SER A 39 10.05 8.59 5.76
C SER A 39 9.00 9.59 6.25
N GLU A 40 7.85 9.61 5.62
CA GLU A 40 6.79 10.57 6.05
C GLU A 40 5.50 9.80 6.35
N VAL A 41 5.16 9.65 7.59
CA VAL A 41 3.91 8.92 7.96
C VAL A 41 2.78 9.92 8.19
N ILE A 42 1.69 9.79 7.49
CA ILE A 42 0.57 10.75 7.68
C ILE A 42 -0.71 9.99 8.08
N GLU A 43 -1.67 10.67 8.63
CA GLU A 43 -2.93 9.99 9.05
C GLU A 43 -4.03 10.33 8.04
N ASN A 44 -5.07 9.53 8.00
CA ASN A 44 -6.18 9.81 7.05
C ASN A 44 -7.52 9.58 7.77
N PRO A 45 -7.94 10.58 8.50
CA PRO A 45 -9.20 10.52 9.27
C PRO A 45 -10.40 10.76 8.35
N SER A 46 -10.15 11.02 7.09
CA SER A 46 -11.29 11.26 6.15
C SER A 46 -12.06 9.96 5.92
N ALA A 47 -11.45 8.85 6.24
CA ALA A 47 -12.16 7.55 6.05
C ALA A 47 -13.54 7.61 6.71
N SER A 48 -13.60 7.98 7.95
CA SER A 48 -14.92 8.06 8.64
C SER A 48 -15.42 9.51 8.64
N ALA A 49 -15.37 10.16 7.52
CA ALA A 49 -15.85 11.58 7.46
C ALA A 49 -16.23 11.92 6.03
N SER A 50 -15.29 11.94 5.13
CA SER A 50 -15.62 12.27 3.70
C SER A 50 -16.89 11.53 3.29
N GLY A 51 -16.93 10.25 3.48
CA GLY A 51 -18.15 9.48 3.10
C GLY A 51 -17.78 8.41 2.06
N GLY A 52 -18.34 7.24 2.17
CA GLY A 52 -18.02 6.17 1.20
C GLY A 52 -17.47 4.94 1.94
N ALA A 53 -16.39 4.38 1.47
CA ALA A 53 -15.82 3.18 2.15
C ALA A 53 -14.48 3.56 2.78
N GLY A 54 -13.75 4.46 2.18
CA GLY A 54 -12.44 4.87 2.74
C GLY A 54 -11.31 4.37 1.83
N ILE A 55 -11.50 3.23 1.21
CA ILE A 55 -10.44 2.70 0.32
C ILE A 55 -10.40 3.50 -0.98
N ARG A 56 -11.37 4.37 -1.18
CA ARG A 56 -11.38 5.19 -2.42
C ARG A 56 -10.23 6.20 -2.39
N THR A 57 -9.75 6.52 -1.22
CA THR A 57 -8.63 7.51 -1.13
C THR A 57 -7.38 6.92 -1.80
N ALA A 58 -7.38 5.64 -2.07
CA ALA A 58 -6.19 5.02 -2.71
C ALA A 58 -5.85 5.78 -4.00
N GLN A 59 -6.84 6.06 -4.80
CA GLN A 59 -6.59 6.80 -6.07
C GLN A 59 -5.79 8.08 -5.77
N ILE A 60 -6.08 8.71 -4.67
CA ILE A 60 -5.34 9.95 -4.32
C ILE A 60 -3.92 9.60 -3.85
N ILE A 61 -3.77 8.49 -3.19
CA ILE A 61 -2.43 8.09 -2.69
C ILE A 61 -1.48 7.92 -3.89
N ALA A 62 -1.98 7.41 -4.98
CA ALA A 62 -1.11 7.22 -6.18
C ALA A 62 -0.76 8.58 -6.78
N ASN A 63 -1.55 9.58 -6.51
CA ASN A 63 -1.25 10.92 -7.07
C ASN A 63 -0.08 11.55 -6.32
N ASN A 64 0.33 10.94 -5.23
CA ASN A 64 1.47 11.49 -4.46
C ASN A 64 2.79 10.92 -5.00
N GLY A 65 2.73 9.81 -5.67
CA GLY A 65 3.98 9.21 -6.22
C GLY A 65 4.18 7.81 -5.63
N VAL A 66 3.15 7.23 -5.08
CA VAL A 66 3.29 5.87 -4.48
C VAL A 66 3.04 4.82 -5.57
N LYS A 67 4.08 4.41 -6.24
CA LYS A 67 3.91 3.38 -7.31
C LYS A 67 3.82 2.00 -6.65
N ALA A 68 4.06 1.92 -5.37
CA ALA A 68 3.96 0.59 -4.69
C ALA A 68 3.11 0.73 -3.42
N VAL A 69 1.97 0.09 -3.40
CA VAL A 69 1.09 0.20 -2.19
C VAL A 69 1.04 -1.16 -1.48
N ILE A 70 1.38 -1.20 -0.23
CA ILE A 70 1.34 -2.48 0.52
C ILE A 70 0.09 -2.49 1.42
N ALA A 71 -0.82 -3.40 1.18
CA ALA A 71 -2.04 -3.47 2.02
C ALA A 71 -2.53 -4.91 2.14
N SER A 72 -3.54 -5.13 2.92
CA SER A 72 -4.08 -6.51 3.09
C SER A 72 -5.61 -6.47 3.18
N SER A 73 -6.24 -5.92 2.18
CA SER A 73 -7.74 -5.83 2.20
C SER A 73 -8.33 -7.23 2.16
N PRO A 74 -9.54 -7.35 2.67
CA PRO A 74 -10.26 -8.63 2.72
C PRO A 74 -10.85 -8.96 1.34
N GLY A 75 -10.97 -7.98 0.49
CA GLY A 75 -11.54 -8.23 -0.87
C GLY A 75 -10.62 -7.62 -1.93
N PRO A 76 -10.80 -8.06 -3.15
CA PRO A 76 -9.99 -7.58 -4.29
C PRO A 76 -10.50 -6.22 -4.79
N ASN A 77 -11.39 -5.61 -4.05
CA ASN A 77 -11.92 -4.28 -4.48
C ASN A 77 -10.77 -3.27 -4.57
N ALA A 78 -10.03 -3.10 -3.52
CA ALA A 78 -8.90 -2.14 -3.55
C ALA A 78 -7.96 -2.48 -4.70
N PHE A 79 -7.52 -3.71 -4.76
CA PHE A 79 -6.59 -4.12 -5.86
C PHE A 79 -7.21 -3.76 -7.21
N GLU A 80 -8.50 -3.75 -7.31
CA GLU A 80 -9.16 -3.41 -8.60
C GLU A 80 -8.95 -1.93 -8.91
N VAL A 81 -9.08 -1.08 -7.92
CA VAL A 81 -8.88 0.38 -8.17
C VAL A 81 -7.42 0.64 -8.55
N LEU A 82 -6.50 0.18 -7.75
CA LEU A 82 -5.06 0.41 -8.05
C LEU A 82 -4.72 -0.22 -9.42
N ASN A 83 -5.43 -1.25 -9.80
CA ASN A 83 -5.14 -1.89 -11.11
C ASN A 83 -5.55 -0.94 -12.23
N GLU A 84 -6.70 -0.34 -12.14
CA GLU A 84 -7.14 0.60 -13.19
C GLU A 84 -6.26 1.84 -13.17
N LEU A 85 -5.65 2.13 -12.05
CA LEU A 85 -4.78 3.32 -11.96
C LEU A 85 -3.45 3.05 -12.67
N GLY A 86 -2.98 1.84 -12.61
CA GLY A 86 -1.69 1.50 -13.29
C GLY A 86 -0.56 1.47 -12.25
N ILE A 87 -0.90 1.20 -11.01
CA ILE A 87 0.15 1.15 -9.95
C ILE A 87 0.42 -0.30 -9.56
N LYS A 88 1.45 -0.55 -8.80
CA LYS A 88 1.76 -1.95 -8.38
C LYS A 88 1.11 -2.23 -7.02
N ILE A 89 0.48 -3.36 -6.88
CA ILE A 89 -0.17 -3.70 -5.58
C ILE A 89 0.64 -4.77 -4.86
N TYR A 90 0.74 -4.68 -3.57
CA TYR A 90 1.53 -5.70 -2.80
C TYR A 90 0.69 -6.20 -1.62
N ARG A 91 0.88 -7.44 -1.24
CA ARG A 91 0.09 -7.98 -0.09
C ARG A 91 0.99 -8.06 1.13
N ALA A 92 0.54 -7.53 2.25
CA ALA A 92 1.38 -7.58 3.47
C ALA A 92 0.77 -8.56 4.48
N THR A 93 1.48 -9.62 4.79
CA THR A 93 0.95 -10.62 5.76
C THR A 93 2.11 -11.19 6.59
N GLY A 94 3.20 -10.47 6.66
CA GLY A 94 4.37 -10.97 7.45
C GLY A 94 4.03 -10.93 8.93
N THR A 95 4.69 -10.06 9.67
CA THR A 95 4.40 -9.98 11.13
C THR A 95 4.45 -8.52 11.59
N SER A 96 5.38 -7.76 11.08
CA SER A 96 5.48 -6.32 11.48
C SER A 96 5.88 -5.48 10.27
N VAL A 97 5.17 -4.41 10.04
CA VAL A 97 5.51 -3.52 8.88
C VAL A 97 6.97 -3.08 8.99
N GLU A 98 7.54 -3.14 10.17
CA GLU A 98 8.95 -2.72 10.34
C GLU A 98 9.85 -3.59 9.45
N GLU A 99 9.91 -4.87 9.72
CA GLU A 99 10.76 -5.77 8.89
C GLU A 99 10.18 -5.86 7.48
N ASN A 100 8.90 -5.61 7.34
CA ASN A 100 8.28 -5.68 5.99
C ASN A 100 8.81 -4.53 5.12
N LEU A 101 9.16 -3.43 5.73
CA LEU A 101 9.69 -2.28 4.94
C LEU A 101 10.98 -2.70 4.25
N LYS A 102 12.03 -2.92 5.00
CA LYS A 102 13.31 -3.33 4.38
C LYS A 102 13.11 -4.64 3.62
N LEU A 103 12.08 -5.38 3.96
CA LEU A 103 11.83 -6.67 3.25
C LEU A 103 11.39 -6.38 1.82
N PHE A 104 10.66 -5.31 1.61
CA PHE A 104 10.21 -4.98 0.22
C PHE A 104 11.43 -4.93 -0.70
N THR A 105 12.56 -4.55 -0.19
CA THR A 105 13.78 -4.50 -1.03
C THR A 105 14.13 -5.90 -1.53
N GLU A 106 13.99 -6.88 -0.68
CA GLU A 106 14.32 -8.28 -1.11
C GLU A 106 13.13 -8.88 -1.85
N GLY A 107 12.00 -8.23 -1.79
CA GLY A 107 10.80 -8.76 -2.50
C GLY A 107 10.37 -10.08 -1.86
N ASN A 108 10.43 -10.18 -0.57
CA ASN A 108 10.03 -11.46 0.10
C ASN A 108 8.51 -11.50 0.22
N LEU A 109 7.85 -10.40 -0.01
CA LEU A 109 6.36 -10.39 0.10
C LEU A 109 5.80 -9.31 -0.84
N GLU A 110 5.13 -9.69 -1.89
CA GLU A 110 4.57 -8.67 -2.82
C GLU A 110 3.18 -9.12 -3.30
N GLU A 111 2.82 -8.76 -4.50
CA GLU A 111 1.49 -9.15 -5.03
C GLU A 111 1.42 -8.84 -6.53
N ILE A 112 0.59 -7.94 -6.93
CA ILE A 112 0.49 -7.60 -8.37
C ILE A 112 1.50 -6.51 -8.72
N ARG A 113 2.01 -6.50 -9.92
CA ARG A 113 3.01 -5.47 -10.32
C ARG A 113 2.41 -4.54 -11.38
N SER A 114 2.65 -4.84 -12.64
CA SER A 114 2.10 -3.97 -13.71
C SER A 114 1.28 -4.82 -14.70
N PRO A 115 0.51 -4.15 -15.52
CA PRO A 115 -0.34 -4.82 -16.53
C PRO A 115 0.51 -5.25 -17.73
N GLY A 116 0.88 -6.50 -17.78
CA GLY A 116 1.69 -6.99 -18.93
C GLY A 116 0.77 -7.52 -20.03
N SER A 117 -0.12 -8.41 -19.68
CA SER A 117 -1.05 -8.97 -20.70
C SER A 117 -2.50 -8.84 -20.21
N GLY A 118 -2.74 -7.92 -19.32
CA GLY A 118 -4.13 -7.73 -18.80
C GLY A 118 -4.66 -6.38 -19.25
N ARG A 119 -5.85 -6.03 -18.82
CA ARG A 119 -6.44 -4.71 -19.22
C ARG A 119 -5.51 -3.59 -18.76
N GLY A 120 -5.94 -2.37 -18.91
CA GLY A 120 -5.09 -1.21 -18.48
C GLY A 120 -4.73 -0.35 -19.68
N ARG A 121 -3.57 -0.55 -20.24
CA ARG A 121 -3.16 0.25 -21.43
C ARG A 121 -1.87 -0.32 -22.00
N ARG A 122 -1.60 -0.06 -23.26
CA ARG A 122 -0.35 -0.59 -23.88
C ARG A 122 0.74 0.49 -23.83
N ARG A 123 1.62 0.51 -24.79
CA ARG A 123 2.70 1.53 -24.79
C ARG A 123 2.15 2.85 -25.34
N ARG A 124 2.67 3.96 -24.88
CA ARG A 124 2.16 5.27 -25.38
C ARG A 124 3.33 6.06 -25.97
N MET A 1 10.30 4.53 -7.19
CA MET A 1 9.80 3.28 -6.54
C MET A 1 9.54 3.56 -5.05
N LYS A 2 8.49 4.26 -4.74
CA LYS A 2 8.19 4.55 -3.31
C LYS A 2 7.29 3.46 -2.74
N ILE A 3 7.51 3.09 -1.50
CA ILE A 3 6.67 2.03 -0.89
C ILE A 3 5.91 2.59 0.31
N ALA A 4 4.61 2.60 0.24
CA ALA A 4 3.80 3.14 1.38
C ALA A 4 2.97 2.00 1.98
N ILE A 5 3.18 1.69 3.23
CA ILE A 5 2.40 0.59 3.86
C ILE A 5 1.26 1.17 4.69
N ALA A 6 0.11 0.54 4.66
CA ALA A 6 -1.04 1.04 5.46
C ALA A 6 -1.26 0.12 6.66
N SER A 7 -1.54 0.68 7.80
CA SER A 7 -1.76 -0.19 9.00
C SER A 7 -2.46 0.63 10.09
N SER A 8 -2.19 0.33 11.34
CA SER A 8 -2.84 1.09 12.44
C SER A 8 -1.77 1.72 13.33
N GLY A 9 -0.99 0.89 14.00
CA GLY A 9 0.08 1.44 14.89
C GLY A 9 1.05 2.28 14.06
N THR A 10 1.91 3.02 14.70
CA THR A 10 2.88 3.85 13.93
C THR A 10 4.14 3.02 13.63
N ASP A 11 4.60 2.26 14.57
CA ASP A 11 5.81 1.42 14.32
C ASP A 11 6.07 0.51 15.52
N LEU A 12 5.89 1.00 16.72
CA LEU A 12 6.13 0.16 17.92
C LEU A 12 4.87 -0.66 18.22
N GLY A 13 3.78 -0.36 17.58
CA GLY A 13 2.53 -1.13 17.83
C GLY A 13 1.82 -1.41 16.51
N SER A 14 2.45 -1.12 15.40
CA SER A 14 1.80 -1.38 14.09
C SER A 14 1.88 -2.88 13.77
N GLU A 15 1.00 -3.66 14.34
CA GLU A 15 1.03 -5.13 14.08
C GLU A 15 0.42 -5.41 12.70
N VAL A 16 0.03 -4.39 11.98
CA VAL A 16 -0.56 -4.61 10.63
C VAL A 16 -1.96 -5.22 10.78
N SER A 17 -2.92 -4.45 11.20
CA SER A 17 -4.29 -4.99 11.36
C SER A 17 -4.80 -5.50 10.00
N ARG A 18 -6.08 -5.71 9.89
CA ARG A 18 -6.63 -6.22 8.58
C ARG A 18 -7.63 -5.19 8.03
N PHE A 19 -7.47 -3.94 8.37
CA PHE A 19 -8.42 -2.91 7.86
C PHE A 19 -7.66 -1.90 6.99
N PHE A 20 -7.96 -1.86 5.72
CA PHE A 20 -7.26 -0.89 4.82
C PHE A 20 -8.26 0.17 4.35
N GLY A 21 -9.14 0.60 5.23
CA GLY A 21 -10.13 1.62 4.83
C GLY A 21 -9.67 3.00 5.32
N ARG A 22 -9.95 3.34 6.55
CA ARG A 22 -9.52 4.66 7.08
C ARG A 22 -8.13 4.54 7.71
N ALA A 23 -7.13 4.29 6.91
CA ALA A 23 -5.75 4.15 7.46
C ALA A 23 -5.47 5.31 8.42
N PRO A 24 -5.48 5.02 9.70
CA PRO A 24 -5.22 6.02 10.75
C PRO A 24 -3.72 6.29 10.88
N TYR A 25 -2.91 5.58 10.13
CA TYR A 25 -1.44 5.80 10.20
C TYR A 25 -0.78 5.24 8.94
N PHE A 26 -0.96 5.91 7.83
CA PHE A 26 -0.34 5.41 6.56
C PHE A 26 1.14 5.78 6.54
N MET A 27 2.00 4.80 6.56
CA MET A 27 3.47 5.08 6.53
C MET A 27 3.94 5.20 5.08
N ILE A 28 4.36 6.36 4.68
CA ILE A 28 4.83 6.53 3.26
C ILE A 28 6.36 6.56 3.24
N VAL A 29 6.96 5.73 2.43
CA VAL A 29 8.44 5.71 2.36
C VAL A 29 8.88 5.93 0.90
N GLU A 30 9.90 6.72 0.70
CA GLU A 30 10.37 6.98 -0.69
C GLU A 30 11.85 6.61 -0.80
N MET A 31 12.18 5.65 -1.61
CA MET A 31 13.61 5.25 -1.77
C MET A 31 14.07 5.56 -3.19
N LYS A 32 15.28 6.01 -3.36
CA LYS A 32 15.79 6.33 -4.72
C LYS A 32 16.33 5.04 -5.37
N LYS A 33 17.53 4.67 -5.04
CA LYS A 33 18.10 3.43 -5.64
C LYS A 33 18.37 2.40 -4.53
N GLY A 34 17.39 1.60 -4.20
CA GLY A 34 17.59 0.59 -3.14
C GLY A 34 18.15 1.25 -1.89
N ASN A 35 17.88 2.53 -1.71
CA ASN A 35 18.39 3.24 -0.51
C ASN A 35 17.33 4.20 0.01
N ILE A 36 16.58 3.79 1.01
CA ILE A 36 15.53 4.68 1.56
C ILE A 36 16.12 6.07 1.84
N GLU A 37 15.40 7.11 1.50
CA GLU A 37 15.93 8.48 1.75
C GLU A 37 14.81 9.34 2.35
N SER A 38 13.78 8.74 2.87
CA SER A 38 12.67 9.54 3.47
C SER A 38 11.63 8.59 4.05
N SER A 39 11.25 8.80 5.28
CA SER A 39 10.23 7.93 5.93
C SER A 39 9.33 8.77 6.83
N GLU A 40 8.09 8.95 6.47
CA GLU A 40 7.18 9.77 7.31
C GLU A 40 5.87 9.00 7.56
N VAL A 41 5.12 9.42 8.54
CA VAL A 41 3.83 8.73 8.83
C VAL A 41 2.68 9.73 8.70
N ILE A 42 1.53 9.28 8.30
CA ILE A 42 0.37 10.21 8.15
C ILE A 42 -0.79 9.73 9.02
N GLU A 43 -1.36 10.61 9.81
CA GLU A 43 -2.50 10.21 10.68
C GLU A 43 -3.79 10.85 10.14
N ASN A 44 -4.58 10.10 9.42
CA ASN A 44 -5.84 10.67 8.87
C ASN A 44 -6.59 11.44 9.96
N PRO A 45 -7.22 12.52 9.58
CA PRO A 45 -7.98 13.37 10.51
C PRO A 45 -9.35 12.76 10.81
N SER A 46 -10.04 12.28 9.80
CA SER A 46 -11.37 11.68 10.02
C SER A 46 -11.22 10.17 10.23
N ALA A 47 -10.11 9.74 10.76
CA ALA A 47 -9.91 8.28 10.98
C ALA A 47 -10.76 7.82 12.17
N SER A 48 -11.27 8.75 12.93
CA SER A 48 -12.11 8.38 14.10
C SER A 48 -13.59 8.63 13.77
N ALA A 49 -13.89 8.94 12.54
CA ALA A 49 -15.30 9.19 12.16
C ALA A 49 -15.85 7.99 11.39
N SER A 50 -17.06 8.06 10.91
CA SER A 50 -17.64 6.93 10.15
C SER A 50 -16.71 6.56 9.00
N GLY A 51 -16.60 5.29 8.70
CA GLY A 51 -15.71 4.87 7.58
C GLY A 51 -16.56 4.50 6.36
N GLY A 52 -16.87 5.45 5.53
CA GLY A 52 -17.70 5.15 4.33
C GLY A 52 -16.80 4.57 3.23
N ALA A 53 -16.68 5.25 2.13
CA ALA A 53 -15.82 4.74 1.02
C ALA A 53 -14.35 5.00 1.36
N GLY A 54 -13.64 3.99 1.78
CA GLY A 54 -12.20 4.18 2.12
C GLY A 54 -11.33 3.73 0.96
N ILE A 55 -11.89 2.98 0.04
CA ILE A 55 -11.09 2.50 -1.12
C ILE A 55 -10.68 3.69 -1.99
N ARG A 56 -11.31 4.82 -1.79
CA ARG A 56 -10.96 6.02 -2.61
C ARG A 56 -9.60 6.55 -2.17
N THR A 57 -9.19 6.25 -0.97
CA THR A 57 -7.87 6.74 -0.48
C THR A 57 -6.77 6.30 -1.44
N ALA A 58 -7.00 5.23 -2.17
CA ALA A 58 -5.96 4.75 -3.12
C ALA A 58 -5.63 5.86 -4.12
N GLN A 59 -6.62 6.38 -4.80
CA GLN A 59 -6.35 7.46 -5.79
C GLN A 59 -5.53 8.57 -5.13
N ILE A 60 -5.82 8.87 -3.89
CA ILE A 60 -5.06 9.95 -3.19
C ILE A 60 -3.59 9.54 -3.06
N ILE A 61 -3.33 8.29 -2.81
CA ILE A 61 -1.92 7.84 -2.66
C ILE A 61 -1.25 7.81 -4.04
N ALA A 62 -2.01 7.73 -5.09
CA ALA A 62 -1.42 7.70 -6.45
C ALA A 62 -0.86 9.08 -6.80
N ASN A 63 -1.44 10.11 -6.24
CA ASN A 63 -0.93 11.49 -6.54
C ASN A 63 0.38 11.73 -5.79
N ASN A 64 0.82 10.78 -5.01
CA ASN A 64 2.10 10.97 -4.26
C ASN A 64 3.24 10.27 -5.01
N GLY A 65 2.91 9.37 -5.90
CA GLY A 65 3.98 8.65 -6.66
C GLY A 65 4.17 7.25 -6.09
N VAL A 66 3.56 6.97 -4.96
CA VAL A 66 3.69 5.62 -4.35
C VAL A 66 3.59 4.55 -5.44
N LYS A 67 4.71 4.11 -5.94
CA LYS A 67 4.69 3.06 -6.99
C LYS A 67 4.47 1.70 -6.33
N ALA A 68 4.42 1.67 -5.03
CA ALA A 68 4.21 0.38 -4.32
C ALA A 68 3.25 0.59 -3.14
N VAL A 69 2.26 -0.25 -3.00
CA VAL A 69 1.30 -0.08 -1.87
C VAL A 69 1.15 -1.41 -1.12
N ILE A 70 1.45 -1.41 0.16
CA ILE A 70 1.32 -2.67 0.95
C ILE A 70 -0.01 -2.65 1.71
N ALA A 71 -0.89 -3.56 1.41
CA ALA A 71 -2.20 -3.60 2.11
C ALA A 71 -2.74 -5.03 2.13
N SER A 72 -3.83 -5.25 2.80
CA SER A 72 -4.41 -6.62 2.86
C SER A 72 -5.92 -6.54 2.68
N SER A 73 -6.39 -5.68 1.80
CA SER A 73 -7.85 -5.55 1.58
C SER A 73 -8.46 -6.94 1.36
N PRO A 74 -9.57 -7.19 2.01
CA PRO A 74 -10.28 -8.48 1.90
C PRO A 74 -11.11 -8.54 0.62
N GLY A 75 -11.42 -7.39 0.06
CA GLY A 75 -12.23 -7.38 -1.19
C GLY A 75 -11.33 -7.06 -2.39
N PRO A 76 -11.69 -7.60 -3.52
CA PRO A 76 -10.95 -7.39 -4.78
C PRO A 76 -11.26 -6.02 -5.37
N ASN A 77 -12.11 -5.26 -4.73
CA ASN A 77 -12.46 -3.91 -5.25
C ASN A 77 -11.24 -2.99 -5.17
N ALA A 78 -10.61 -2.94 -4.03
CA ALA A 78 -9.41 -2.07 -3.88
C ALA A 78 -8.32 -2.53 -4.85
N PHE A 79 -7.97 -3.78 -4.82
CA PHE A 79 -6.92 -4.29 -5.74
C PHE A 79 -7.32 -3.99 -7.18
N GLU A 80 -8.58 -3.76 -7.41
CA GLU A 80 -9.03 -3.47 -8.81
C GLU A 80 -8.64 -2.03 -9.19
N VAL A 81 -8.88 -1.09 -8.32
CA VAL A 81 -8.52 0.32 -8.62
C VAL A 81 -7.00 0.46 -8.69
N LEU A 82 -6.29 -0.17 -7.80
CA LEU A 82 -4.80 -0.06 -7.82
C LEU A 82 -4.29 -0.42 -9.22
N ASN A 83 -4.61 -1.59 -9.70
CA ASN A 83 -4.14 -1.98 -11.05
C ASN A 83 -4.77 -1.07 -12.11
N GLU A 84 -5.88 -0.46 -11.78
CA GLU A 84 -6.55 0.46 -12.76
C GLU A 84 -5.75 1.76 -12.87
N LEU A 85 -5.03 2.11 -11.85
CA LEU A 85 -4.22 3.37 -11.89
C LEU A 85 -2.85 3.07 -12.48
N GLY A 86 -2.34 1.89 -12.28
CA GLY A 86 -1.00 1.54 -12.84
C GLY A 86 0.04 1.55 -11.71
N ILE A 87 -0.31 1.01 -10.57
CA ILE A 87 0.66 0.98 -9.44
C ILE A 87 0.89 -0.46 -9.00
N LYS A 88 2.01 -0.74 -8.38
CA LYS A 88 2.28 -2.13 -7.93
C LYS A 88 1.57 -2.39 -6.59
N ILE A 89 0.98 -3.54 -6.44
CA ILE A 89 0.28 -3.84 -5.16
C ILE A 89 1.09 -4.85 -4.35
N TYR A 90 0.91 -4.87 -3.06
CA TYR A 90 1.68 -5.82 -2.21
C TYR A 90 0.73 -6.49 -1.22
N ARG A 91 0.89 -7.77 -1.00
CA ARG A 91 -0.01 -8.48 -0.05
C ARG A 91 0.70 -8.60 1.30
N ALA A 92 0.19 -7.94 2.32
CA ALA A 92 0.84 -8.01 3.66
C ALA A 92 0.43 -9.32 4.35
N THR A 93 1.38 -10.11 4.76
CA THR A 93 1.04 -11.39 5.45
C THR A 93 0.40 -11.09 6.80
N GLY A 94 0.93 -10.13 7.52
CA GLY A 94 0.35 -9.79 8.85
C GLY A 94 1.40 -10.00 9.94
N THR A 95 2.06 -8.94 10.35
CA THR A 95 3.10 -9.08 11.41
C THR A 95 3.52 -7.69 11.89
N SER A 96 4.20 -6.94 11.07
CA SER A 96 4.62 -5.58 11.49
C SER A 96 5.10 -4.80 10.27
N VAL A 97 4.47 -3.68 9.98
CA VAL A 97 4.89 -2.88 8.79
C VAL A 97 6.38 -2.54 8.90
N GLU A 98 6.92 -2.58 10.10
CA GLU A 98 8.36 -2.25 10.27
C GLU A 98 9.21 -3.24 9.47
N GLU A 99 8.98 -4.52 9.66
CA GLU A 99 9.78 -5.53 8.91
C GLU A 99 9.28 -5.63 7.47
N ASN A 100 8.01 -5.44 7.26
CA ASN A 100 7.46 -5.52 5.87
C ASN A 100 8.15 -4.48 4.99
N LEU A 101 8.54 -3.37 5.55
CA LEU A 101 9.21 -2.32 4.74
C LEU A 101 10.59 -2.82 4.28
N LYS A 102 11.43 -3.18 5.21
CA LYS A 102 12.78 -3.67 4.82
C LYS A 102 12.65 -4.96 3.98
N LEU A 103 11.53 -5.61 4.07
CA LEU A 103 11.33 -6.86 3.29
C LEU A 103 11.04 -6.51 1.82
N PHE A 104 10.23 -5.50 1.61
CA PHE A 104 9.89 -5.11 0.20
C PHE A 104 11.18 -4.78 -0.55
N THR A 105 11.98 -3.89 -0.01
CA THR A 105 13.25 -3.52 -0.70
C THR A 105 14.21 -4.72 -0.68
N GLU A 106 13.98 -5.65 0.21
CA GLU A 106 14.88 -6.84 0.27
C GLU A 106 14.43 -7.87 -0.77
N GLY A 107 13.53 -7.50 -1.63
CA GLY A 107 13.05 -8.46 -2.67
C GLY A 107 12.62 -9.76 -1.99
N ASN A 108 11.89 -9.67 -0.92
CA ASN A 108 11.45 -10.91 -0.21
C ASN A 108 10.25 -11.50 -0.94
N LEU A 109 9.14 -10.82 -0.94
CA LEU A 109 7.92 -11.35 -1.63
C LEU A 109 6.73 -10.44 -1.35
N GLU A 110 5.53 -10.93 -1.51
CA GLU A 110 4.33 -10.10 -1.25
C GLU A 110 4.17 -9.07 -2.38
N GLU A 111 4.61 -9.40 -3.56
CA GLU A 111 4.48 -8.44 -4.70
C GLU A 111 3.35 -8.89 -5.62
N ILE A 112 2.66 -7.94 -6.22
CA ILE A 112 1.54 -8.31 -7.13
C ILE A 112 1.55 -7.35 -8.32
N ARG A 113 1.59 -7.88 -9.52
CA ARG A 113 1.60 -7.01 -10.73
C ARG A 113 0.27 -7.14 -11.48
N SER A 114 -0.07 -8.34 -11.89
CA SER A 114 -1.34 -8.52 -12.64
C SER A 114 -1.85 -9.96 -12.46
N PRO A 115 -3.15 -10.10 -12.42
CA PRO A 115 -3.80 -11.42 -12.25
C PRO A 115 -3.83 -12.17 -13.58
N GLY A 116 -3.01 -13.20 -13.70
CA GLY A 116 -2.99 -13.97 -14.97
C GLY A 116 -1.59 -14.55 -15.20
N SER A 117 -0.99 -14.26 -16.32
CA SER A 117 0.37 -14.80 -16.59
C SER A 117 0.74 -14.54 -18.05
N GLY A 118 1.83 -13.86 -18.28
CA GLY A 118 2.25 -13.57 -19.69
C GLY A 118 3.69 -14.02 -19.90
N ARG A 119 4.40 -13.41 -20.81
CA ARG A 119 5.81 -13.80 -21.05
C ARG A 119 6.65 -12.56 -21.34
N GLY A 120 7.94 -12.69 -21.37
CA GLY A 120 8.81 -11.51 -21.64
C GLY A 120 10.27 -11.95 -21.69
N ARG A 121 11.07 -11.53 -20.74
CA ARG A 121 12.50 -11.92 -20.73
C ARG A 121 12.97 -12.12 -19.30
N ARG A 122 13.00 -13.33 -18.83
CA ARG A 122 13.46 -13.59 -17.43
C ARG A 122 14.96 -13.85 -17.42
N ARG A 123 15.74 -12.98 -18.00
CA ARG A 123 17.22 -13.18 -18.03
C ARG A 123 17.52 -14.54 -18.66
N ARG A 124 17.07 -14.76 -19.86
CA ARG A 124 17.33 -16.07 -20.52
C ARG A 124 18.73 -16.03 -21.16
N MET A 1 10.15 4.84 -7.31
CA MET A 1 9.92 3.60 -6.51
C MET A 1 9.65 3.96 -5.05
N LYS A 2 8.41 4.16 -4.70
CA LYS A 2 8.08 4.53 -3.29
C LYS A 2 7.31 3.37 -2.65
N ILE A 3 7.53 3.12 -1.39
CA ILE A 3 6.80 2.01 -0.71
C ILE A 3 6.01 2.54 0.49
N ALA A 4 4.71 2.61 0.36
CA ALA A 4 3.87 3.08 1.50
C ALA A 4 3.15 1.89 2.12
N ILE A 5 3.51 1.52 3.32
CA ILE A 5 2.85 0.36 3.96
C ILE A 5 1.78 0.84 4.95
N ALA A 6 0.60 0.28 4.89
CA ALA A 6 -0.47 0.71 5.83
C ALA A 6 -0.05 0.36 7.26
N SER A 7 -0.30 1.23 8.19
CA SER A 7 0.10 0.96 9.60
C SER A 7 -1.11 1.11 10.52
N SER A 8 -0.96 0.76 11.78
CA SER A 8 -2.09 0.90 12.73
C SER A 8 -1.68 1.80 13.90
N GLY A 9 -0.43 1.75 14.26
CA GLY A 9 0.05 2.61 15.39
C GLY A 9 1.04 3.66 14.86
N THR A 10 2.28 3.28 14.70
CA THR A 10 3.28 4.25 14.18
C THR A 10 4.58 3.52 13.83
N ASP A 11 5.21 2.91 14.80
CA ASP A 11 6.47 2.18 14.53
C ASP A 11 6.56 0.95 15.42
N LEU A 12 6.45 1.13 16.71
CA LEU A 12 6.53 -0.03 17.64
C LEU A 12 5.22 -0.82 17.59
N GLY A 13 4.11 -0.14 17.50
CA GLY A 13 2.80 -0.85 17.46
C GLY A 13 2.31 -0.92 16.01
N SER A 14 3.17 -0.70 15.05
CA SER A 14 2.75 -0.76 13.63
C SER A 14 2.60 -2.22 13.20
N GLU A 15 1.51 -2.85 13.55
CA GLU A 15 1.32 -4.27 13.15
C GLU A 15 0.89 -4.33 11.69
N VAL A 16 0.76 -3.19 11.05
CA VAL A 16 0.34 -3.19 9.62
C VAL A 16 -1.15 -3.52 9.51
N SER A 17 -2.00 -2.59 9.86
CA SER A 17 -3.46 -2.85 9.78
C SER A 17 -3.79 -3.51 8.43
N ARG A 18 -4.82 -4.29 8.38
CA ARG A 18 -5.19 -4.96 7.10
C ARG A 18 -6.41 -4.27 6.49
N PHE A 19 -6.56 -2.99 6.71
CA PHE A 19 -7.74 -2.27 6.14
C PHE A 19 -7.26 -1.17 5.20
N PHE A 20 -7.57 -1.29 3.94
CA PHE A 20 -7.13 -0.24 2.98
C PHE A 20 -8.22 0.83 2.86
N GLY A 21 -8.29 1.71 3.82
CA GLY A 21 -9.33 2.78 3.77
C GLY A 21 -9.66 3.24 5.20
N ARG A 22 -9.36 2.42 6.17
CA ARG A 22 -9.66 2.80 7.58
C ARG A 22 -8.34 3.03 8.32
N ALA A 23 -7.36 2.21 8.07
CA ALA A 23 -6.04 2.36 8.76
C ALA A 23 -5.67 3.85 8.80
N PRO A 24 -5.86 4.45 9.96
CA PRO A 24 -5.55 5.89 10.16
C PRO A 24 -4.05 6.09 10.40
N TYR A 25 -3.20 5.39 9.68
CA TYR A 25 -1.74 5.56 9.87
C TYR A 25 -1.00 5.05 8.63
N PHE A 26 -1.08 5.76 7.56
CA PHE A 26 -0.39 5.32 6.30
C PHE A 26 1.09 5.70 6.40
N MET A 27 1.96 4.71 6.39
CA MET A 27 3.42 5.02 6.47
C MET A 27 4.01 5.04 5.06
N ILE A 28 4.28 6.21 4.55
CA ILE A 28 4.85 6.30 3.17
C ILE A 28 6.36 6.54 3.26
N VAL A 29 7.14 5.71 2.61
CA VAL A 29 8.61 5.90 2.65
C VAL A 29 9.14 6.02 1.22
N GLU A 30 9.74 7.14 0.89
CA GLU A 30 10.27 7.33 -0.48
C GLU A 30 11.67 6.71 -0.57
N MET A 31 11.83 5.70 -1.39
CA MET A 31 13.17 5.07 -1.52
C MET A 31 13.89 5.63 -2.75
N LYS A 32 15.17 5.89 -2.63
CA LYS A 32 15.92 6.45 -3.79
C LYS A 32 16.63 5.31 -4.52
N LYS A 33 17.53 4.64 -3.86
CA LYS A 33 18.25 3.51 -4.52
C LYS A 33 18.42 2.37 -3.51
N GLY A 34 17.46 1.47 -3.46
CA GLY A 34 17.56 0.34 -2.49
C GLY A 34 18.00 0.88 -1.13
N ASN A 35 17.64 2.09 -0.82
CA ASN A 35 18.02 2.68 0.50
C ASN A 35 16.96 3.69 0.95
N ILE A 36 16.27 3.41 2.01
CA ILE A 36 15.24 4.36 2.50
C ILE A 36 15.85 5.74 2.68
N GLU A 37 15.20 6.76 2.19
CA GLU A 37 15.75 8.13 2.33
C GLU A 37 14.64 9.08 2.80
N SER A 38 13.54 8.54 3.22
CA SER A 38 12.42 9.40 3.69
C SER A 38 11.30 8.54 4.27
N SER A 39 11.01 8.68 5.53
CA SER A 39 9.93 7.87 6.16
C SER A 39 8.97 8.78 6.92
N GLU A 40 7.82 9.04 6.37
CA GLU A 40 6.84 9.91 7.05
C GLU A 40 5.52 9.15 7.26
N VAL A 41 4.90 9.31 8.39
CA VAL A 41 3.62 8.59 8.64
C VAL A 41 2.48 9.61 8.76
N ILE A 42 1.50 9.53 7.90
CA ILE A 42 0.37 10.49 7.95
C ILE A 42 -0.93 9.72 8.22
N GLU A 43 -1.82 10.29 8.99
CA GLU A 43 -3.10 9.59 9.29
C GLU A 43 -4.11 9.90 8.18
N ASN A 44 -4.58 8.90 7.49
CA ASN A 44 -5.56 9.15 6.39
C ASN A 44 -6.63 10.13 6.88
N PRO A 45 -7.05 11.01 6.00
CA PRO A 45 -8.07 12.02 6.32
C PRO A 45 -9.46 11.40 6.27
N SER A 46 -9.63 10.34 5.52
CA SER A 46 -10.97 9.69 5.43
C SER A 46 -10.88 8.25 5.93
N ALA A 47 -10.17 8.02 6.99
CA ALA A 47 -10.04 6.63 7.52
C ALA A 47 -11.44 6.08 7.83
N SER A 48 -12.05 6.56 8.88
CA SER A 48 -13.41 6.07 9.23
C SER A 48 -14.45 7.14 8.88
N ALA A 49 -14.63 7.41 7.63
CA ALA A 49 -15.62 8.44 7.22
C ALA A 49 -16.74 7.79 6.42
N SER A 50 -17.96 8.25 6.59
CA SER A 50 -19.08 7.65 5.83
C SER A 50 -18.89 7.90 4.33
N GLY A 51 -19.80 7.46 3.52
CA GLY A 51 -19.67 7.66 2.05
C GLY A 51 -19.29 6.34 1.38
N GLY A 52 -18.58 5.50 2.07
CA GLY A 52 -18.17 4.20 1.47
C GLY A 52 -17.30 3.42 2.47
N ALA A 53 -16.68 2.36 2.02
CA ALA A 53 -15.83 1.56 2.94
C ALA A 53 -14.51 2.30 3.18
N GLY A 54 -14.21 3.28 2.36
CA GLY A 54 -12.94 4.04 2.54
C GLY A 54 -11.99 3.72 1.39
N ILE A 55 -12.50 3.20 0.30
CA ILE A 55 -11.62 2.86 -0.85
C ILE A 55 -11.24 4.14 -1.60
N ARG A 56 -11.93 5.22 -1.34
CA ARG A 56 -11.61 6.49 -2.04
C ARG A 56 -10.16 6.88 -1.76
N THR A 57 -9.57 6.31 -0.74
CA THR A 57 -8.15 6.66 -0.42
C THR A 57 -7.24 6.24 -1.57
N ALA A 58 -7.51 5.13 -2.18
CA ALA A 58 -6.65 4.66 -3.31
C ALA A 58 -6.35 5.83 -4.25
N GLN A 59 -7.29 6.72 -4.42
CA GLN A 59 -7.06 7.88 -5.34
C GLN A 59 -5.88 8.72 -4.83
N ILE A 60 -6.01 9.31 -3.67
CA ILE A 60 -4.89 10.15 -3.13
C ILE A 60 -3.64 9.30 -2.98
N ILE A 61 -3.77 8.01 -2.97
CA ILE A 61 -2.58 7.13 -2.82
C ILE A 61 -1.81 7.08 -4.13
N ALA A 62 -2.50 7.09 -5.24
CA ALA A 62 -1.79 7.05 -6.55
C ALA A 62 -1.13 8.40 -6.84
N ASN A 63 -1.68 9.46 -6.31
CA ASN A 63 -1.08 10.81 -6.56
C ASN A 63 0.16 10.99 -5.69
N ASN A 64 0.39 10.11 -4.76
CA ASN A 64 1.58 10.25 -3.88
C ASN A 64 2.78 9.56 -4.54
N GLY A 65 2.64 9.12 -5.76
CA GLY A 65 3.78 8.46 -6.45
C GLY A 65 4.06 7.10 -5.80
N VAL A 66 3.18 6.65 -4.94
CA VAL A 66 3.40 5.33 -4.29
C VAL A 66 3.29 4.22 -5.33
N LYS A 67 4.39 3.87 -5.95
CA LYS A 67 4.35 2.79 -6.97
C LYS A 67 4.35 1.43 -6.26
N ALA A 68 4.53 1.44 -4.97
CA ALA A 68 4.54 0.15 -4.21
C ALA A 68 3.75 0.31 -2.92
N VAL A 69 2.54 -0.20 -2.87
CA VAL A 69 1.73 -0.06 -1.63
C VAL A 69 1.55 -1.43 -0.98
N ILE A 70 1.77 -1.51 0.31
CA ILE A 70 1.61 -2.82 1.00
C ILE A 70 0.32 -2.80 1.82
N ALA A 71 -0.66 -3.59 1.44
CA ALA A 71 -1.93 -3.59 2.19
C ALA A 71 -2.58 -4.98 2.11
N SER A 72 -3.73 -5.13 2.70
CA SER A 72 -4.43 -6.45 2.66
C SER A 72 -5.94 -6.22 2.61
N SER A 73 -6.39 -5.35 1.74
CA SER A 73 -7.84 -5.09 1.63
C SER A 73 -8.62 -6.42 1.62
N PRO A 74 -9.83 -6.37 2.09
CA PRO A 74 -10.71 -7.56 2.16
C PRO A 74 -11.29 -7.88 0.78
N GLY A 75 -11.42 -6.89 -0.07
CA GLY A 75 -11.98 -7.14 -1.42
C GLY A 75 -10.97 -6.71 -2.48
N PRO A 76 -11.05 -7.36 -3.63
CA PRO A 76 -10.15 -7.07 -4.76
C PRO A 76 -10.59 -5.80 -5.49
N ASN A 77 -11.80 -5.37 -5.26
CA ASN A 77 -12.29 -4.13 -5.94
C ASN A 77 -11.22 -3.04 -5.84
N ALA A 78 -10.68 -2.83 -4.67
CA ALA A 78 -9.65 -1.77 -4.50
C ALA A 78 -8.37 -2.17 -5.26
N PHE A 79 -8.07 -3.44 -5.31
CA PHE A 79 -6.85 -3.88 -6.03
C PHE A 79 -7.07 -3.74 -7.54
N GLU A 80 -8.30 -3.62 -7.97
CA GLU A 80 -8.57 -3.48 -9.42
C GLU A 80 -8.16 -2.07 -9.87
N VAL A 81 -8.47 -1.08 -9.09
CA VAL A 81 -8.10 0.32 -9.46
C VAL A 81 -6.61 0.53 -9.18
N LEU A 82 -6.07 -0.16 -8.19
CA LEU A 82 -4.64 -0.01 -7.86
C LEU A 82 -3.79 -0.42 -9.07
N ASN A 83 -3.96 -1.62 -9.53
CA ASN A 83 -3.16 -2.10 -10.71
C ASN A 83 -3.60 -1.35 -11.96
N GLU A 84 -4.72 -0.68 -11.91
CA GLU A 84 -5.21 0.07 -13.10
C GLU A 84 -4.41 1.37 -13.25
N LEU A 85 -4.07 1.99 -12.16
CA LEU A 85 -3.30 3.26 -12.23
C LEU A 85 -1.80 2.95 -12.33
N GLY A 86 -1.45 1.72 -12.58
CA GLY A 86 -0.01 1.36 -12.69
C GLY A 86 0.59 1.19 -11.29
N ILE A 87 -0.23 1.19 -10.28
CA ILE A 87 0.31 1.03 -8.90
C ILE A 87 0.55 -0.46 -8.61
N LYS A 88 1.57 -0.77 -7.86
CA LYS A 88 1.86 -2.19 -7.54
C LYS A 88 1.18 -2.56 -6.22
N ILE A 89 0.43 -3.63 -6.21
CA ILE A 89 -0.26 -4.03 -4.95
C ILE A 89 0.53 -5.14 -4.26
N TYR A 90 0.83 -4.96 -3.00
CA TYR A 90 1.61 -6.00 -2.26
C TYR A 90 0.75 -6.55 -1.11
N ARG A 91 0.98 -7.78 -0.72
CA ARG A 91 0.16 -8.36 0.39
C ARG A 91 0.94 -8.26 1.70
N ALA A 92 0.40 -7.59 2.68
CA ALA A 92 1.11 -7.46 3.99
C ALA A 92 0.77 -8.66 4.86
N THR A 93 1.75 -9.27 5.46
CA THR A 93 1.49 -10.45 6.33
C THR A 93 0.83 -9.99 7.63
N GLY A 94 1.24 -8.87 8.15
CA GLY A 94 0.64 -8.37 9.41
C GLY A 94 1.68 -8.38 10.52
N THR A 95 2.93 -8.52 10.18
CA THR A 95 4.00 -8.54 11.22
C THR A 95 4.32 -7.10 11.64
N SER A 96 4.90 -6.33 10.78
CA SER A 96 5.23 -4.93 11.13
C SER A 96 5.71 -4.19 9.87
N VAL A 97 5.20 -3.01 9.64
CA VAL A 97 5.62 -2.25 8.43
C VAL A 97 7.14 -2.05 8.45
N GLU A 98 7.74 -2.11 9.61
CA GLU A 98 9.21 -1.94 9.70
C GLU A 98 9.91 -3.14 9.04
N GLU A 99 9.39 -4.32 9.24
CA GLU A 99 10.02 -5.53 8.63
C GLU A 99 9.68 -5.60 7.14
N ASN A 100 8.45 -5.32 6.79
CA ASN A 100 8.05 -5.38 5.36
C ASN A 100 8.80 -4.31 4.57
N LEU A 101 9.17 -3.23 5.22
CA LEU A 101 9.90 -2.15 4.50
C LEU A 101 11.20 -2.71 3.92
N LYS A 102 12.08 -3.19 4.76
CA LYS A 102 13.37 -3.74 4.25
C LYS A 102 13.08 -4.98 3.40
N LEU A 103 12.01 -5.68 3.69
CA LEU A 103 11.68 -6.89 2.90
C LEU A 103 11.32 -6.50 1.46
N PHE A 104 10.79 -5.32 1.27
CA PHE A 104 10.43 -4.88 -0.11
C PHE A 104 11.69 -4.51 -0.88
N THR A 105 12.73 -4.11 -0.20
CA THR A 105 13.99 -3.72 -0.90
C THR A 105 14.55 -4.94 -1.63
N GLU A 106 14.17 -6.12 -1.23
CA GLU A 106 14.70 -7.34 -1.91
C GLU A 106 13.62 -7.91 -2.84
N GLY A 107 12.37 -7.73 -2.49
CA GLY A 107 11.28 -8.27 -3.36
C GLY A 107 10.96 -9.71 -2.95
N ASN A 108 10.92 -9.99 -1.68
CA ASN A 108 10.62 -11.37 -1.23
C ASN A 108 9.12 -11.50 -0.92
N LEU A 109 8.47 -10.39 -0.70
CA LEU A 109 7.01 -10.42 -0.40
C LEU A 109 6.29 -9.46 -1.33
N GLU A 110 5.11 -9.81 -1.77
CA GLU A 110 4.36 -8.89 -2.68
C GLU A 110 2.94 -9.42 -2.91
N GLU A 111 2.33 -9.05 -3.99
CA GLU A 111 0.94 -9.52 -4.28
C GLU A 111 0.65 -9.40 -5.76
N ILE A 112 -0.10 -8.42 -6.15
CA ILE A 112 -0.42 -8.23 -7.59
C ILE A 112 0.58 -7.27 -8.22
N ARG A 113 1.42 -7.76 -9.09
CA ARG A 113 2.43 -6.88 -9.74
C ARG A 113 2.38 -7.08 -11.26
N SER A 114 2.11 -8.28 -11.69
CA SER A 114 2.04 -8.53 -13.16
C SER A 114 1.97 -10.05 -13.41
N PRO A 115 1.30 -10.41 -14.46
CA PRO A 115 1.13 -11.83 -14.85
C PRO A 115 2.41 -12.35 -15.52
N GLY A 116 2.87 -11.68 -16.54
CA GLY A 116 4.11 -12.14 -17.23
C GLY A 116 4.08 -11.67 -18.69
N SER A 117 2.97 -11.87 -19.35
CA SER A 117 2.88 -11.44 -20.78
C SER A 117 2.90 -9.92 -20.87
N GLY A 118 3.33 -9.37 -21.98
CA GLY A 118 3.37 -7.89 -22.12
C GLY A 118 2.25 -7.43 -23.04
N ARG A 119 2.51 -7.35 -24.32
CA ARG A 119 1.46 -6.90 -25.27
C ARG A 119 1.15 -8.02 -26.25
N GLY A 120 2.16 -8.64 -26.79
CA GLY A 120 1.93 -9.75 -27.77
C GLY A 120 2.75 -9.49 -29.02
N ARG A 121 3.90 -10.12 -29.13
CA ARG A 121 4.76 -9.91 -30.33
C ARG A 121 5.03 -11.26 -31.00
N ARG A 122 4.10 -12.18 -30.91
CA ARG A 122 4.31 -13.50 -31.54
C ARG A 122 5.57 -14.16 -30.95
N ARG A 123 5.61 -14.30 -29.65
CA ARG A 123 6.81 -14.91 -29.01
C ARG A 123 8.08 -14.19 -29.50
N ARG A 124 9.22 -14.69 -29.14
CA ARG A 124 10.49 -14.03 -29.58
C ARG A 124 10.40 -12.53 -29.31
N MET A 1 11.02 3.92 -6.79
CA MET A 1 9.82 3.16 -6.34
C MET A 1 9.42 3.60 -4.92
N LYS A 2 8.29 4.21 -4.78
CA LYS A 2 7.85 4.67 -3.44
C LYS A 2 7.02 3.56 -2.78
N ILE A 3 7.44 3.10 -1.64
CA ILE A 3 6.68 2.01 -0.95
C ILE A 3 5.81 2.61 0.17
N ALA A 4 4.52 2.59 0.00
CA ALA A 4 3.62 3.16 1.05
C ALA A 4 2.99 2.01 1.84
N ILE A 5 3.33 1.88 3.10
CA ILE A 5 2.75 0.79 3.92
C ILE A 5 1.43 1.27 4.55
N ALA A 6 0.33 0.64 4.22
CA ALA A 6 -0.97 1.06 4.79
C ALA A 6 -0.95 0.86 6.30
N SER A 7 -1.74 1.63 7.01
CA SER A 7 -1.76 1.49 8.50
C SER A 7 -0.38 1.82 9.07
N SER A 8 0.47 0.83 9.18
CA SER A 8 1.83 1.09 9.73
C SER A 8 1.71 1.68 11.13
N GLY A 9 0.61 1.46 11.79
CA GLY A 9 0.44 2.01 13.16
C GLY A 9 0.80 3.49 13.17
N THR A 10 1.98 3.82 13.65
CA THR A 10 2.40 5.25 13.68
C THR A 10 3.92 5.33 13.70
N ASP A 11 4.56 4.56 14.55
CA ASP A 11 6.04 4.60 14.61
C ASP A 11 6.56 3.27 15.16
N LEU A 12 6.21 2.94 16.37
CA LEU A 12 6.68 1.65 16.96
C LEU A 12 5.52 0.66 17.05
N GLY A 13 4.31 1.14 16.92
CA GLY A 13 3.14 0.23 16.99
C GLY A 13 2.74 -0.22 15.59
N SER A 14 3.67 -0.25 14.67
CA SER A 14 3.34 -0.67 13.28
C SER A 14 3.24 -2.19 13.21
N GLU A 15 2.18 -2.75 13.72
CA GLU A 15 2.02 -4.24 13.70
C GLU A 15 1.56 -4.68 12.30
N VAL A 16 1.50 -3.78 11.36
CA VAL A 16 1.06 -4.14 9.99
C VAL A 16 -0.43 -4.52 10.03
N SER A 17 -1.25 -3.64 10.54
CA SER A 17 -2.71 -3.94 10.62
C SER A 17 -3.17 -4.59 9.31
N ARG A 18 -4.27 -5.28 9.33
CA ARG A 18 -4.78 -5.93 8.08
C ARG A 18 -6.06 -5.23 7.63
N PHE A 19 -6.11 -3.93 7.75
CA PHE A 19 -7.33 -3.20 7.31
C PHE A 19 -6.93 -2.05 6.38
N PHE A 20 -7.14 -2.21 5.10
CA PHE A 20 -6.77 -1.12 4.14
C PHE A 20 -8.03 -0.38 3.71
N GLY A 21 -7.94 0.91 3.56
CA GLY A 21 -9.13 1.70 3.14
C GLY A 21 -9.54 2.64 4.28
N ARG A 22 -9.61 2.14 5.47
CA ARG A 22 -9.99 3.00 6.62
C ARG A 22 -8.74 3.36 7.43
N ALA A 23 -7.82 2.44 7.55
CA ALA A 23 -6.56 2.71 8.31
C ALA A 23 -6.06 4.12 7.97
N PRO A 24 -6.30 5.04 8.88
CA PRO A 24 -5.87 6.45 8.72
C PRO A 24 -4.39 6.60 9.10
N TYR A 25 -3.52 5.84 8.51
CA TYR A 25 -2.08 5.94 8.84
C TYR A 25 -1.24 5.48 7.65
N PHE A 26 -1.26 6.22 6.58
CA PHE A 26 -0.47 5.81 5.39
C PHE A 26 1.00 6.18 5.60
N MET A 27 1.85 5.21 5.75
CA MET A 27 3.30 5.49 5.98
C MET A 27 4.00 5.59 4.63
N ILE A 28 4.28 6.78 4.16
CA ILE A 28 4.97 6.94 2.85
C ILE A 28 6.48 6.81 3.06
N VAL A 29 7.07 5.79 2.50
CA VAL A 29 8.55 5.60 2.67
C VAL A 29 9.20 5.47 1.30
N GLU A 30 10.23 6.25 1.05
CA GLU A 30 10.92 6.16 -0.26
C GLU A 30 12.32 5.57 -0.06
N MET A 31 12.57 4.40 -0.59
CA MET A 31 13.91 3.78 -0.42
C MET A 31 14.62 3.71 -1.78
N LYS A 32 15.86 4.12 -1.83
CA LYS A 32 16.60 4.08 -3.11
C LYS A 32 17.26 2.71 -3.28
N LYS A 33 18.06 2.31 -2.32
CA LYS A 33 18.73 0.99 -2.42
C LYS A 33 18.97 0.44 -1.01
N GLY A 34 17.93 0.09 -0.31
CA GLY A 34 18.10 -0.43 1.08
C GLY A 34 18.42 0.72 2.03
N ASN A 35 18.31 1.93 1.56
CA ASN A 35 18.62 3.10 2.44
C ASN A 35 17.48 4.11 2.34
N ILE A 36 16.57 4.10 3.28
CA ILE A 36 15.44 5.06 3.25
C ILE A 36 15.97 6.49 3.22
N GLU A 37 15.53 7.28 2.27
CA GLU A 37 16.01 8.69 2.20
C GLU A 37 14.94 9.62 2.76
N SER A 38 13.82 9.08 3.16
CA SER A 38 12.74 9.93 3.72
C SER A 38 11.52 9.06 4.04
N SER A 39 11.04 9.09 5.25
CA SER A 39 9.86 8.27 5.61
C SER A 39 8.88 9.09 6.46
N GLU A 40 7.77 9.48 5.88
CA GLU A 40 6.79 10.29 6.65
C GLU A 40 5.51 9.46 6.86
N VAL A 41 4.68 9.87 7.77
CA VAL A 41 3.41 9.11 8.03
C VAL A 41 2.25 10.08 8.13
N ILE A 42 1.28 9.96 7.27
CA ILE A 42 0.12 10.89 7.32
C ILE A 42 -1.17 10.07 7.36
N GLU A 43 -2.08 10.42 8.23
CA GLU A 43 -3.37 9.67 8.31
C GLU A 43 -4.26 10.04 7.13
N ASN A 44 -5.03 9.12 6.63
CA ASN A 44 -5.92 9.44 5.48
C ASN A 44 -6.63 10.76 5.73
N PRO A 45 -7.00 11.43 4.66
CA PRO A 45 -7.68 12.73 4.72
C PRO A 45 -9.16 12.53 5.05
N SER A 46 -9.82 11.63 4.36
CA SER A 46 -11.26 11.40 4.62
C SER A 46 -11.47 9.95 5.07
N ALA A 47 -10.77 9.53 6.09
CA ALA A 47 -10.94 8.12 6.58
C ALA A 47 -12.40 7.90 6.96
N SER A 48 -12.98 8.83 7.67
CA SER A 48 -14.41 8.67 8.07
C SER A 48 -14.99 10.04 8.42
N ALA A 49 -15.67 10.66 7.49
CA ALA A 49 -16.26 12.00 7.77
C ALA A 49 -17.12 12.43 6.58
N SER A 50 -16.52 12.57 5.43
CA SER A 50 -17.29 12.99 4.22
C SER A 50 -18.21 11.85 3.78
N GLY A 51 -17.98 10.66 4.28
CA GLY A 51 -18.83 9.52 3.88
C GLY A 51 -18.15 8.73 2.77
N GLY A 52 -17.33 7.78 3.12
CA GLY A 52 -16.64 6.97 2.08
C GLY A 52 -16.33 5.57 2.63
N ALA A 53 -16.15 4.61 1.77
CA ALA A 53 -15.85 3.23 2.24
C ALA A 53 -14.39 3.15 2.71
N GLY A 54 -13.57 4.06 2.27
CA GLY A 54 -12.14 4.04 2.69
C GLY A 54 -11.26 3.74 1.47
N ILE A 55 -11.72 2.88 0.59
CA ILE A 55 -10.91 2.56 -0.61
C ILE A 55 -10.78 3.80 -1.50
N ARG A 56 -11.59 4.79 -1.26
CA ARG A 56 -11.53 6.03 -2.09
C ARG A 56 -10.21 6.75 -1.82
N THR A 57 -9.47 6.32 -0.85
CA THR A 57 -8.17 6.99 -0.54
C THR A 57 -7.12 6.54 -1.56
N ALA A 58 -7.39 5.48 -2.28
CA ALA A 58 -6.40 5.00 -3.29
C ALA A 58 -6.10 6.12 -4.29
N GLN A 59 -7.07 6.95 -4.57
CA GLN A 59 -6.84 8.07 -5.53
C GLN A 59 -5.80 9.03 -4.95
N ILE A 60 -6.00 9.50 -3.76
CA ILE A 60 -5.03 10.45 -3.15
C ILE A 60 -3.68 9.74 -2.98
N ILE A 61 -3.70 8.44 -2.86
CA ILE A 61 -2.41 7.70 -2.70
C ILE A 61 -1.62 7.77 -4.01
N ALA A 62 -2.29 7.67 -5.13
CA ALA A 62 -1.57 7.72 -6.43
C ALA A 62 -1.15 9.16 -6.72
N ASN A 63 -1.86 10.12 -6.17
CA ASN A 63 -1.49 11.55 -6.41
C ASN A 63 -0.28 11.92 -5.57
N ASN A 64 0.17 11.03 -4.73
CA ASN A 64 1.35 11.32 -3.87
C ASN A 64 2.60 10.68 -4.48
N GLY A 65 2.46 10.04 -5.61
CA GLY A 65 3.64 9.38 -6.24
C GLY A 65 3.77 7.94 -5.76
N VAL A 66 2.95 7.56 -4.81
CA VAL A 66 3.02 6.16 -4.29
C VAL A 66 2.93 5.16 -5.44
N LYS A 67 4.04 4.81 -6.01
CA LYS A 67 4.01 3.83 -7.13
C LYS A 67 3.89 2.42 -6.55
N ALA A 68 4.08 2.30 -5.26
CA ALA A 68 3.98 0.96 -4.62
C ALA A 68 3.00 1.06 -3.43
N VAL A 69 2.08 0.14 -3.34
CA VAL A 69 1.10 0.19 -2.21
C VAL A 69 1.04 -1.17 -1.52
N ILE A 70 1.62 -1.29 -0.37
CA ILE A 70 1.58 -2.60 0.36
C ILE A 70 0.36 -2.61 1.28
N ALA A 71 -0.54 -3.54 1.09
CA ALA A 71 -1.74 -3.60 1.96
C ALA A 71 -2.21 -5.04 2.11
N SER A 72 -3.23 -5.26 2.90
CA SER A 72 -3.75 -6.64 3.10
C SER A 72 -5.28 -6.63 2.93
N SER A 73 -5.78 -5.82 2.04
CA SER A 73 -7.25 -5.77 1.84
C SER A 73 -7.81 -7.18 1.78
N PRO A 74 -8.90 -7.40 2.49
CA PRO A 74 -9.56 -8.71 2.54
C PRO A 74 -10.39 -8.94 1.28
N GLY A 75 -10.73 -7.88 0.59
CA GLY A 75 -11.55 -8.04 -0.66
C GLY A 75 -10.71 -7.62 -1.87
N PRO A 76 -10.98 -8.26 -2.99
CA PRO A 76 -10.27 -7.98 -4.26
C PRO A 76 -10.82 -6.71 -4.91
N ASN A 77 -11.66 -5.98 -4.23
CA ASN A 77 -12.22 -4.73 -4.83
C ASN A 77 -11.16 -3.64 -4.85
N ALA A 78 -10.41 -3.51 -3.78
CA ALA A 78 -9.36 -2.45 -3.74
C ALA A 78 -8.24 -2.81 -4.72
N PHE A 79 -7.73 -4.01 -4.65
CA PHE A 79 -6.63 -4.41 -5.57
C PHE A 79 -7.02 -4.04 -7.02
N GLU A 80 -8.27 -4.21 -7.37
CA GLU A 80 -8.70 -3.87 -8.75
C GLU A 80 -8.55 -2.36 -8.98
N VAL A 81 -9.04 -1.57 -8.07
CA VAL A 81 -8.92 -0.09 -8.24
C VAL A 81 -7.47 0.29 -8.53
N LEU A 82 -6.56 -0.17 -7.72
CA LEU A 82 -5.13 0.17 -7.95
C LEU A 82 -4.72 -0.27 -9.35
N ASN A 83 -5.31 -1.31 -9.86
CA ASN A 83 -4.95 -1.76 -11.23
C ASN A 83 -5.27 -0.67 -12.24
N GLU A 84 -6.47 -0.15 -12.21
CA GLU A 84 -6.85 0.93 -13.16
C GLU A 84 -5.96 2.15 -12.91
N LEU A 85 -5.50 2.32 -11.70
CA LEU A 85 -4.63 3.49 -11.40
C LEU A 85 -3.26 3.30 -12.04
N GLY A 86 -2.79 2.09 -12.10
CA GLY A 86 -1.46 1.83 -12.72
C GLY A 86 -0.42 1.69 -11.62
N ILE A 87 -0.84 1.40 -10.41
CA ILE A 87 0.14 1.25 -9.30
C ILE A 87 0.33 -0.23 -8.98
N LYS A 88 1.37 -0.57 -8.27
CA LYS A 88 1.61 -2.00 -7.93
C LYS A 88 0.97 -2.31 -6.58
N ILE A 89 0.49 -3.51 -6.40
CA ILE A 89 -0.15 -3.86 -5.10
C ILE A 89 0.60 -5.03 -4.47
N TYR A 90 0.93 -4.93 -3.22
CA TYR A 90 1.67 -6.04 -2.54
C TYR A 90 0.84 -6.57 -1.37
N ARG A 91 1.14 -7.76 -0.91
CA ARG A 91 0.36 -8.33 0.23
C ARG A 91 1.14 -8.14 1.53
N ALA A 92 0.47 -7.74 2.58
CA ALA A 92 1.17 -7.54 3.88
C ALA A 92 1.39 -8.88 4.57
N THR A 93 2.59 -9.16 4.98
CA THR A 93 2.86 -10.46 5.66
C THR A 93 2.05 -10.56 6.94
N GLY A 94 1.95 -9.47 7.67
CA GLY A 94 1.16 -9.50 8.93
C GLY A 94 2.11 -9.57 10.14
N THR A 95 3.34 -9.17 9.96
CA THR A 95 4.30 -9.22 11.10
C THR A 95 4.58 -7.79 11.59
N SER A 96 5.48 -7.10 10.95
CA SER A 96 5.80 -5.71 11.39
C SER A 96 6.17 -4.88 10.16
N VAL A 97 5.68 -3.67 10.07
CA VAL A 97 6.01 -2.81 8.90
C VAL A 97 7.52 -2.52 8.88
N GLU A 98 8.14 -2.46 10.01
CA GLU A 98 9.60 -2.18 10.05
C GLU A 98 10.34 -3.22 9.21
N GLU A 99 9.99 -4.47 9.36
CA GLU A 99 10.67 -5.53 8.58
C GLU A 99 10.17 -5.50 7.13
N ASN A 100 8.92 -5.20 6.93
CA ASN A 100 8.37 -5.15 5.55
C ASN A 100 9.22 -4.21 4.69
N LEU A 101 9.67 -3.12 5.26
CA LEU A 101 10.49 -2.16 4.48
C LEU A 101 11.62 -2.92 3.75
N LYS A 102 12.39 -3.68 4.47
CA LYS A 102 13.50 -4.44 3.83
C LYS A 102 12.92 -5.55 2.94
N LEU A 103 11.81 -6.12 3.33
CA LEU A 103 11.20 -7.20 2.50
C LEU A 103 10.91 -6.67 1.09
N PHE A 104 10.61 -5.41 0.98
CA PHE A 104 10.32 -4.82 -0.36
C PHE A 104 11.62 -4.70 -1.16
N THR A 105 12.69 -4.34 -0.53
CA THR A 105 13.98 -4.20 -1.25
C THR A 105 14.50 -5.58 -1.66
N GLU A 106 14.13 -6.60 -0.93
CA GLU A 106 14.60 -7.96 -1.27
C GLU A 106 13.66 -8.61 -2.29
N GLY A 107 12.62 -7.90 -2.68
CA GLY A 107 11.66 -8.48 -3.67
C GLY A 107 11.05 -9.76 -3.10
N ASN A 108 11.01 -9.89 -1.80
CA ASN A 108 10.42 -11.11 -1.19
C ASN A 108 8.91 -10.92 -1.00
N LEU A 109 8.53 -9.86 -0.34
CA LEU A 109 7.07 -9.61 -0.14
C LEU A 109 6.50 -8.89 -1.36
N GLU A 110 5.41 -9.39 -1.90
CA GLU A 110 4.81 -8.72 -3.09
C GLU A 110 3.39 -9.26 -3.31
N GLU A 111 2.83 -9.00 -4.46
CA GLU A 111 1.45 -9.48 -4.74
C GLU A 111 1.11 -9.19 -6.21
N ILE A 112 0.17 -8.33 -6.47
CA ILE A 112 -0.20 -8.02 -7.87
C ILE A 112 0.78 -6.99 -8.44
N ARG A 113 1.18 -7.13 -9.67
CA ARG A 113 2.13 -6.16 -10.27
C ARG A 113 1.73 -5.88 -11.72
N SER A 114 2.16 -4.77 -12.25
CA SER A 114 1.81 -4.42 -13.66
C SER A 114 2.97 -3.66 -14.29
N PRO A 115 3.02 -3.70 -15.60
CA PRO A 115 4.08 -3.02 -16.37
C PRO A 115 3.77 -1.53 -16.49
N GLY A 116 2.76 -1.06 -15.82
CA GLY A 116 2.41 0.39 -15.89
C GLY A 116 1.35 0.60 -16.96
N SER A 117 1.26 -0.28 -17.91
CA SER A 117 0.23 -0.13 -18.99
C SER A 117 0.17 -1.41 -19.81
N GLY A 118 -0.92 -2.13 -19.72
CA GLY A 118 -1.04 -3.40 -20.51
C GLY A 118 -1.71 -4.47 -19.64
N ARG A 119 -2.68 -5.15 -20.17
CA ARG A 119 -3.39 -6.20 -19.38
C ARG A 119 -4.35 -6.96 -20.28
N GLY A 120 -5.25 -6.27 -20.92
CA GLY A 120 -6.23 -6.95 -21.81
C GLY A 120 -6.07 -6.45 -23.25
N ARG A 121 -5.16 -7.02 -23.98
CA ARG A 121 -4.95 -6.57 -25.39
C ARG A 121 -6.18 -6.94 -26.23
N ARG A 122 -6.42 -6.23 -27.30
CA ARG A 122 -7.61 -6.56 -28.15
C ARG A 122 -8.88 -6.09 -27.43
N ARG A 123 -9.24 -4.84 -27.60
CA ARG A 123 -10.47 -4.35 -26.93
C ARG A 123 -11.12 -3.25 -27.79
N ARG A 124 -12.41 -3.11 -27.72
CA ARG A 124 -13.09 -2.07 -28.54
C ARG A 124 -13.36 -0.83 -27.67
N MET A 1 10.42 4.29 -6.90
CA MET A 1 9.11 3.72 -6.49
C MET A 1 8.86 4.02 -5.01
N LYS A 2 7.88 4.83 -4.72
CA LYS A 2 7.59 5.17 -3.30
C LYS A 2 6.78 4.03 -2.67
N ILE A 3 7.08 3.68 -1.45
CA ILE A 3 6.32 2.57 -0.80
C ILE A 3 5.53 3.11 0.39
N ALA A 4 4.23 3.08 0.30
CA ALA A 4 3.39 3.57 1.42
C ALA A 4 2.73 2.38 2.11
N ILE A 5 2.99 2.20 3.38
CA ILE A 5 2.39 1.03 4.10
C ILE A 5 1.16 1.50 4.87
N ALA A 6 0.10 0.75 4.84
CA ALA A 6 -1.13 1.14 5.58
C ALA A 6 -1.07 0.56 6.99
N SER A 7 -1.14 1.38 7.99
CA SER A 7 -1.09 0.88 9.39
C SER A 7 -2.05 1.67 10.28
N SER A 8 -2.26 1.23 11.49
CA SER A 8 -3.17 1.97 12.41
C SER A 8 -2.38 2.49 13.61
N GLY A 9 -1.10 2.70 13.44
CA GLY A 9 -0.27 3.20 14.56
C GLY A 9 1.04 3.77 14.02
N THR A 10 2.11 3.62 14.74
CA THR A 10 3.42 4.15 14.28
C THR A 10 4.55 3.24 14.77
N ASP A 11 4.24 2.00 15.08
CA ASP A 11 5.29 1.07 15.56
C ASP A 11 4.96 -0.35 15.11
N LEU A 12 5.78 -1.30 15.48
CA LEU A 12 5.52 -2.71 15.07
C LEU A 12 4.22 -3.20 15.70
N GLY A 13 3.72 -2.49 16.67
CA GLY A 13 2.45 -2.90 17.33
C GLY A 13 1.34 -3.04 16.29
N SER A 14 1.13 -2.02 15.50
CA SER A 14 0.07 -2.09 14.46
C SER A 14 0.43 -3.15 13.42
N GLU A 15 0.06 -4.37 13.68
CA GLU A 15 0.37 -5.47 12.73
C GLU A 15 -0.54 -5.36 11.51
N VAL A 16 -0.19 -4.50 10.58
CA VAL A 16 -1.03 -4.34 9.36
C VAL A 16 -2.48 -4.04 9.77
N SER A 17 -2.66 -3.38 10.87
CA SER A 17 -4.05 -3.06 11.32
C SER A 17 -4.94 -4.30 11.18
N ARG A 18 -6.23 -4.11 11.15
CA ARG A 18 -7.14 -5.28 11.00
C ARG A 18 -7.57 -5.42 9.54
N PHE A 19 -7.96 -4.35 8.92
CA PHE A 19 -8.38 -4.43 7.49
C PHE A 19 -8.08 -3.09 6.80
N PHE A 20 -7.30 -3.12 5.75
CA PHE A 20 -6.97 -1.87 5.03
C PHE A 20 -8.27 -1.19 4.57
N GLY A 21 -8.46 0.04 4.95
CA GLY A 21 -9.71 0.76 4.54
C GLY A 21 -9.61 2.23 4.92
N ARG A 22 -9.24 2.51 6.16
CA ARG A 22 -9.13 3.92 6.61
C ARG A 22 -7.96 4.05 7.57
N ALA A 23 -6.84 3.46 7.26
CA ALA A 23 -5.67 3.56 8.16
C ALA A 23 -5.35 5.03 8.45
N PRO A 24 -5.55 5.43 9.69
CA PRO A 24 -5.29 6.82 10.12
C PRO A 24 -3.80 7.04 10.39
N TYR A 25 -2.95 6.22 9.85
CA TYR A 25 -1.48 6.39 10.07
C TYR A 25 -0.72 5.76 8.90
N PHE A 26 -0.81 6.37 7.75
CA PHE A 26 -0.09 5.81 6.56
C PHE A 26 1.39 6.17 6.63
N MET A 27 2.26 5.19 6.56
CA MET A 27 3.71 5.48 6.61
C MET A 27 4.24 5.71 5.19
N ILE A 28 4.61 6.91 4.87
CA ILE A 28 5.13 7.19 3.51
C ILE A 28 6.66 7.08 3.50
N VAL A 29 7.19 6.04 2.92
CA VAL A 29 8.67 5.89 2.88
C VAL A 29 9.16 5.95 1.44
N GLU A 30 9.95 6.95 1.13
CA GLU A 30 10.46 7.08 -0.27
C GLU A 30 11.92 6.62 -0.33
N MET A 31 12.19 5.55 -1.03
CA MET A 31 13.60 5.07 -1.13
C MET A 31 14.07 5.15 -2.58
N LYS A 32 15.36 5.15 -2.80
CA LYS A 32 15.87 5.23 -4.19
C LYS A 32 16.48 3.89 -4.60
N LYS A 33 17.77 3.73 -4.46
CA LYS A 33 18.43 2.44 -4.83
C LYS A 33 18.42 1.51 -3.62
N GLY A 34 17.25 1.14 -3.16
CA GLY A 34 17.18 0.22 -1.98
C GLY A 34 17.82 0.91 -0.76
N ASN A 35 17.65 2.19 -0.65
CA ASN A 35 18.24 2.92 0.51
C ASN A 35 17.24 3.95 1.03
N ILE A 36 16.33 3.54 1.87
CA ILE A 36 15.32 4.51 2.41
C ILE A 36 16.04 5.79 2.83
N GLU A 37 15.79 6.87 2.13
CA GLU A 37 16.46 8.16 2.50
C GLU A 37 15.40 9.13 3.02
N SER A 38 14.20 8.66 3.25
CA SER A 38 13.13 9.57 3.76
C SER A 38 11.94 8.75 4.23
N SER A 39 11.54 8.91 5.46
CA SER A 39 10.39 8.13 5.98
C SER A 39 9.59 8.99 6.96
N GLU A 40 8.42 9.43 6.56
CA GLU A 40 7.59 10.28 7.46
C GLU A 40 6.22 9.63 7.67
N VAL A 41 5.63 9.81 8.82
CA VAL A 41 4.30 9.20 9.07
C VAL A 41 3.21 10.27 8.98
N ILE A 42 2.11 9.96 8.35
CA ILE A 42 1.01 10.97 8.23
C ILE A 42 -0.33 10.27 8.45
N GLU A 43 -1.21 10.89 9.21
CA GLU A 43 -2.54 10.27 9.46
C GLU A 43 -3.56 10.86 8.49
N ASN A 44 -4.18 10.05 7.68
CA ASN A 44 -5.18 10.57 6.71
C ASN A 44 -6.33 11.25 7.49
N PRO A 45 -6.90 12.26 6.89
CA PRO A 45 -8.00 13.02 7.48
C PRO A 45 -9.33 12.25 7.33
N SER A 46 -9.49 11.54 6.25
CA SER A 46 -10.74 10.77 6.04
C SER A 46 -11.07 9.96 7.29
N ALA A 47 -10.07 9.66 8.09
CA ALA A 47 -10.33 8.86 9.32
C ALA A 47 -11.27 9.64 10.24
N SER A 48 -10.99 10.90 10.47
CA SER A 48 -11.88 11.70 11.36
C SER A 48 -13.10 12.18 10.57
N ALA A 49 -13.15 11.89 9.30
CA ALA A 49 -14.31 12.33 8.49
C ALA A 49 -15.11 11.11 8.04
N SER A 50 -16.14 10.76 8.78
CA SER A 50 -16.96 9.57 8.40
C SER A 50 -17.72 9.88 7.10
N GLY A 51 -17.50 9.09 6.08
CA GLY A 51 -18.20 9.33 4.79
C GLY A 51 -17.17 9.66 3.70
N GLY A 52 -16.05 9.01 3.73
CA GLY A 52 -15.00 9.29 2.70
C GLY A 52 -14.63 7.99 1.98
N ALA A 53 -15.36 6.93 2.22
CA ALA A 53 -15.04 5.64 1.56
C ALA A 53 -13.64 5.19 1.98
N GLY A 54 -13.31 3.95 1.73
CA GLY A 54 -11.96 3.44 2.13
C GLY A 54 -11.24 2.90 0.88
N ILE A 55 -11.96 2.28 0.00
CA ILE A 55 -11.31 1.72 -1.23
C ILE A 55 -10.92 2.87 -2.16
N ARG A 56 -11.76 3.87 -2.28
CA ARG A 56 -11.43 5.01 -3.17
C ARG A 56 -10.22 5.77 -2.62
N THR A 57 -9.82 5.46 -1.41
CA THR A 57 -8.64 6.16 -0.82
C THR A 57 -7.37 5.70 -1.54
N ALA A 58 -7.33 4.46 -1.97
CA ALA A 58 -6.13 3.96 -2.68
C ALA A 58 -5.76 4.93 -3.81
N GLN A 59 -6.71 5.69 -4.28
CA GLN A 59 -6.41 6.66 -5.38
C GLN A 59 -5.56 7.79 -4.83
N ILE A 60 -5.97 8.41 -3.76
CA ILE A 60 -5.18 9.53 -3.19
C ILE A 60 -3.78 9.03 -2.83
N ILE A 61 -3.66 7.80 -2.42
CA ILE A 61 -2.33 7.26 -2.06
C ILE A 61 -1.47 7.16 -3.32
N ALA A 62 -2.05 6.73 -4.41
CA ALA A 62 -1.27 6.61 -5.67
C ALA A 62 -1.06 8.01 -6.27
N ASN A 63 -1.84 8.97 -5.86
CA ASN A 63 -1.69 10.35 -6.41
C ASN A 63 -0.44 11.00 -5.79
N ASN A 64 0.04 10.46 -4.71
CA ASN A 64 1.24 11.05 -4.06
C ASN A 64 2.50 10.45 -4.69
N GLY A 65 2.36 9.76 -5.79
CA GLY A 65 3.55 9.15 -6.45
C GLY A 65 3.81 7.76 -5.87
N VAL A 66 3.07 7.38 -4.86
CA VAL A 66 3.26 6.04 -4.24
C VAL A 66 3.14 4.95 -5.32
N LYS A 67 4.24 4.61 -5.95
CA LYS A 67 4.18 3.55 -6.99
C LYS A 67 4.15 2.18 -6.32
N ALA A 68 4.12 2.15 -5.01
CA ALA A 68 4.07 0.84 -4.29
C ALA A 68 3.18 0.98 -3.06
N VAL A 69 2.38 0.00 -2.76
CA VAL A 69 1.50 0.10 -1.57
C VAL A 69 1.45 -1.25 -0.84
N ILE A 70 1.63 -1.23 0.45
CA ILE A 70 1.60 -2.50 1.24
C ILE A 70 0.31 -2.53 2.07
N ALA A 71 -0.60 -3.39 1.75
CA ALA A 71 -1.88 -3.45 2.52
C ALA A 71 -2.48 -4.86 2.44
N SER A 72 -3.57 -5.07 3.13
CA SER A 72 -4.23 -6.41 3.10
C SER A 72 -5.74 -6.22 3.08
N SER A 73 -6.23 -5.32 2.27
CA SER A 73 -7.71 -5.09 2.21
C SER A 73 -8.43 -6.44 2.15
N PRO A 74 -9.63 -6.46 2.67
CA PRO A 74 -10.47 -7.67 2.69
C PRO A 74 -11.10 -7.90 1.32
N GLY A 75 -11.52 -6.86 0.66
CA GLY A 75 -12.14 -7.02 -0.68
C GLY A 75 -11.11 -6.65 -1.77
N PRO A 76 -11.20 -7.32 -2.88
CA PRO A 76 -10.29 -7.10 -4.02
C PRO A 76 -10.72 -5.85 -4.80
N ASN A 77 -11.67 -5.11 -4.30
CA ASN A 77 -12.13 -3.89 -5.02
C ASN A 77 -10.98 -2.88 -5.11
N ALA A 78 -10.30 -2.65 -4.02
CA ALA A 78 -9.17 -1.67 -4.04
C ALA A 78 -8.03 -2.22 -4.91
N PHE A 79 -7.63 -3.44 -4.67
CA PHE A 79 -6.52 -4.02 -5.48
C PHE A 79 -6.84 -3.86 -6.97
N GLU A 80 -8.09 -3.93 -7.33
CA GLU A 80 -8.46 -3.79 -8.77
C GLU A 80 -8.15 -2.37 -9.24
N VAL A 81 -8.45 -1.39 -8.44
CA VAL A 81 -8.18 0.03 -8.86
C VAL A 81 -6.67 0.23 -9.04
N LEU A 82 -5.89 -0.09 -8.05
CA LEU A 82 -4.42 0.07 -8.16
C LEU A 82 -3.89 -0.76 -9.32
N ASN A 83 -4.64 -1.74 -9.75
CA ASN A 83 -4.18 -2.61 -10.88
C ASN A 83 -4.16 -1.79 -12.18
N GLU A 84 -5.28 -1.23 -12.55
CA GLU A 84 -5.32 -0.43 -13.82
C GLU A 84 -4.45 0.81 -13.66
N LEU A 85 -4.39 1.38 -12.50
CA LEU A 85 -3.55 2.60 -12.30
C LEU A 85 -2.08 2.25 -12.60
N GLY A 86 -1.77 1.00 -12.68
CA GLY A 86 -0.36 0.59 -12.96
C GLY A 86 0.48 0.73 -11.68
N ILE A 87 -0.15 0.67 -10.55
CA ILE A 87 0.61 0.79 -9.26
C ILE A 87 1.00 -0.60 -8.77
N LYS A 88 2.16 -0.72 -8.18
CA LYS A 88 2.60 -2.05 -7.67
C LYS A 88 1.92 -2.34 -6.34
N ILE A 89 1.02 -3.29 -6.31
CA ILE A 89 0.31 -3.62 -5.04
C ILE A 89 1.13 -4.64 -4.25
N TYR A 90 1.03 -4.62 -2.95
CA TYR A 90 1.79 -5.59 -2.13
C TYR A 90 0.88 -6.19 -1.06
N ARG A 91 0.92 -7.49 -0.88
CA ARG A 91 0.05 -8.13 0.15
C ARG A 91 0.78 -8.17 1.48
N ALA A 92 0.13 -7.79 2.55
CA ALA A 92 0.81 -7.82 3.87
C ALA A 92 0.69 -9.21 4.48
N THR A 93 1.30 -10.19 3.88
CA THR A 93 1.22 -11.58 4.43
C THR A 93 2.08 -11.68 5.69
N GLY A 94 3.11 -10.89 5.77
CA GLY A 94 4.02 -10.95 6.96
C GLY A 94 3.20 -10.64 8.22
N THR A 95 3.36 -9.48 8.78
CA THR A 95 2.60 -9.12 10.01
C THR A 95 3.01 -7.72 10.48
N SER A 96 4.29 -7.44 10.49
CA SER A 96 4.75 -6.10 10.94
C SER A 96 4.93 -5.19 9.73
N VAL A 97 4.30 -4.05 9.73
CA VAL A 97 4.45 -3.12 8.57
C VAL A 97 5.90 -2.66 8.46
N GLU A 98 6.57 -2.50 9.57
CA GLU A 98 7.99 -2.06 9.53
C GLU A 98 8.83 -3.14 8.86
N GLU A 99 8.49 -4.39 9.07
CA GLU A 99 9.26 -5.48 8.44
C GLU A 99 8.96 -5.54 6.95
N ASN A 100 7.73 -5.28 6.58
CA ASN A 100 7.36 -5.32 5.14
C ASN A 100 8.04 -4.17 4.40
N LEU A 101 8.33 -3.10 5.10
CA LEU A 101 9.00 -1.94 4.45
C LEU A 101 10.33 -2.39 3.85
N LYS A 102 11.24 -2.84 4.68
CA LYS A 102 12.57 -3.28 4.15
C LYS A 102 12.38 -4.56 3.31
N LEU A 103 11.35 -5.30 3.57
CA LEU A 103 11.11 -6.54 2.80
C LEU A 103 10.81 -6.19 1.34
N PHE A 104 10.25 -5.04 1.10
CA PHE A 104 9.95 -4.64 -0.31
C PHE A 104 11.25 -4.49 -1.09
N THR A 105 12.24 -3.86 -0.50
CA THR A 105 13.54 -3.68 -1.20
C THR A 105 14.10 -5.04 -1.62
N GLU A 106 13.83 -6.07 -0.85
CA GLU A 106 14.36 -7.42 -1.20
C GLU A 106 13.37 -8.13 -2.13
N GLY A 107 12.13 -7.72 -2.12
CA GLY A 107 11.13 -8.38 -3.01
C GLY A 107 10.73 -9.74 -2.42
N ASN A 108 10.87 -9.90 -1.14
CA ASN A 108 10.49 -11.21 -0.51
C ASN A 108 8.97 -11.24 -0.30
N LEU A 109 8.37 -10.12 -0.05
CA LEU A 109 6.90 -10.10 0.16
C LEU A 109 6.20 -10.46 -1.15
N GLU A 110 4.92 -10.17 -1.25
CA GLU A 110 4.18 -10.50 -2.50
C GLU A 110 3.80 -9.19 -3.22
N GLU A 111 3.96 -9.16 -4.51
CA GLU A 111 3.62 -7.92 -5.26
C GLU A 111 2.66 -8.25 -6.41
N ILE A 112 2.04 -7.26 -6.97
CA ILE A 112 1.09 -7.52 -8.10
C ILE A 112 1.05 -6.30 -9.01
N ARG A 113 1.70 -6.37 -10.15
CA ARG A 113 1.70 -5.20 -11.07
C ARG A 113 1.14 -5.61 -12.43
N SER A 114 0.64 -6.82 -12.55
CA SER A 114 0.08 -7.27 -13.86
C SER A 114 -1.22 -8.03 -13.63
N PRO A 115 -2.05 -8.05 -14.64
CA PRO A 115 -3.35 -8.74 -14.60
C PRO A 115 -3.15 -10.25 -14.77
N GLY A 116 -4.17 -11.02 -14.56
CA GLY A 116 -4.04 -12.50 -14.71
C GLY A 116 -4.43 -13.19 -13.40
N SER A 117 -4.68 -14.48 -13.45
CA SER A 117 -5.07 -15.20 -12.21
C SER A 117 -6.31 -14.56 -11.59
N GLY A 118 -6.72 -15.01 -10.44
CA GLY A 118 -7.91 -14.41 -9.79
C GLY A 118 -9.07 -15.42 -9.84
N ARG A 119 -8.89 -16.56 -9.24
CA ARG A 119 -9.96 -17.60 -9.24
C ARG A 119 -10.56 -17.71 -7.83
N GLY A 120 -11.75 -18.25 -7.73
CA GLY A 120 -12.39 -18.39 -6.40
C GLY A 120 -13.25 -19.65 -6.37
N ARG A 121 -13.36 -20.29 -5.23
CA ARG A 121 -14.18 -21.53 -5.14
C ARG A 121 -15.36 -21.30 -4.21
N ARG A 122 -16.32 -20.50 -4.63
CA ARG A 122 -17.50 -20.23 -3.76
C ARG A 122 -18.22 -21.56 -3.47
N ARG A 123 -19.12 -21.95 -4.32
CA ARG A 123 -19.87 -23.22 -4.09
C ARG A 123 -19.24 -24.34 -4.94
N ARG A 124 -19.18 -25.53 -4.42
CA ARG A 124 -18.59 -26.65 -5.21
C ARG A 124 -17.14 -26.29 -5.59
N MET A 1 8.47 5.07 -7.65
CA MET A 1 9.06 3.92 -6.90
C MET A 1 8.96 4.20 -5.39
N LYS A 2 7.77 4.44 -4.91
CA LYS A 2 7.61 4.72 -3.45
C LYS A 2 6.85 3.56 -2.80
N ILE A 3 7.29 3.12 -1.64
CA ILE A 3 6.60 1.99 -0.97
C ILE A 3 5.73 2.53 0.17
N ALA A 4 4.45 2.61 -0.04
CA ALA A 4 3.54 3.12 1.03
C ALA A 4 2.80 1.95 1.66
N ILE A 5 3.23 1.51 2.81
CA ILE A 5 2.56 0.36 3.48
C ILE A 5 1.59 0.88 4.54
N ALA A 6 0.37 0.42 4.52
CA ALA A 6 -0.61 0.88 5.53
C ALA A 6 -0.10 0.56 6.94
N SER A 7 -0.40 1.40 7.89
CA SER A 7 0.09 1.14 9.28
C SER A 7 -1.05 1.40 10.28
N SER A 8 -0.93 0.90 11.47
CA SER A 8 -1.99 1.12 12.48
C SER A 8 -1.48 2.07 13.57
N GLY A 9 -0.18 2.18 13.70
CA GLY A 9 0.39 3.09 14.73
C GLY A 9 1.24 4.17 14.07
N THR A 10 2.47 4.30 14.45
CA THR A 10 3.35 5.33 13.83
C THR A 10 4.70 4.70 13.45
N ASP A 11 5.19 3.80 14.28
CA ASP A 11 6.51 3.17 13.96
C ASP A 11 6.49 1.71 14.42
N LEU A 12 6.55 1.48 15.70
CA LEU A 12 6.53 0.08 16.22
C LEU A 12 5.09 -0.37 16.46
N GLY A 13 4.23 0.55 16.79
CA GLY A 13 2.80 0.18 17.04
C GLY A 13 2.14 -0.21 15.71
N SER A 14 2.75 0.11 14.61
CA SER A 14 2.15 -0.25 13.30
C SER A 14 2.40 -1.74 13.01
N GLU A 15 1.58 -2.59 13.55
CA GLU A 15 1.75 -4.05 13.31
C GLU A 15 1.24 -4.42 11.92
N VAL A 16 0.82 -3.45 11.15
CA VAL A 16 0.31 -3.76 9.78
C VAL A 16 -0.98 -4.56 9.89
N SER A 17 -2.02 -3.97 10.42
CA SER A 17 -3.31 -4.69 10.56
C SER A 17 -3.78 -5.19 9.19
N ARG A 18 -5.05 -5.47 9.06
CA ARG A 18 -5.57 -5.95 7.74
C ARG A 18 -6.87 -5.23 7.41
N PHE A 19 -6.86 -3.92 7.41
CA PHE A 19 -8.10 -3.16 7.10
C PHE A 19 -7.75 -1.99 6.17
N PHE A 20 -7.44 -2.28 4.95
CA PHE A 20 -7.10 -1.19 3.99
C PHE A 20 -8.33 -0.31 3.75
N GLY A 21 -8.40 0.83 4.39
CA GLY A 21 -9.59 1.72 4.18
C GLY A 21 -9.82 2.56 5.44
N ARG A 22 -9.71 1.96 6.60
CA ARG A 22 -9.94 2.73 7.86
C ARG A 22 -8.59 3.00 8.53
N ALA A 23 -7.66 2.10 8.42
CA ALA A 23 -6.32 2.31 9.06
C ALA A 23 -5.90 3.78 8.91
N PRO A 24 -6.10 4.53 9.95
CA PRO A 24 -5.76 5.96 9.99
C PRO A 24 -4.26 6.17 10.26
N TYR A 25 -3.41 5.42 9.62
CA TYR A 25 -1.95 5.59 9.87
C TYR A 25 -1.17 4.99 8.70
N PHE A 26 -1.18 5.63 7.56
CA PHE A 26 -0.43 5.10 6.39
C PHE A 26 1.05 5.45 6.53
N MET A 27 1.92 4.63 6.00
CA MET A 27 3.38 4.92 6.10
C MET A 27 3.99 4.96 4.70
N ILE A 28 4.59 6.07 4.34
CA ILE A 28 5.20 6.17 2.99
C ILE A 28 6.72 6.29 3.13
N VAL A 29 7.45 5.48 2.41
CA VAL A 29 8.94 5.54 2.49
C VAL A 29 9.54 5.40 1.09
N GLU A 30 10.51 6.20 0.77
CA GLU A 30 11.14 6.11 -0.58
C GLU A 30 12.64 5.81 -0.43
N MET A 31 13.01 4.56 -0.48
CA MET A 31 14.45 4.21 -0.34
C MET A 31 15.15 4.38 -1.69
N LYS A 32 16.42 4.65 -1.68
CA LYS A 32 17.15 4.83 -2.97
C LYS A 32 17.86 3.51 -3.34
N LYS A 33 19.10 3.37 -2.97
CA LYS A 33 19.83 2.12 -3.30
C LYS A 33 19.90 1.23 -2.05
N GLY A 34 18.77 0.76 -1.60
CA GLY A 34 18.76 -0.11 -0.39
C GLY A 34 19.11 0.73 0.84
N ASN A 35 18.64 1.94 0.88
CA ASN A 35 18.93 2.82 2.05
C ASN A 35 17.77 3.80 2.26
N ILE A 36 17.09 3.70 3.37
CA ILE A 36 15.95 4.62 3.63
C ILE A 36 16.47 6.06 3.72
N GLU A 37 15.95 6.93 2.91
CA GLU A 37 16.40 8.36 2.95
C GLU A 37 15.18 9.27 3.00
N SER A 38 14.04 8.73 3.33
CA SER A 38 12.81 9.57 3.39
C SER A 38 11.66 8.73 3.94
N SER A 39 11.34 8.90 5.20
CA SER A 39 10.22 8.10 5.79
C SER A 39 9.18 9.05 6.39
N GLU A 40 8.11 9.26 5.69
CA GLU A 40 7.04 10.16 6.21
C GLU A 40 5.83 9.34 6.63
N VAL A 41 5.02 9.85 7.52
CA VAL A 41 3.83 9.10 7.98
C VAL A 41 2.58 9.96 7.79
N ILE A 42 1.56 9.44 7.17
CA ILE A 42 0.32 10.24 6.97
C ILE A 42 -0.81 9.68 7.82
N GLU A 43 -1.64 10.54 8.36
CA GLU A 43 -2.77 10.06 9.21
C GLU A 43 -4.08 10.27 8.47
N ASN A 44 -4.90 9.26 8.37
CA ASN A 44 -6.20 9.41 7.66
C ASN A 44 -7.35 9.22 8.65
N PRO A 45 -7.67 10.28 9.36
CA PRO A 45 -8.75 10.28 10.35
C PRO A 45 -10.11 10.38 9.66
N SER A 46 -10.14 10.91 8.47
CA SER A 46 -11.44 11.05 7.75
C SER A 46 -11.50 10.04 6.60
N ALA A 47 -10.67 9.02 6.65
CA ALA A 47 -10.69 8.01 5.55
C ALA A 47 -12.13 7.59 5.27
N SER A 48 -12.76 6.92 6.21
CA SER A 48 -14.16 6.47 6.01
C SER A 48 -15.02 6.91 7.20
N ALA A 49 -14.66 6.49 8.38
CA ALA A 49 -15.46 6.88 9.58
C ALA A 49 -16.91 6.45 9.39
N SER A 50 -17.13 5.28 8.87
CA SER A 50 -18.53 4.80 8.67
C SER A 50 -18.59 3.29 8.90
N GLY A 51 -17.77 2.53 8.21
CA GLY A 51 -17.78 1.06 8.40
C GLY A 51 -17.88 0.37 7.03
N GLY A 52 -16.81 0.34 6.30
CA GLY A 52 -16.84 -0.31 4.95
C GLY A 52 -16.12 0.57 3.94
N ALA A 53 -16.71 1.67 3.57
CA ALA A 53 -16.05 2.58 2.59
C ALA A 53 -14.71 3.03 3.14
N GLY A 54 -13.95 3.78 2.37
CA GLY A 54 -12.64 4.25 2.86
C GLY A 54 -11.54 3.90 1.84
N ILE A 55 -11.82 2.95 0.97
CA ILE A 55 -10.80 2.57 -0.04
C ILE A 55 -10.75 3.62 -1.15
N ARG A 56 -11.56 4.64 -1.05
CA ARG A 56 -11.55 5.70 -2.09
C ARG A 56 -10.31 6.58 -1.93
N THR A 57 -9.59 6.42 -0.86
CA THR A 57 -8.38 7.25 -0.66
C THR A 57 -7.24 6.71 -1.53
N ALA A 58 -7.35 5.49 -1.98
CA ALA A 58 -6.27 4.92 -2.84
C ALA A 58 -6.05 5.82 -4.06
N GLN A 59 -7.11 6.35 -4.61
CA GLN A 59 -6.96 7.22 -5.81
C GLN A 59 -6.01 8.38 -5.48
N ILE A 60 -6.10 8.92 -4.30
CA ILE A 60 -5.21 10.06 -3.93
C ILE A 60 -3.80 9.52 -3.64
N ILE A 61 -3.70 8.35 -3.07
CA ILE A 61 -2.35 7.80 -2.76
C ILE A 61 -1.57 7.59 -4.07
N ALA A 62 -2.27 7.35 -5.15
CA ALA A 62 -1.57 7.13 -6.45
C ALA A 62 -1.00 8.46 -6.95
N ASN A 63 -1.68 9.54 -6.71
CA ASN A 63 -1.18 10.87 -7.17
C ASN A 63 -0.05 11.34 -6.26
N ASN A 64 0.28 10.57 -5.26
CA ASN A 64 1.38 10.99 -4.32
C ASN A 64 2.70 10.37 -4.79
N GLY A 65 2.71 9.76 -5.94
CA GLY A 65 3.97 9.13 -6.44
C GLY A 65 4.08 7.70 -5.90
N VAL A 66 3.25 7.35 -4.96
CA VAL A 66 3.31 5.97 -4.40
C VAL A 66 3.11 4.95 -5.52
N LYS A 67 4.18 4.51 -6.11
CA LYS A 67 4.06 3.50 -7.21
C LYS A 67 3.86 2.12 -6.59
N ALA A 68 3.97 2.02 -5.28
CA ALA A 68 3.76 0.70 -4.62
C ALA A 68 2.84 0.88 -3.41
N VAL A 69 1.92 -0.02 -3.22
CA VAL A 69 0.98 0.11 -2.07
C VAL A 69 0.86 -1.25 -1.36
N ILE A 70 1.35 -1.35 -0.16
CA ILE A 70 1.25 -2.63 0.58
C ILE A 70 0.03 -2.59 1.50
N ALA A 71 -0.93 -3.45 1.27
CA ALA A 71 -2.15 -3.46 2.13
C ALA A 71 -2.71 -4.88 2.24
N SER A 72 -3.70 -5.06 3.06
CA SER A 72 -4.30 -6.42 3.21
C SER A 72 -5.81 -6.32 3.01
N SER A 73 -6.26 -5.53 2.09
CA SER A 73 -7.72 -5.40 1.84
C SER A 73 -8.33 -6.80 1.70
N PRO A 74 -9.51 -6.96 2.24
CA PRO A 74 -10.24 -8.25 2.18
C PRO A 74 -10.90 -8.42 0.81
N GLY A 75 -11.82 -7.56 0.47
CA GLY A 75 -12.51 -7.69 -0.85
C GLY A 75 -11.55 -7.25 -1.97
N PRO A 76 -11.81 -7.74 -3.15
CA PRO A 76 -11.01 -7.42 -4.34
C PRO A 76 -11.38 -6.05 -4.90
N ASN A 77 -12.25 -5.35 -4.23
CA ASN A 77 -12.66 -4.00 -4.72
C ASN A 77 -11.44 -3.07 -4.75
N ALA A 78 -10.79 -2.91 -3.63
CA ALA A 78 -9.60 -2.01 -3.59
C ALA A 78 -8.56 -2.50 -4.61
N PHE A 79 -8.17 -3.75 -4.53
CA PHE A 79 -7.17 -4.27 -5.49
C PHE A 79 -7.66 -4.04 -6.92
N GLU A 80 -8.94 -3.88 -7.11
CA GLU A 80 -9.48 -3.66 -8.48
C GLU A 80 -9.16 -2.22 -8.92
N VAL A 81 -9.22 -1.28 -8.01
CA VAL A 81 -8.92 0.13 -8.38
C VAL A 81 -7.42 0.28 -8.61
N LEU A 82 -6.63 -0.15 -7.67
CA LEU A 82 -5.14 -0.04 -7.83
C LEU A 82 -4.73 -0.57 -9.20
N ASN A 83 -5.16 -1.75 -9.53
CA ASN A 83 -4.80 -2.34 -10.86
C ASN A 83 -5.43 -1.48 -11.98
N GLU A 84 -6.58 -0.94 -11.72
CA GLU A 84 -7.25 -0.10 -12.77
C GLU A 84 -6.34 1.06 -13.16
N LEU A 85 -5.60 1.59 -12.21
CA LEU A 85 -4.69 2.72 -12.54
C LEU A 85 -3.38 2.18 -13.13
N GLY A 86 -2.92 1.06 -12.63
CA GLY A 86 -1.66 0.47 -13.15
C GLY A 86 -0.55 0.59 -12.10
N ILE A 87 -0.93 0.73 -10.86
CA ILE A 87 0.11 0.85 -9.80
C ILE A 87 0.50 -0.55 -9.29
N LYS A 88 1.63 -0.67 -8.66
CA LYS A 88 2.07 -2.00 -8.16
C LYS A 88 1.47 -2.24 -6.77
N ILE A 89 0.59 -3.20 -6.65
CA ILE A 89 -0.02 -3.49 -5.32
C ILE A 89 0.86 -4.52 -4.59
N TYR A 90 0.71 -4.63 -3.30
CA TYR A 90 1.55 -5.61 -2.55
C TYR A 90 0.69 -6.30 -1.49
N ARG A 91 0.84 -7.59 -1.34
CA ARG A 91 0.05 -8.33 -0.32
C ARG A 91 0.78 -8.31 1.02
N ALA A 92 0.16 -7.75 2.03
CA ALA A 92 0.82 -7.70 3.36
C ALA A 92 0.28 -8.83 4.23
N THR A 93 1.09 -9.83 4.48
CA THR A 93 0.63 -10.97 5.32
C THR A 93 0.10 -10.43 6.65
N GLY A 94 0.83 -9.56 7.28
CA GLY A 94 0.37 -9.00 8.59
C GLY A 94 1.46 -9.22 9.65
N THR A 95 2.43 -8.34 9.70
CA THR A 95 3.51 -8.49 10.71
C THR A 95 3.83 -7.13 11.33
N SER A 96 4.79 -6.43 10.79
CA SER A 96 5.14 -5.10 11.34
C SER A 96 5.75 -4.23 10.24
N VAL A 97 5.27 -3.02 10.09
CA VAL A 97 5.81 -2.13 9.02
C VAL A 97 7.34 -2.07 9.13
N GLU A 98 7.88 -2.39 10.27
CA GLU A 98 9.36 -2.34 10.44
C GLU A 98 10.00 -3.43 9.56
N GLU A 99 9.63 -4.66 9.75
CA GLU A 99 10.22 -5.75 8.93
C GLU A 99 9.78 -5.59 7.48
N ASN A 100 8.63 -5.02 7.25
CA ASN A 100 8.15 -4.83 5.85
C ASN A 100 9.14 -3.93 5.10
N LEU A 101 9.54 -2.85 5.70
CA LEU A 101 10.50 -1.95 5.01
C LEU A 101 11.77 -2.72 4.67
N LYS A 102 12.18 -3.61 5.53
CA LYS A 102 13.41 -4.40 5.26
C LYS A 102 13.11 -5.44 4.18
N LEU A 103 11.86 -5.79 4.01
CA LEU A 103 11.50 -6.80 2.98
C LEU A 103 11.54 -6.15 1.60
N PHE A 104 11.11 -4.92 1.50
CA PHE A 104 11.13 -4.22 0.18
C PHE A 104 12.58 -3.92 -0.23
N THR A 105 13.51 -4.18 0.65
CA THR A 105 14.94 -3.91 0.31
C THR A 105 15.44 -4.96 -0.69
N GLU A 106 15.05 -6.18 -0.52
CA GLU A 106 15.50 -7.25 -1.45
C GLU A 106 14.46 -7.44 -2.57
N GLY A 107 13.21 -7.42 -2.22
CA GLY A 107 12.15 -7.60 -3.26
C GLY A 107 11.46 -8.95 -3.06
N ASN A 108 11.48 -9.46 -1.87
CA ASN A 108 10.83 -10.78 -1.61
C ASN A 108 9.32 -10.58 -1.47
N LEU A 109 8.90 -9.39 -1.15
CA LEU A 109 7.44 -9.13 -1.00
C LEU A 109 6.73 -9.45 -2.32
N GLU A 110 5.53 -9.96 -2.24
CA GLU A 110 4.78 -10.29 -3.49
C GLU A 110 3.88 -9.12 -3.87
N GLU A 111 3.70 -8.87 -5.14
CA GLU A 111 2.83 -7.74 -5.56
C GLU A 111 1.97 -8.15 -6.75
N ILE A 112 1.17 -7.25 -7.25
CA ILE A 112 0.30 -7.58 -8.42
C ILE A 112 0.30 -6.41 -9.40
N ARG A 113 0.46 -6.68 -10.67
CA ARG A 113 0.47 -5.57 -11.67
C ARG A 113 -0.46 -5.92 -12.82
N SER A 114 -0.62 -5.04 -13.76
CA SER A 114 -1.52 -5.30 -14.92
C SER A 114 -1.41 -4.17 -15.92
N PRO A 115 -1.66 -4.48 -17.16
CA PRO A 115 -1.59 -3.50 -18.26
C PRO A 115 -2.86 -2.62 -18.27
N GLY A 116 -3.89 -3.07 -17.61
CA GLY A 116 -5.15 -2.26 -17.58
C GLY A 116 -6.35 -3.19 -17.81
N SER A 117 -7.24 -3.26 -16.86
CA SER A 117 -8.44 -4.14 -17.03
C SER A 117 -9.59 -3.61 -16.18
N GLY A 118 -10.72 -3.37 -16.78
CA GLY A 118 -11.88 -2.85 -16.00
C GLY A 118 -13.17 -3.04 -16.80
N ARG A 119 -13.75 -4.21 -16.73
CA ARG A 119 -15.01 -4.46 -17.50
C ARG A 119 -16.21 -4.34 -16.54
N GLY A 120 -17.25 -3.68 -16.96
CA GLY A 120 -18.45 -3.54 -16.08
C GLY A 120 -19.63 -3.02 -16.89
N ARG A 121 -20.71 -3.74 -16.93
CA ARG A 121 -21.91 -3.29 -17.69
C ARG A 121 -23.13 -3.31 -16.78
N ARG A 122 -24.28 -2.99 -17.31
CA ARG A 122 -25.51 -2.99 -16.47
C ARG A 122 -26.68 -3.58 -17.27
N ARG A 123 -26.40 -4.20 -18.38
CA ARG A 123 -27.51 -4.80 -19.19
C ARG A 123 -26.94 -5.85 -20.14
N ARG A 124 -27.73 -6.35 -21.04
CA ARG A 124 -27.24 -7.38 -21.99
C ARG A 124 -28.42 -7.99 -22.75
N MET A 1 8.93 5.45 -7.75
CA MET A 1 9.13 4.12 -7.09
C MET A 1 9.10 4.30 -5.57
N LYS A 2 7.98 4.73 -5.04
CA LYS A 2 7.90 4.93 -3.56
C LYS A 2 7.12 3.76 -2.94
N ILE A 3 7.46 3.38 -1.75
CA ILE A 3 6.74 2.24 -1.11
C ILE A 3 5.95 2.74 0.11
N ALA A 4 4.72 2.37 0.20
CA ALA A 4 3.89 2.81 1.36
C ALA A 4 3.28 1.59 2.04
N ILE A 5 3.11 1.62 3.33
CA ILE A 5 2.53 0.44 4.03
C ILE A 5 1.43 0.90 4.98
N ALA A 6 0.27 0.32 4.87
CA ALA A 6 -0.85 0.71 5.77
C ALA A 6 -0.48 0.39 7.22
N SER A 7 -0.96 1.16 8.16
CA SER A 7 -0.63 0.90 9.58
C SER A 7 -1.84 1.22 10.46
N SER A 8 -1.84 0.77 11.69
CA SER A 8 -2.99 1.05 12.58
C SER A 8 -2.63 2.18 13.55
N GLY A 9 -1.40 2.61 13.53
CA GLY A 9 -0.98 3.71 14.45
C GLY A 9 0.12 4.55 13.79
N THR A 10 1.05 5.05 14.55
CA THR A 10 2.14 5.87 13.96
C THR A 10 3.48 5.45 14.55
N ASP A 11 3.53 4.28 15.14
CA ASP A 11 4.82 3.81 15.75
C ASP A 11 4.97 2.31 15.50
N LEU A 12 6.00 1.71 16.06
CA LEU A 12 6.21 0.25 15.85
C LEU A 12 5.08 -0.53 16.52
N GLY A 13 4.41 0.06 17.47
CA GLY A 13 3.29 -0.65 18.16
C GLY A 13 2.27 -1.12 17.13
N SER A 14 1.85 -0.25 16.25
CA SER A 14 0.86 -0.65 15.21
C SER A 14 1.57 -1.44 14.12
N GLU A 15 1.75 -2.72 14.32
CA GLU A 15 2.44 -3.54 13.29
C GLU A 15 1.88 -3.24 11.90
N VAL A 16 0.97 -4.05 11.41
CA VAL A 16 0.40 -3.79 10.06
C VAL A 16 -1.13 -3.66 10.16
N SER A 17 -1.61 -3.13 11.24
CA SER A 17 -3.08 -2.98 11.39
C SER A 17 -3.78 -4.26 10.94
N ARG A 18 -5.06 -4.19 10.68
CA ARG A 18 -5.80 -5.41 10.21
C ARG A 18 -6.79 -5.02 9.12
N PHE A 19 -6.68 -3.83 8.61
CA PHE A 19 -7.62 -3.39 7.54
C PHE A 19 -6.87 -2.53 6.51
N PHE A 20 -7.59 -1.84 5.67
CA PHE A 20 -6.92 -0.99 4.65
C PHE A 20 -7.58 0.40 4.63
N GLY A 21 -8.84 0.45 4.31
CA GLY A 21 -9.55 1.76 4.27
C GLY A 21 -9.92 2.18 5.69
N ARG A 22 -9.55 1.40 6.67
CA ARG A 22 -9.90 1.75 8.08
C ARG A 22 -8.65 2.30 8.78
N ALA A 23 -7.64 1.48 8.95
CA ALA A 23 -6.40 1.95 9.63
C ALA A 23 -6.02 3.33 9.09
N PRO A 24 -6.27 4.36 9.88
CA PRO A 24 -5.97 5.75 9.50
C PRO A 24 -4.48 6.05 9.72
N TYR A 25 -3.62 5.37 9.03
CA TYR A 25 -2.16 5.63 9.20
C TYR A 25 -1.40 5.08 7.99
N PHE A 26 -1.54 5.70 6.85
CA PHE A 26 -0.84 5.20 5.63
C PHE A 26 0.62 5.69 5.67
N MET A 27 1.54 4.79 5.88
CA MET A 27 2.97 5.19 5.93
C MET A 27 3.52 5.36 4.51
N ILE A 28 4.34 6.34 4.29
CA ILE A 28 4.91 6.56 2.94
C ILE A 28 6.44 6.58 3.03
N VAL A 29 7.11 5.97 2.09
CA VAL A 29 8.60 5.97 2.13
C VAL A 29 9.15 6.15 0.70
N GLU A 30 10.25 6.84 0.56
CA GLU A 30 10.83 7.04 -0.79
C GLU A 30 12.28 6.58 -0.81
N MET A 31 12.56 5.47 -1.44
CA MET A 31 13.96 4.97 -1.49
C MET A 31 14.73 5.71 -2.58
N LYS A 32 16.02 5.88 -2.41
CA LYS A 32 16.82 6.60 -3.43
C LYS A 32 17.69 5.60 -4.20
N LYS A 33 18.43 4.79 -3.50
CA LYS A 33 19.30 3.78 -4.19
C LYS A 33 19.58 2.61 -3.24
N GLY A 34 18.56 2.02 -2.69
CA GLY A 34 18.77 0.88 -1.77
C GLY A 34 19.06 1.40 -0.36
N ASN A 35 18.64 2.61 -0.07
CA ASN A 35 18.89 3.17 1.28
C ASN A 35 17.75 4.13 1.65
N ILE A 36 16.77 3.64 2.35
CA ILE A 36 15.63 4.53 2.75
C ILE A 36 16.18 5.86 3.26
N GLU A 37 15.92 6.93 2.56
CA GLU A 37 16.42 8.26 3.00
C GLU A 37 15.24 9.15 3.39
N SER A 38 14.07 8.60 3.46
CA SER A 38 12.88 9.40 3.83
C SER A 38 11.73 8.47 4.23
N SER A 39 11.34 8.50 5.49
CA SER A 39 10.23 7.61 5.94
C SER A 39 9.28 8.42 6.82
N GLU A 40 8.13 8.77 6.29
CA GLU A 40 7.15 9.56 7.09
C GLU A 40 5.83 8.77 7.19
N VAL A 41 4.82 9.35 7.77
CA VAL A 41 3.53 8.64 7.89
C VAL A 41 2.38 9.55 7.42
N ILE A 42 1.23 9.01 7.21
CA ILE A 42 0.07 9.84 6.76
C ILE A 42 -1.14 9.55 7.66
N GLU A 43 -1.40 10.38 8.62
CA GLU A 43 -2.57 10.16 9.51
C GLU A 43 -3.85 10.58 8.79
N ASN A 44 -4.81 9.70 8.71
CA ASN A 44 -6.08 10.05 8.02
C ASN A 44 -7.28 9.78 8.94
N PRO A 45 -7.51 10.71 9.84
CA PRO A 45 -8.62 10.60 10.81
C PRO A 45 -9.95 10.96 10.14
N SER A 46 -10.60 10.00 9.54
CA SER A 46 -11.90 10.29 8.87
C SER A 46 -12.50 8.99 8.34
N ALA A 47 -11.77 8.27 7.52
CA ALA A 47 -12.30 7.00 6.96
C ALA A 47 -12.86 6.14 8.11
N SER A 48 -12.22 6.15 9.24
CA SER A 48 -12.71 5.34 10.39
C SER A 48 -13.18 6.27 11.50
N ALA A 49 -13.97 7.27 11.18
CA ALA A 49 -14.45 8.21 12.22
C ALA A 49 -15.85 8.71 11.85
N SER A 50 -16.04 9.11 10.62
CA SER A 50 -17.38 9.61 10.19
C SER A 50 -17.74 9.01 8.84
N GLY A 51 -17.18 7.88 8.51
CA GLY A 51 -17.48 7.24 7.19
C GLY A 51 -16.73 7.97 6.08
N GLY A 52 -15.60 8.54 6.39
CA GLY A 52 -14.82 9.27 5.35
C GLY A 52 -14.49 8.32 4.20
N ALA A 53 -13.68 8.75 3.28
CA ALA A 53 -13.32 7.88 2.13
C ALA A 53 -11.97 7.22 2.40
N GLY A 54 -11.95 5.91 2.50
CA GLY A 54 -10.66 5.21 2.77
C GLY A 54 -10.26 4.40 1.52
N ILE A 55 -11.22 3.79 0.87
CA ILE A 55 -10.88 2.98 -0.34
C ILE A 55 -10.64 3.92 -1.52
N ARG A 56 -11.26 5.07 -1.52
CA ARG A 56 -11.07 6.03 -2.64
C ARG A 56 -9.71 6.72 -2.49
N THR A 57 -9.29 6.98 -1.28
CA THR A 57 -7.99 7.65 -1.07
C THR A 57 -6.91 6.97 -1.90
N ALA A 58 -7.10 5.72 -2.25
CA ALA A 58 -6.08 5.01 -3.05
C ALA A 58 -5.60 5.89 -4.20
N GLN A 59 -6.50 6.49 -4.92
CA GLN A 59 -6.10 7.37 -6.05
C GLN A 59 -5.10 8.42 -5.58
N ILE A 60 -5.39 9.08 -4.49
CA ILE A 60 -4.45 10.12 -3.98
C ILE A 60 -3.10 9.50 -3.64
N ILE A 61 -3.10 8.30 -3.13
CA ILE A 61 -1.82 7.64 -2.76
C ILE A 61 -0.97 7.43 -4.02
N ALA A 62 -1.57 7.03 -5.10
CA ALA A 62 -0.79 6.81 -6.35
C ALA A 62 -0.33 8.15 -6.93
N ASN A 63 -1.07 9.20 -6.68
CA ASN A 63 -0.68 10.53 -7.23
C ASN A 63 0.46 11.12 -6.38
N ASN A 64 0.95 10.38 -5.42
CA ASN A 64 2.04 10.91 -4.57
C ASN A 64 3.36 10.23 -4.93
N GLY A 65 3.35 9.37 -5.91
CA GLY A 65 4.60 8.67 -6.31
C GLY A 65 4.63 7.27 -5.70
N VAL A 66 3.75 7.00 -4.78
CA VAL A 66 3.73 5.66 -4.14
C VAL A 66 3.43 4.59 -5.20
N LYS A 67 4.45 4.08 -5.84
CA LYS A 67 4.24 3.03 -6.87
C LYS A 67 4.04 1.69 -6.17
N ALA A 68 4.14 1.66 -4.87
CA ALA A 68 3.96 0.38 -4.12
C ALA A 68 2.92 0.58 -3.02
N VAL A 69 1.92 -0.24 -2.97
CA VAL A 69 0.88 -0.08 -1.91
C VAL A 69 0.72 -1.39 -1.12
N ILE A 70 1.11 -1.39 0.11
CA ILE A 70 0.98 -2.63 0.94
C ILE A 70 -0.29 -2.53 1.79
N ALA A 71 -1.18 -3.49 1.69
CA ALA A 71 -2.42 -3.44 2.50
C ALA A 71 -3.02 -4.84 2.61
N SER A 72 -4.05 -4.99 3.41
CA SER A 72 -4.67 -6.33 3.59
C SER A 72 -6.19 -6.21 3.40
N SER A 73 -6.62 -5.57 2.35
CA SER A 73 -8.08 -5.42 2.13
C SER A 73 -8.73 -6.80 1.98
N PRO A 74 -10.02 -6.85 2.18
CA PRO A 74 -10.79 -8.11 2.09
C PRO A 74 -11.03 -8.47 0.62
N GLY A 75 -12.12 -8.01 0.06
CA GLY A 75 -12.40 -8.32 -1.37
C GLY A 75 -11.33 -7.69 -2.26
N PRO A 76 -11.24 -8.15 -3.48
CA PRO A 76 -10.26 -7.64 -4.46
C PRO A 76 -10.74 -6.33 -5.10
N ASN A 77 -11.54 -5.57 -4.40
CA ASN A 77 -12.02 -4.28 -4.99
C ASN A 77 -10.90 -3.24 -4.93
N ALA A 78 -10.43 -2.93 -3.75
CA ALA A 78 -9.33 -1.93 -3.64
C ALA A 78 -8.15 -2.35 -4.50
N PHE A 79 -7.80 -3.62 -4.47
CA PHE A 79 -6.65 -4.10 -5.29
C PHE A 79 -6.95 -3.84 -6.76
N GLU A 80 -8.10 -4.22 -7.23
CA GLU A 80 -8.45 -3.99 -8.66
C GLU A 80 -8.44 -2.49 -8.95
N VAL A 81 -8.57 -1.69 -7.94
CA VAL A 81 -8.57 -0.21 -8.16
C VAL A 81 -7.14 0.25 -8.47
N LEU A 82 -6.24 0.09 -7.55
CA LEU A 82 -4.83 0.52 -7.79
C LEU A 82 -4.30 -0.20 -9.04
N ASN A 83 -4.82 -1.37 -9.33
CA ASN A 83 -4.34 -2.11 -10.53
C ASN A 83 -4.63 -1.29 -11.78
N GLU A 84 -5.85 -0.85 -11.95
CA GLU A 84 -6.19 -0.05 -13.15
C GLU A 84 -5.66 1.37 -12.98
N LEU A 85 -5.26 1.73 -11.79
CA LEU A 85 -4.73 3.10 -11.56
C LEU A 85 -3.30 3.20 -12.11
N GLY A 86 -2.62 2.09 -12.21
CA GLY A 86 -1.23 2.12 -12.73
C GLY A 86 -0.24 2.04 -11.57
N ILE A 87 -0.52 1.20 -10.60
CA ILE A 87 0.41 1.07 -9.43
C ILE A 87 0.56 -0.40 -9.07
N LYS A 88 1.58 -0.73 -8.33
CA LYS A 88 1.80 -2.15 -7.95
C LYS A 88 1.13 -2.42 -6.59
N ILE A 89 0.37 -3.48 -6.49
CA ILE A 89 -0.31 -3.79 -5.21
C ILE A 89 0.58 -4.74 -4.37
N TYR A 90 0.39 -4.76 -3.09
CA TYR A 90 1.22 -5.65 -2.23
C TYR A 90 0.35 -6.23 -1.11
N ARG A 91 0.58 -7.46 -0.75
CA ARG A 91 -0.24 -8.08 0.34
C ARG A 91 0.56 -8.04 1.65
N ALA A 92 0.00 -7.48 2.69
CA ALA A 92 0.73 -7.43 3.98
C ALA A 92 0.54 -8.75 4.74
N THR A 93 1.59 -9.49 4.91
CA THR A 93 1.46 -10.79 5.62
C THR A 93 2.73 -11.04 6.46
N GLY A 94 3.55 -10.04 6.62
CA GLY A 94 4.80 -10.23 7.42
C GLY A 94 4.47 -10.18 8.91
N THR A 95 5.06 -9.28 9.63
CA THR A 95 4.78 -9.18 11.09
C THR A 95 4.45 -7.73 11.45
N SER A 96 5.30 -6.82 11.11
CA SER A 96 5.04 -5.39 11.43
C SER A 96 5.45 -4.52 10.25
N VAL A 97 4.72 -3.46 9.98
CA VAL A 97 5.09 -2.58 8.84
C VAL A 97 6.60 -2.33 8.85
N GLU A 98 7.21 -2.40 10.00
CA GLU A 98 8.67 -2.17 10.08
C GLU A 98 9.40 -3.26 9.29
N GLU A 99 9.09 -4.51 9.57
CA GLU A 99 9.76 -5.61 8.83
C GLU A 99 9.38 -5.53 7.35
N ASN A 100 8.15 -5.18 7.07
CA ASN A 100 7.71 -5.07 5.65
C ASN A 100 8.51 -3.97 4.95
N LEU A 101 8.91 -2.96 5.68
CA LEU A 101 9.70 -1.86 5.06
C LEU A 101 10.94 -2.44 4.39
N LYS A 102 11.74 -3.16 5.13
CA LYS A 102 12.97 -3.75 4.53
C LYS A 102 12.58 -4.99 3.70
N LEU A 103 11.38 -5.47 3.86
CA LEU A 103 10.94 -6.66 3.09
C LEU A 103 10.60 -6.25 1.65
N PHE A 104 10.28 -5.00 1.45
CA PHE A 104 9.95 -4.54 0.07
C PHE A 104 11.23 -4.41 -0.74
N THR A 105 12.34 -4.23 -0.08
CA THR A 105 13.64 -4.11 -0.81
C THR A 105 14.07 -5.48 -1.32
N GLU A 106 13.77 -6.51 -0.57
CA GLU A 106 14.16 -7.88 -1.01
C GLU A 106 13.03 -8.50 -1.84
N GLY A 107 11.96 -7.78 -2.02
CA GLY A 107 10.82 -8.33 -2.82
C GLY A 107 10.39 -9.67 -2.23
N ASN A 108 10.40 -9.80 -0.92
CA ASN A 108 10.00 -11.08 -0.30
C ASN A 108 8.47 -11.13 -0.19
N LEU A 109 7.82 -9.99 -0.19
CA LEU A 109 6.33 -9.99 -0.08
C LEU A 109 5.73 -10.20 -1.47
N GLU A 110 4.49 -10.57 -1.54
CA GLU A 110 3.84 -10.80 -2.86
C GLU A 110 3.26 -9.50 -3.39
N GLU A 111 3.26 -9.32 -4.68
CA GLU A 111 2.70 -8.07 -5.26
C GLU A 111 1.84 -8.43 -6.48
N ILE A 112 1.26 -7.45 -7.12
CA ILE A 112 0.41 -7.75 -8.31
C ILE A 112 0.47 -6.57 -9.30
N ARG A 113 0.78 -6.84 -10.54
CA ARG A 113 0.85 -5.75 -11.54
C ARG A 113 -0.17 -6.01 -12.65
N SER A 114 0.07 -7.01 -13.46
CA SER A 114 -0.89 -7.31 -14.56
C SER A 114 -0.56 -8.70 -15.14
N PRO A 115 -0.82 -9.72 -14.35
CA PRO A 115 -0.57 -11.11 -14.75
C PRO A 115 -1.69 -11.62 -15.68
N GLY A 116 -2.55 -10.76 -16.13
CA GLY A 116 -3.64 -11.21 -17.02
C GLY A 116 -4.73 -10.13 -17.10
N SER A 117 -5.52 -10.14 -18.13
CA SER A 117 -6.60 -9.11 -18.26
C SER A 117 -7.39 -9.04 -16.95
N GLY A 118 -8.03 -10.12 -16.57
CA GLY A 118 -8.81 -10.11 -15.31
C GLY A 118 -10.19 -10.72 -15.56
N ARG A 119 -11.23 -9.95 -15.37
CA ARG A 119 -12.60 -10.48 -15.60
C ARG A 119 -12.63 -11.28 -16.91
N GLY A 120 -13.42 -12.32 -16.96
CA GLY A 120 -13.50 -13.14 -18.20
C GLY A 120 -14.87 -13.81 -18.29
N ARG A 121 -15.00 -14.81 -19.12
CA ARG A 121 -16.30 -15.50 -19.25
C ARG A 121 -16.11 -17.01 -19.08
N ARG A 122 -16.70 -17.59 -18.08
CA ARG A 122 -16.55 -19.06 -17.87
C ARG A 122 -17.64 -19.55 -16.92
N ARG A 123 -17.47 -20.72 -16.37
CA ARG A 123 -18.50 -21.26 -15.44
C ARG A 123 -17.83 -21.92 -14.24
N ARG A 124 -18.35 -21.72 -13.07
CA ARG A 124 -17.74 -22.34 -11.85
C ARG A 124 -18.85 -22.83 -10.92
N MET A 1 9.49 5.65 -7.23
CA MET A 1 9.97 4.60 -6.29
C MET A 1 9.59 4.98 -4.85
N LYS A 2 8.43 4.58 -4.41
CA LYS A 2 7.99 4.92 -3.03
C LYS A 2 7.13 3.77 -2.48
N ILE A 3 7.47 3.27 -1.32
CA ILE A 3 6.69 2.15 -0.74
C ILE A 3 5.93 2.63 0.50
N ALA A 4 4.63 2.61 0.46
CA ALA A 4 3.85 3.08 1.64
C ALA A 4 3.19 1.87 2.32
N ILE A 5 3.05 1.90 3.61
CA ILE A 5 2.42 0.75 4.33
C ILE A 5 1.11 1.20 4.96
N ALA A 6 0.01 0.58 4.59
CA ALA A 6 -1.29 0.98 5.17
C ALA A 6 -1.17 1.09 6.69
N SER A 7 -1.86 2.02 7.29
CA SER A 7 -1.77 2.18 8.76
C SER A 7 -0.30 2.24 9.18
N SER A 8 0.28 1.12 9.54
CA SER A 8 1.71 1.11 9.95
C SER A 8 1.85 1.89 11.27
N GLY A 9 0.77 2.25 11.89
CA GLY A 9 0.84 2.99 13.18
C GLY A 9 1.90 4.09 13.06
N THR A 10 2.82 4.14 13.99
CA THR A 10 3.88 5.18 13.93
C THR A 10 5.25 4.51 13.73
N ASP A 11 5.33 3.22 13.90
CA ASP A 11 6.62 2.53 13.72
C ASP A 11 6.42 1.01 13.77
N LEU A 12 6.13 0.47 14.92
CA LEU A 12 5.93 -1.00 15.03
C LEU A 12 4.53 -1.30 15.58
N GLY A 13 3.94 -0.37 16.27
CA GLY A 13 2.59 -0.60 16.85
C GLY A 13 1.71 -1.31 15.81
N SER A 14 1.77 -0.91 14.58
CA SER A 14 0.94 -1.57 13.53
C SER A 14 1.57 -2.90 13.14
N GLU A 15 1.29 -3.94 13.86
CA GLU A 15 1.86 -5.27 13.53
C GLU A 15 1.28 -5.77 12.21
N VAL A 16 1.85 -5.36 11.12
CA VAL A 16 1.33 -5.80 9.79
C VAL A 16 -0.01 -5.11 9.53
N SER A 17 -0.19 -3.93 10.04
CA SER A 17 -1.48 -3.20 9.82
C SER A 17 -2.62 -4.01 10.44
N ARG A 18 -3.83 -3.73 10.03
CA ARG A 18 -4.99 -4.47 10.59
C ARG A 18 -6.13 -4.46 9.58
N PHE A 19 -6.41 -3.31 9.02
CA PHE A 19 -7.51 -3.22 8.00
C PHE A 19 -7.13 -2.19 6.95
N PHE A 20 -7.55 -2.38 5.73
CA PHE A 20 -7.20 -1.41 4.65
C PHE A 20 -8.48 -0.79 4.09
N GLY A 21 -8.47 0.50 3.85
CA GLY A 21 -9.69 1.15 3.30
C GLY A 21 -9.88 2.51 3.98
N ARG A 22 -10.03 2.53 5.27
CA ARG A 22 -10.22 3.83 5.98
C ARG A 22 -9.05 4.08 6.93
N ALA A 23 -7.99 3.33 6.79
CA ALA A 23 -6.82 3.53 7.70
C ALA A 23 -6.34 4.99 7.62
N PRO A 24 -6.55 5.72 8.68
CA PRO A 24 -6.14 7.14 8.77
C PRO A 24 -4.66 7.25 9.12
N TYR A 25 -3.83 6.42 8.54
CA TYR A 25 -2.37 6.47 8.85
C TYR A 25 -1.58 5.83 7.72
N PHE A 26 -1.55 6.44 6.58
CA PHE A 26 -0.80 5.85 5.43
C PHE A 26 0.69 6.19 5.55
N MET A 27 1.51 5.20 5.79
CA MET A 27 2.96 5.46 5.93
C MET A 27 3.62 5.47 4.55
N ILE A 28 4.60 6.30 4.34
CA ILE A 28 5.25 6.36 3.01
C ILE A 28 6.76 6.51 3.19
N VAL A 29 7.54 5.65 2.60
CA VAL A 29 9.02 5.74 2.73
C VAL A 29 9.65 5.82 1.35
N GLU A 30 10.51 6.79 1.14
CA GLU A 30 11.17 6.93 -0.19
C GLU A 30 12.57 6.32 -0.12
N MET A 31 13.20 6.11 -1.25
CA MET A 31 14.56 5.53 -1.24
C MET A 31 15.47 6.34 -2.17
N LYS A 32 16.69 6.57 -1.76
CA LYS A 32 17.63 7.35 -2.62
C LYS A 32 18.55 6.40 -3.37
N LYS A 33 19.12 5.45 -2.68
CA LYS A 33 20.03 4.48 -3.35
C LYS A 33 19.96 3.13 -2.63
N GLY A 34 18.83 2.48 -2.69
CA GLY A 34 18.69 1.17 -2.01
C GLY A 34 18.86 1.36 -0.49
N ASN A 35 18.84 2.59 -0.04
CA ASN A 35 19.00 2.85 1.42
C ASN A 35 17.89 3.78 1.89
N ILE A 36 16.81 3.24 2.40
CA ILE A 36 15.70 4.11 2.88
C ILE A 36 16.27 5.28 3.68
N GLU A 37 15.90 6.48 3.32
CA GLU A 37 16.42 7.67 4.06
C GLU A 37 15.28 8.67 4.29
N SER A 38 14.06 8.22 4.11
CA SER A 38 12.90 9.14 4.31
C SER A 38 11.66 8.32 4.67
N SER A 39 11.13 8.53 5.85
CA SER A 39 9.93 7.75 6.26
C SER A 39 9.00 8.65 7.08
N GLU A 40 7.85 8.96 6.55
CA GLU A 40 6.90 9.84 7.31
C GLU A 40 5.55 9.13 7.43
N VAL A 41 4.66 9.68 8.20
CA VAL A 41 3.32 9.03 8.35
C VAL A 41 2.23 10.10 8.16
N ILE A 42 1.42 9.95 7.14
CA ILE A 42 0.35 10.95 6.90
C ILE A 42 -1.01 10.35 7.30
N GLU A 43 -1.94 11.18 7.68
CA GLU A 43 -3.27 10.65 8.09
C GLU A 43 -4.30 10.92 6.98
N ASN A 44 -5.22 10.03 6.78
CA ASN A 44 -6.24 10.24 5.71
C ASN A 44 -6.96 11.57 5.94
N PRO A 45 -7.42 12.16 4.86
CA PRO A 45 -8.14 13.45 4.91
C PRO A 45 -9.58 13.22 5.36
N SER A 46 -10.32 12.43 4.63
CA SER A 46 -11.74 12.17 5.02
C SER A 46 -11.99 10.66 4.96
N ALA A 47 -11.46 9.92 5.89
CA ALA A 47 -11.67 8.44 5.88
C ALA A 47 -13.16 8.12 6.04
N SER A 48 -13.92 9.06 6.53
CA SER A 48 -15.38 8.80 6.71
C SER A 48 -16.18 10.03 6.30
N ALA A 49 -16.35 10.97 7.18
CA ALA A 49 -17.13 12.19 6.83
C ALA A 49 -18.49 11.79 6.27
N SER A 50 -19.20 12.71 5.66
CA SER A 50 -20.53 12.36 5.11
C SER A 50 -20.36 11.73 3.72
N GLY A 51 -20.66 10.46 3.59
CA GLY A 51 -20.51 9.79 2.27
C GLY A 51 -20.15 8.32 2.48
N GLY A 52 -19.07 8.05 3.16
CA GLY A 52 -18.67 6.63 3.40
C GLY A 52 -17.76 6.16 2.26
N ALA A 53 -16.52 5.86 2.56
CA ALA A 53 -15.59 5.39 1.49
C ALA A 53 -14.38 4.71 2.13
N GLY A 54 -13.34 4.51 1.38
CA GLY A 54 -12.12 3.86 1.94
C GLY A 54 -11.21 3.41 0.80
N ILE A 55 -11.72 2.64 -0.12
CA ILE A 55 -10.88 2.18 -1.26
C ILE A 55 -10.53 3.37 -2.16
N ARG A 56 -11.18 4.48 -1.95
CA ARG A 56 -10.89 5.67 -2.79
C ARG A 56 -9.58 6.32 -2.34
N THR A 57 -9.11 5.97 -1.18
CA THR A 57 -7.82 6.56 -0.69
C THR A 57 -6.69 6.14 -1.62
N ALA A 58 -6.84 5.02 -2.28
CA ALA A 58 -5.78 4.54 -3.20
C ALA A 58 -5.45 5.64 -4.22
N GLN A 59 -6.43 6.39 -4.64
CA GLN A 59 -6.17 7.47 -5.63
C GLN A 59 -5.47 8.64 -4.93
N ILE A 60 -5.78 8.86 -3.68
CA ILE A 60 -5.13 9.99 -2.94
C ILE A 60 -3.63 9.70 -2.79
N ILE A 61 -3.27 8.48 -2.51
CA ILE A 61 -1.83 8.16 -2.36
C ILE A 61 -1.17 8.07 -3.74
N ALA A 62 -1.92 7.69 -4.74
CA ALA A 62 -1.33 7.58 -6.11
C ALA A 62 -0.85 8.96 -6.57
N ASN A 63 -1.57 10.00 -6.27
CA ASN A 63 -1.16 11.36 -6.70
C ASN A 63 0.10 11.78 -5.92
N ASN A 64 0.44 11.06 -4.88
CA ASN A 64 1.64 11.44 -4.09
C ASN A 64 2.88 10.73 -4.68
N GLY A 65 2.68 9.85 -5.62
CA GLY A 65 3.84 9.14 -6.23
C GLY A 65 3.96 7.74 -5.62
N VAL A 66 3.25 7.48 -4.56
CA VAL A 66 3.32 6.14 -3.91
C VAL A 66 3.09 5.06 -4.96
N LYS A 67 4.13 4.60 -5.61
CA LYS A 67 3.96 3.54 -6.63
C LYS A 67 3.85 2.18 -5.95
N ALA A 68 4.03 2.15 -4.65
CA ALA A 68 3.94 0.85 -3.92
C ALA A 68 2.91 0.96 -2.79
N VAL A 69 2.06 -0.01 -2.65
CA VAL A 69 1.04 0.05 -1.56
C VAL A 69 0.91 -1.32 -0.89
N ILE A 70 1.32 -1.41 0.34
CA ILE A 70 1.21 -2.72 1.07
C ILE A 70 -0.09 -2.73 1.88
N ALA A 71 -1.06 -3.47 1.43
CA ALA A 71 -2.35 -3.51 2.18
C ALA A 71 -2.85 -4.96 2.28
N SER A 72 -3.90 -5.18 3.01
CA SER A 72 -4.44 -6.56 3.16
C SER A 72 -5.96 -6.53 3.06
N SER A 73 -6.50 -5.74 2.17
CA SER A 73 -7.98 -5.67 2.03
C SER A 73 -8.56 -7.08 2.02
N PRO A 74 -9.75 -7.21 2.57
CA PRO A 74 -10.45 -8.50 2.65
C PRO A 74 -11.07 -8.86 1.29
N GLY A 75 -11.23 -7.89 0.43
CA GLY A 75 -11.83 -8.17 -0.90
C GLY A 75 -10.91 -7.64 -2.01
N PRO A 76 -11.15 -8.09 -3.21
CA PRO A 76 -10.36 -7.68 -4.39
C PRO A 76 -10.77 -6.28 -4.85
N ASN A 77 -11.65 -5.64 -4.12
CA ASN A 77 -12.09 -4.28 -4.53
C ASN A 77 -10.90 -3.33 -4.50
N ALA A 78 -10.08 -3.41 -3.49
CA ALA A 78 -8.89 -2.51 -3.40
C ALA A 78 -7.94 -2.80 -4.57
N PHE A 79 -7.50 -4.02 -4.69
CA PHE A 79 -6.56 -4.37 -5.79
C PHE A 79 -7.23 -4.08 -7.13
N GLU A 80 -8.54 -4.00 -7.17
CA GLU A 80 -9.24 -3.70 -8.45
C GLU A 80 -8.82 -2.32 -8.95
N VAL A 81 -9.05 -1.30 -8.17
CA VAL A 81 -8.66 0.07 -8.62
C VAL A 81 -7.15 0.11 -8.81
N LEU A 82 -6.40 -0.42 -7.89
CA LEU A 82 -4.92 -0.42 -8.02
C LEU A 82 -4.53 -0.93 -9.41
N ASN A 83 -5.24 -1.92 -9.90
CA ASN A 83 -4.92 -2.46 -11.25
C ASN A 83 -5.15 -1.38 -12.30
N GLU A 84 -6.23 -0.66 -12.19
CA GLU A 84 -6.52 0.41 -13.19
C GLU A 84 -5.53 1.55 -13.00
N LEU A 85 -4.84 1.58 -11.89
CA LEU A 85 -3.86 2.68 -11.65
C LEU A 85 -2.46 2.20 -12.05
N GLY A 86 -2.32 0.94 -12.35
CA GLY A 86 -0.98 0.42 -12.75
C GLY A 86 0.00 0.56 -11.58
N ILE A 87 -0.49 0.45 -10.37
CA ILE A 87 0.41 0.58 -9.19
C ILE A 87 0.84 -0.81 -8.73
N LYS A 88 1.78 -0.87 -7.80
CA LYS A 88 2.25 -2.19 -7.31
C LYS A 88 1.43 -2.61 -6.10
N ILE A 89 0.71 -3.69 -6.18
CA ILE A 89 -0.10 -4.17 -5.04
C ILE A 89 0.70 -5.19 -4.22
N TYR A 90 0.80 -4.99 -2.94
CA TYR A 90 1.57 -5.95 -2.09
C TYR A 90 0.66 -6.48 -0.99
N ARG A 91 0.81 -7.72 -0.63
CA ARG A 91 -0.05 -8.30 0.45
C ARG A 91 0.64 -8.13 1.81
N ALA A 92 -0.08 -7.64 2.79
CA ALA A 92 0.54 -7.45 4.13
C ALA A 92 0.33 -8.71 4.97
N THR A 93 1.29 -9.60 4.97
CA THR A 93 1.14 -10.85 5.76
C THR A 93 2.44 -11.13 6.53
N GLY A 94 3.24 -10.12 6.77
CA GLY A 94 4.51 -10.33 7.50
C GLY A 94 4.27 -10.25 9.01
N THR A 95 5.10 -9.54 9.71
CA THR A 95 4.91 -9.43 11.19
C THR A 95 5.11 -7.97 11.61
N SER A 96 6.06 -7.30 11.02
CA SER A 96 6.31 -5.88 11.40
C SER A 96 6.25 -5.00 10.13
N VAL A 97 5.62 -3.87 10.22
CA VAL A 97 5.53 -2.97 9.03
C VAL A 97 6.93 -2.67 8.52
N GLU A 98 7.89 -2.55 9.40
CA GLU A 98 9.28 -2.26 8.96
C GLU A 98 9.84 -3.49 8.22
N GLU A 99 9.76 -4.64 8.84
CA GLU A 99 10.29 -5.86 8.18
C GLU A 99 9.68 -5.98 6.77
N ASN A 100 8.47 -5.51 6.60
CA ASN A 100 7.83 -5.59 5.26
C ASN A 100 8.49 -4.57 4.33
N LEU A 101 8.63 -3.36 4.76
CA LEU A 101 9.26 -2.32 3.90
C LEU A 101 10.60 -2.84 3.37
N LYS A 102 11.44 -3.34 4.23
CA LYS A 102 12.75 -3.86 3.78
C LYS A 102 12.53 -5.11 2.91
N LEU A 103 11.55 -5.90 3.23
CA LEU A 103 11.28 -7.12 2.43
C LEU A 103 10.70 -6.72 1.06
N PHE A 104 10.32 -5.48 0.91
CA PHE A 104 9.76 -5.02 -0.38
C PHE A 104 10.88 -4.84 -1.40
N THR A 105 12.01 -4.34 -0.97
CA THR A 105 13.15 -4.14 -1.91
C THR A 105 13.75 -5.50 -2.29
N GLU A 106 13.40 -6.53 -1.56
CA GLU A 106 13.95 -7.87 -1.89
C GLU A 106 12.95 -8.65 -2.75
N GLY A 107 11.72 -8.21 -2.78
CA GLY A 107 10.70 -8.92 -3.59
C GLY A 107 10.32 -10.23 -2.90
N ASN A 108 10.39 -10.27 -1.60
CA ASN A 108 10.03 -11.51 -0.86
C ASN A 108 8.51 -11.61 -0.73
N LEU A 109 7.86 -10.53 -0.40
CA LEU A 109 6.38 -10.57 -0.26
C LEU A 109 5.75 -9.53 -1.19
N GLU A 110 4.59 -9.81 -1.71
CA GLU A 110 3.93 -8.83 -2.63
C GLU A 110 2.50 -9.31 -2.93
N GLU A 111 1.95 -8.87 -4.04
CA GLU A 111 0.57 -9.30 -4.39
C GLU A 111 0.45 -9.41 -5.91
N ILE A 112 0.12 -8.33 -6.53
CA ILE A 112 -0.03 -8.32 -8.01
C ILE A 112 0.75 -7.14 -8.60
N ARG A 113 1.22 -7.27 -9.81
CA ARG A 113 1.98 -6.15 -10.43
C ARG A 113 1.27 -5.71 -11.72
N SER A 114 1.15 -6.58 -12.68
CA SER A 114 0.48 -6.21 -13.94
C SER A 114 0.47 -7.41 -14.90
N PRO A 115 -0.21 -8.44 -14.50
CA PRO A 115 -0.32 -9.68 -15.30
C PRO A 115 -1.35 -9.50 -16.42
N GLY A 116 -1.53 -10.49 -17.24
CA GLY A 116 -2.51 -10.37 -18.35
C GLY A 116 -1.95 -9.43 -19.43
N SER A 117 -0.79 -9.73 -19.94
CA SER A 117 -0.19 -8.86 -20.99
C SER A 117 -1.27 -8.48 -22.01
N GLY A 118 -1.82 -7.31 -21.89
CA GLY A 118 -2.88 -6.88 -22.84
C GLY A 118 -2.28 -5.91 -23.87
N ARG A 119 -1.49 -6.41 -24.78
CA ARG A 119 -0.88 -5.52 -25.81
C ARG A 119 -0.74 -6.28 -27.12
N GLY A 120 -0.26 -7.50 -27.08
CA GLY A 120 -0.10 -8.28 -28.34
C GLY A 120 1.35 -8.18 -28.82
N ARG A 121 2.05 -9.28 -28.85
CA ARG A 121 3.46 -9.26 -29.30
C ARG A 121 3.62 -10.12 -30.56
N ARG A 122 3.51 -11.40 -30.41
CA ARG A 122 3.66 -12.29 -31.60
C ARG A 122 2.39 -13.15 -31.75
N ARG A 123 1.44 -12.97 -30.89
CA ARG A 123 0.18 -13.77 -30.99
C ARG A 123 -0.88 -12.98 -31.77
N ARG A 124 -0.81 -13.01 -33.06
CA ARG A 124 -1.82 -12.27 -33.87
C ARG A 124 -2.40 -13.19 -34.95
N MET A 1 8.93 6.47 -7.56
CA MET A 1 9.19 5.12 -6.98
C MET A 1 9.22 5.22 -5.46
N LYS A 2 8.09 5.07 -4.81
CA LYS A 2 8.07 5.16 -3.32
C LYS A 2 7.31 3.97 -2.75
N ILE A 3 7.57 3.62 -1.52
CA ILE A 3 6.85 2.47 -0.91
C ILE A 3 6.02 2.96 0.28
N ALA A 4 4.72 2.99 0.13
CA ALA A 4 3.85 3.45 1.23
C ALA A 4 3.32 2.23 1.99
N ILE A 5 2.68 2.44 3.10
CA ILE A 5 2.15 1.29 3.88
C ILE A 5 0.86 1.69 4.62
N ALA A 6 -0.23 1.04 4.33
CA ALA A 6 -1.50 1.39 5.02
C ALA A 6 -1.60 0.59 6.31
N SER A 7 -2.14 1.17 7.35
CA SER A 7 -2.25 0.44 8.65
C SER A 7 -0.84 0.10 9.14
N SER A 8 -0.19 1.04 9.77
CA SER A 8 1.18 0.78 10.29
C SER A 8 1.31 1.35 11.70
N GLY A 9 0.71 2.48 11.95
CA GLY A 9 0.80 3.08 13.31
C GLY A 9 1.90 4.16 13.33
N THR A 10 2.22 4.67 14.47
CA THR A 10 3.28 5.71 14.56
C THR A 10 4.65 5.04 14.67
N ASP A 11 4.70 3.75 14.47
CA ASP A 11 6.01 3.04 14.57
C ASP A 11 5.84 1.60 14.07
N LEU A 12 6.86 0.79 14.19
CA LEU A 12 6.75 -0.62 13.73
C LEU A 12 5.93 -1.42 14.74
N GLY A 13 5.82 -0.95 15.95
CA GLY A 13 5.03 -1.69 16.97
C GLY A 13 3.69 -2.12 16.38
N SER A 14 3.02 -1.23 15.68
CA SER A 14 1.71 -1.60 15.08
C SER A 14 1.94 -2.46 13.84
N GLU A 15 2.17 -3.74 14.02
CA GLU A 15 2.40 -4.63 12.86
C GLU A 15 1.08 -4.87 12.13
N VAL A 16 0.70 -3.96 11.27
CA VAL A 16 -0.59 -4.12 10.52
C VAL A 16 -1.76 -3.75 11.43
N SER A 17 -1.99 -2.49 11.63
CA SER A 17 -3.12 -2.06 12.51
C SER A 17 -4.36 -2.92 12.20
N ARG A 18 -5.00 -2.67 11.09
CA ARG A 18 -6.21 -3.46 10.74
C ARG A 18 -6.20 -3.75 9.24
N PHE A 19 -6.64 -2.82 8.44
CA PHE A 19 -6.67 -3.05 6.96
C PHE A 19 -6.39 -1.73 6.24
N PHE A 20 -7.01 -1.51 5.12
CA PHE A 20 -6.77 -0.24 4.37
C PHE A 20 -8.10 0.49 4.19
N GLY A 21 -9.03 0.30 5.09
CA GLY A 21 -10.35 1.00 4.97
C GLY A 21 -10.23 2.40 5.55
N ARG A 22 -10.19 2.51 6.86
CA ARG A 22 -10.07 3.85 7.49
C ARG A 22 -8.84 3.88 8.40
N ALA A 23 -7.84 3.10 8.07
CA ALA A 23 -6.61 3.08 8.90
C ALA A 23 -6.11 4.52 9.10
N PRO A 24 -6.26 5.02 10.30
CA PRO A 24 -5.83 6.39 10.65
C PRO A 24 -4.32 6.46 10.89
N TYR A 25 -3.55 5.75 10.11
CA TYR A 25 -2.06 5.78 10.32
C TYR A 25 -1.38 5.41 9.00
N PHE A 26 -1.49 6.25 8.01
CA PHE A 26 -0.86 5.97 6.69
C PHE A 26 0.62 6.36 6.75
N MET A 27 1.50 5.42 6.53
CA MET A 27 2.95 5.74 6.56
C MET A 27 3.50 5.82 5.14
N ILE A 28 4.61 6.46 4.95
CA ILE A 28 5.19 6.57 3.58
C ILE A 28 6.73 6.63 3.67
N VAL A 29 7.41 5.85 2.87
CA VAL A 29 8.89 5.86 2.92
C VAL A 29 9.45 5.70 1.50
N GLU A 30 10.29 6.62 1.07
CA GLU A 30 10.86 6.51 -0.29
C GLU A 30 12.27 5.92 -0.20
N MET A 31 12.86 5.60 -1.33
CA MET A 31 14.23 5.01 -1.30
C MET A 31 15.06 5.61 -2.44
N LYS A 32 16.30 5.92 -2.19
CA LYS A 32 17.16 6.50 -3.25
C LYS A 32 17.97 5.39 -3.92
N LYS A 33 18.59 4.55 -3.14
CA LYS A 33 19.40 3.44 -3.73
C LYS A 33 19.46 2.27 -2.75
N GLY A 34 18.37 1.97 -2.12
CA GLY A 34 18.36 0.84 -1.14
C GLY A 34 18.43 1.39 0.29
N ASN A 35 18.65 2.67 0.43
CA ASN A 35 18.72 3.27 1.79
C ASN A 35 17.58 4.28 1.96
N ILE A 36 16.50 3.86 2.56
CA ILE A 36 15.36 4.79 2.77
C ILE A 36 15.87 6.13 3.33
N GLU A 37 15.76 7.18 2.56
CA GLU A 37 16.25 8.51 3.05
C GLU A 37 15.06 9.42 3.31
N SER A 38 13.89 8.87 3.47
CA SER A 38 12.69 9.70 3.73
C SER A 38 11.55 8.82 4.26
N SER A 39 11.07 9.11 5.43
CA SER A 39 9.98 8.29 6.01
C SER A 39 9.10 9.16 6.92
N GLU A 40 7.91 9.47 6.47
CA GLU A 40 7.01 10.32 7.31
C GLU A 40 5.76 9.52 7.67
N VAL A 41 5.10 9.88 8.74
CA VAL A 41 3.87 9.15 9.15
C VAL A 41 2.72 10.14 9.32
N ILE A 42 1.55 9.80 8.87
CA ILE A 42 0.38 10.72 9.00
C ILE A 42 -0.85 9.94 9.48
N GLU A 43 -1.69 10.56 10.26
CA GLU A 43 -2.90 9.86 10.76
C GLU A 43 -4.09 10.25 9.88
N ASN A 44 -3.98 10.05 8.59
CA ASN A 44 -5.10 10.42 7.68
C ASN A 44 -5.56 11.85 7.99
N PRO A 45 -4.94 12.80 7.32
CA PRO A 45 -5.25 14.22 7.49
C PRO A 45 -6.54 14.58 6.75
N SER A 46 -7.05 13.68 5.96
CA SER A 46 -8.30 13.96 5.20
C SER A 46 -9.11 12.67 5.05
N ALA A 47 -9.17 11.87 6.09
CA ALA A 47 -9.94 10.61 6.01
C ALA A 47 -11.35 10.89 5.47
N SER A 48 -11.94 11.98 5.88
CA SER A 48 -13.30 12.31 5.39
C SER A 48 -13.25 13.56 4.51
N ALA A 49 -12.97 13.40 3.25
CA ALA A 49 -12.90 14.57 2.35
C ALA A 49 -13.39 14.18 0.95
N SER A 50 -13.80 15.12 0.16
CA SER A 50 -14.29 14.80 -1.21
C SER A 50 -13.19 14.08 -1.99
N GLY A 51 -13.49 13.64 -3.18
CA GLY A 51 -12.46 12.93 -3.99
C GLY A 51 -11.79 11.86 -3.13
N GLY A 52 -12.52 11.21 -2.27
CA GLY A 52 -11.92 10.16 -1.41
C GLY A 52 -13.02 9.45 -0.62
N ALA A 53 -12.91 8.16 -0.47
CA ALA A 53 -13.96 7.41 0.29
C ALA A 53 -13.33 6.18 0.94
N GLY A 54 -12.08 6.27 1.32
CA GLY A 54 -11.41 5.10 1.96
C GLY A 54 -10.68 4.29 0.90
N ILE A 55 -11.33 3.31 0.33
CA ILE A 55 -10.66 2.48 -0.72
C ILE A 55 -10.36 3.35 -1.94
N ARG A 56 -11.19 4.30 -2.23
CA ARG A 56 -10.95 5.17 -3.41
C ARG A 56 -9.76 6.10 -3.14
N THR A 57 -9.37 6.23 -1.90
CA THR A 57 -8.22 7.12 -1.58
C THR A 57 -6.93 6.55 -2.17
N ALA A 58 -6.93 5.29 -2.51
CA ALA A 58 -5.70 4.67 -3.09
C ALA A 58 -5.32 5.41 -4.38
N GLN A 59 -6.28 5.95 -5.07
CA GLN A 59 -5.98 6.67 -6.34
C GLN A 59 -5.06 7.87 -6.05
N ILE A 60 -5.42 8.67 -5.09
CA ILE A 60 -4.58 9.86 -4.76
C ILE A 60 -3.22 9.41 -4.25
N ILE A 61 -3.18 8.45 -3.37
CA ILE A 61 -1.88 7.97 -2.83
C ILE A 61 -0.94 7.61 -3.99
N ALA A 62 -1.42 6.87 -4.95
CA ALA A 62 -0.54 6.49 -6.11
C ALA A 62 -0.17 7.73 -6.92
N ASN A 63 -1.10 8.64 -7.07
CA ASN A 63 -0.81 9.87 -7.87
C ASN A 63 0.25 10.71 -7.16
N ASN A 64 0.56 10.39 -5.93
CA ASN A 64 1.58 11.17 -5.18
C ASN A 64 2.97 10.58 -5.43
N GLY A 65 3.11 9.77 -6.45
CA GLY A 65 4.43 9.17 -6.75
C GLY A 65 4.51 7.78 -6.12
N VAL A 66 3.69 7.52 -5.13
CA VAL A 66 3.72 6.18 -4.46
C VAL A 66 3.49 5.09 -5.51
N LYS A 67 4.55 4.61 -6.12
CA LYS A 67 4.39 3.54 -7.13
C LYS A 67 4.24 2.20 -6.41
N ALA A 68 4.43 2.20 -5.11
CA ALA A 68 4.28 0.92 -4.35
C ALA A 68 3.34 1.16 -3.17
N VAL A 69 2.47 0.23 -2.90
CA VAL A 69 1.51 0.41 -1.76
C VAL A 69 1.32 -0.92 -1.02
N ILE A 70 1.60 -0.95 0.24
CA ILE A 70 1.43 -2.21 1.02
C ILE A 70 0.03 -2.20 1.66
N ALA A 71 -0.60 -3.35 1.75
CA ALA A 71 -1.96 -3.39 2.36
C ALA A 71 -2.44 -4.84 2.42
N SER A 72 -3.59 -5.06 3.01
CA SER A 72 -4.13 -6.44 3.11
C SER A 72 -5.66 -6.38 3.19
N SER A 73 -6.30 -5.95 2.14
CA SER A 73 -7.79 -5.86 2.17
C SER A 73 -8.38 -7.27 2.08
N PRO A 74 -9.62 -7.39 2.51
CA PRO A 74 -10.34 -8.67 2.50
C PRO A 74 -10.85 -9.01 1.09
N GLY A 75 -11.33 -8.02 0.38
CA GLY A 75 -11.85 -8.29 -0.99
C GLY A 75 -11.07 -7.46 -2.01
N PRO A 76 -11.42 -7.62 -3.27
CA PRO A 76 -10.77 -6.90 -4.38
C PRO A 76 -11.34 -5.48 -4.50
N ASN A 77 -11.58 -4.81 -3.41
CA ASN A 77 -12.13 -3.43 -3.48
C ASN A 77 -11.02 -2.46 -3.89
N ALA A 78 -10.05 -2.27 -3.05
CA ALA A 78 -8.93 -1.34 -3.40
C ALA A 78 -8.01 -2.02 -4.41
N PHE A 79 -7.98 -3.32 -4.42
CA PHE A 79 -7.11 -4.05 -5.38
C PHE A 79 -7.61 -3.80 -6.81
N GLU A 80 -8.85 -3.43 -6.95
CA GLU A 80 -9.40 -3.19 -8.31
C GLU A 80 -8.92 -1.83 -8.84
N VAL A 81 -9.00 -0.81 -8.02
CA VAL A 81 -8.55 0.54 -8.48
C VAL A 81 -7.03 0.55 -8.64
N LEU A 82 -6.32 -0.15 -7.80
CA LEU A 82 -4.84 -0.17 -7.91
C LEU A 82 -4.43 -1.04 -9.10
N ASN A 83 -4.83 -2.28 -9.12
CA ASN A 83 -4.45 -3.16 -10.26
C ASN A 83 -4.76 -2.46 -11.58
N GLU A 84 -5.84 -1.74 -11.64
CA GLU A 84 -6.20 -1.04 -12.91
C GLU A 84 -5.26 0.15 -13.11
N LEU A 85 -4.93 0.85 -12.05
CA LEU A 85 -4.02 2.02 -12.17
C LEU A 85 -2.65 1.55 -12.63
N GLY A 86 -2.40 0.27 -12.58
CA GLY A 86 -1.07 -0.26 -13.01
C GLY A 86 -0.03 0.06 -11.94
N ILE A 87 -0.44 0.18 -10.71
CA ILE A 87 0.52 0.49 -9.61
C ILE A 87 1.01 -0.82 -9.00
N LYS A 88 2.12 -0.78 -8.31
CA LYS A 88 2.65 -2.03 -7.68
C LYS A 88 1.94 -2.26 -6.34
N ILE A 89 1.04 -3.20 -6.28
CA ILE A 89 0.31 -3.47 -5.01
C ILE A 89 1.07 -4.52 -4.21
N TYR A 90 0.94 -4.50 -2.92
CA TYR A 90 1.65 -5.51 -2.08
C TYR A 90 0.71 -6.02 -0.99
N ARG A 91 0.76 -7.29 -0.68
CA ARG A 91 -0.13 -7.85 0.36
C ARG A 91 0.64 -7.95 1.68
N ALA A 92 -0.05 -7.82 2.78
CA ALA A 92 0.64 -7.91 4.10
C ALA A 92 0.28 -9.25 4.77
N THR A 93 1.21 -9.87 5.42
CA THR A 93 0.93 -11.17 6.10
C THR A 93 0.55 -10.91 7.55
N GLY A 94 0.84 -9.75 8.07
CA GLY A 94 0.48 -9.45 9.48
C GLY A 94 1.73 -9.59 10.36
N THR A 95 2.89 -9.65 9.76
CA THR A 95 4.13 -9.79 10.57
C THR A 95 4.55 -8.40 11.09
N SER A 96 4.72 -7.45 10.20
CA SER A 96 5.13 -6.09 10.65
C SER A 96 5.42 -5.22 9.43
N VAL A 97 4.86 -4.05 9.38
CA VAL A 97 5.10 -3.15 8.21
C VAL A 97 6.59 -2.75 8.19
N GLU A 98 7.24 -2.80 9.31
CA GLU A 98 8.68 -2.42 9.34
C GLU A 98 9.49 -3.44 8.53
N GLU A 99 9.44 -4.68 8.91
CA GLU A 99 10.20 -5.72 8.16
C GLU A 99 9.70 -5.77 6.72
N ASN A 100 8.45 -5.42 6.50
CA ASN A 100 7.91 -5.44 5.11
C ASN A 100 8.55 -4.32 4.29
N LEU A 101 8.91 -3.24 4.93
CA LEU A 101 9.55 -2.11 4.20
C LEU A 101 10.84 -2.59 3.54
N LYS A 102 11.77 -3.06 4.31
CA LYS A 102 13.05 -3.55 3.72
C LYS A 102 12.77 -4.78 2.85
N LEU A 103 11.76 -5.52 3.17
CA LEU A 103 11.43 -6.74 2.37
C LEU A 103 11.01 -6.32 0.96
N PHE A 104 10.41 -5.17 0.82
CA PHE A 104 9.97 -4.70 -0.52
C PHE A 104 11.19 -4.59 -1.44
N THR A 105 12.34 -4.27 -0.91
CA THR A 105 13.56 -4.15 -1.76
C THR A 105 13.95 -5.53 -2.30
N GLU A 106 13.85 -6.54 -1.49
CA GLU A 106 14.22 -7.91 -1.96
C GLU A 106 13.06 -8.50 -2.77
N GLY A 107 12.03 -7.73 -3.00
CA GLY A 107 10.87 -8.25 -3.78
C GLY A 107 10.50 -9.63 -3.27
N ASN A 108 10.74 -9.90 -2.02
CA ASN A 108 10.39 -11.25 -1.46
C ASN A 108 8.90 -11.29 -1.15
N LEU A 109 8.33 -10.19 -0.74
CA LEU A 109 6.87 -10.17 -0.42
C LEU A 109 6.07 -10.43 -1.70
N GLU A 110 4.77 -10.37 -1.62
CA GLU A 110 3.94 -10.62 -2.83
C GLU A 110 3.30 -9.31 -3.28
N GLU A 111 3.18 -9.11 -4.57
CA GLU A 111 2.56 -7.86 -5.08
C GLU A 111 1.60 -8.19 -6.22
N ILE A 112 1.06 -7.19 -6.87
CA ILE A 112 0.12 -7.45 -7.99
C ILE A 112 0.25 -6.33 -9.03
N ARG A 113 0.06 -6.66 -10.28
CA ARG A 113 0.16 -5.62 -11.35
C ARG A 113 -0.08 -6.25 -12.71
N SER A 114 0.80 -7.13 -13.13
CA SER A 114 0.61 -7.79 -14.45
C SER A 114 1.56 -9.00 -14.55
N PRO A 115 1.09 -10.11 -14.05
CA PRO A 115 1.87 -11.37 -14.05
C PRO A 115 1.80 -12.06 -15.41
N GLY A 116 1.33 -11.37 -16.42
CA GLY A 116 1.25 -12.00 -17.77
C GLY A 116 1.52 -10.95 -18.84
N SER A 117 1.85 -11.37 -20.04
CA SER A 117 2.13 -10.40 -21.12
C SER A 117 1.07 -10.54 -22.21
N GLY A 118 0.27 -11.57 -22.15
CA GLY A 118 -0.79 -11.77 -23.19
C GLY A 118 -1.83 -10.66 -23.07
N ARG A 119 -2.12 -10.23 -21.88
CA ARG A 119 -3.13 -9.15 -21.69
C ARG A 119 -2.85 -8.02 -22.70
N GLY A 120 -3.83 -7.20 -22.96
CA GLY A 120 -3.62 -6.08 -23.92
C GLY A 120 -4.97 -5.62 -24.47
N ARG A 121 -5.54 -4.59 -23.91
CA ARG A 121 -6.85 -4.11 -24.42
C ARG A 121 -7.30 -2.90 -23.59
N ARG A 122 -6.50 -1.86 -23.58
CA ARG A 122 -6.87 -0.65 -22.79
C ARG A 122 -8.12 -0.01 -23.39
N ARG A 123 -9.23 -0.09 -22.71
CA ARG A 123 -10.48 0.52 -23.24
C ARG A 123 -11.54 0.56 -22.14
N ARG A 124 -12.02 1.73 -21.81
CA ARG A 124 -13.06 1.84 -20.75
C ARG A 124 -14.15 0.78 -20.99
#